data_5MK1
#
_entry.id   5MK1
#
_cell.length_a   71.458
_cell.length_b   73.669
_cell.length_c   79.383
_cell.angle_alpha   114.43
_cell.angle_beta   90.28
_cell.angle_gamma   104.20
#
_symmetry.space_group_name_H-M   'P 1'
#
loop_
_entity.id
_entity.type
_entity.pdbx_description
1 polymer 'Tyrosine-protein phosphatase non-receptor type 23'
2 polymer 'Charged multivesicular body protein 4a'
3 water water
#
loop_
_entity_poly.entity_id
_entity_poly.type
_entity_poly.pdbx_seq_one_letter_code
_entity_poly.pdbx_strand_id
1 'polypeptide(L)'
;MEAVPRMPMIWLDLKEAGDFHFQPAVKKFVLKNYGENPEAYNEELKKLELLRQNAVRVPRDFEGCSVLRKYLGQLHYLQS
RVPMGSGQEAAVPVTWTEIFSGKSVAHEDIKYEQACILYNLGALHSMLGAMDKRVSEEGMKVSCTHFQCAAGAFAYLREH
FPQAYSVDMSRQILTLNVNLMLGQAQECLLEKSMLDNRKSFLVARISAQVVDYYKEACRALENPDTASLLGRIQKDWKKL
VQMKIYYFAAVAHLHMGKQAEEQQKFGERVAYFQSALDKLNEAIKLAKGQPDTVQDALRFTMDVIGGKYNSAKKDNDFIY
HEAVPALDTLQPVKGAPLVKPLPVNPTDPAVTGPDIFAKLV
;
A,B,C,D
2 'polypeptide(L)' PKVDEDEEALKQLAEWVS E,F,H,K
#
# COMPACT_ATOMS: atom_id res chain seq x y z
N VAL A 4 -10.54 9.21 21.24
CA VAL A 4 -10.22 7.82 21.51
C VAL A 4 -9.74 7.14 20.24
N PRO A 5 -8.67 6.35 20.33
CA PRO A 5 -8.28 5.53 19.18
C PRO A 5 -9.41 4.61 18.75
N ARG A 6 -9.45 4.31 17.46
CA ARG A 6 -10.55 3.59 16.86
C ARG A 6 -10.23 2.11 16.73
N MET A 7 -11.22 1.28 16.98
CA MET A 7 -11.07 -0.15 16.84
C MET A 7 -11.01 -0.54 15.37
N PRO A 8 -10.34 -1.64 15.04
CA PRO A 8 -10.43 -2.16 13.67
C PRO A 8 -11.80 -2.78 13.40
N MET A 9 -12.15 -2.83 12.11
CA MET A 9 -13.44 -3.33 11.67
C MET A 9 -13.28 -4.61 10.87
N ILE A 10 -14.32 -5.41 10.86
CA ILE A 10 -14.38 -6.63 10.06
C ILE A 10 -14.92 -6.29 8.67
N TRP A 11 -14.34 -6.93 7.65
CA TRP A 11 -14.82 -6.83 6.28
C TRP A 11 -14.97 -8.23 5.70
N LEU A 12 -15.77 -8.32 4.65
CA LEU A 12 -16.04 -9.59 3.98
C LEU A 12 -15.36 -9.62 2.62
N ASP A 13 -14.82 -10.77 2.23
CA ASP A 13 -14.20 -10.95 0.92
C ASP A 13 -15.27 -10.99 -0.15
N LEU A 14 -14.87 -10.70 -1.38
CA LEU A 14 -15.82 -10.80 -2.49
C LEU A 14 -15.77 -12.21 -3.06
N LYS A 15 -16.89 -12.63 -3.64
CA LYS A 15 -16.95 -13.93 -4.25
C LYS A 15 -16.31 -13.88 -5.64
N GLU A 16 -15.71 -14.99 -6.04
CA GLU A 16 -15.09 -15.15 -7.35
C GLU A 16 -16.11 -15.73 -8.34
N ALA A 17 -16.19 -15.14 -9.52
CA ALA A 17 -17.19 -15.51 -10.51
C ALA A 17 -16.62 -16.46 -11.56
N GLY A 18 -17.53 -17.26 -12.13
CA GLY A 18 -17.19 -18.13 -13.25
C GLY A 18 -17.87 -17.70 -14.53
N ASP A 19 -18.21 -18.65 -15.39
CA ASP A 19 -18.78 -18.33 -16.69
C ASP A 19 -20.29 -18.08 -16.59
N PHE A 20 -20.79 -17.26 -17.53
CA PHE A 20 -22.21 -16.93 -17.67
C PHE A 20 -22.44 -16.66 -19.16
N HIS A 21 -22.66 -17.73 -19.93
CA HIS A 21 -22.76 -17.64 -21.38
C HIS A 21 -24.20 -17.24 -21.75
N PHE A 22 -24.50 -15.95 -21.59
CA PHE A 22 -25.83 -15.46 -21.92
C PHE A 22 -25.98 -15.11 -23.39
N GLN A 23 -24.87 -14.95 -24.12
CA GLN A 23 -24.97 -14.49 -25.50
C GLN A 23 -25.69 -15.49 -26.39
N PRO A 24 -25.32 -16.79 -26.43
CA PRO A 24 -26.06 -17.71 -27.29
C PRO A 24 -27.53 -17.84 -26.93
N ALA A 25 -27.86 -17.83 -25.64
CA ALA A 25 -29.25 -17.98 -25.24
C ALA A 25 -30.10 -16.78 -25.63
N VAL A 26 -29.55 -15.56 -25.46
CA VAL A 26 -30.31 -14.36 -25.79
C VAL A 26 -30.54 -14.29 -27.29
N LYS A 27 -29.51 -14.59 -28.08
CA LYS A 27 -29.67 -14.58 -29.53
C LYS A 27 -30.67 -15.63 -30.00
N LYS A 28 -30.77 -16.74 -29.28
CA LYS A 28 -31.73 -17.78 -29.66
C LYS A 28 -33.15 -17.41 -29.29
N PHE A 29 -33.34 -16.60 -28.23
CA PHE A 29 -34.69 -16.25 -27.82
C PHE A 29 -35.28 -15.12 -28.64
N VAL A 30 -34.46 -14.16 -29.06
CA VAL A 30 -34.99 -13.08 -29.88
C VAL A 30 -35.42 -13.61 -31.26
N LEU A 31 -34.78 -14.68 -31.75
CA LEU A 31 -35.12 -15.21 -33.07
C LEU A 31 -36.48 -15.88 -33.08
N LYS A 32 -36.73 -16.75 -32.09
CA LYS A 32 -38.05 -17.38 -32.00
C LYS A 32 -39.13 -16.40 -31.62
N ASN A 33 -38.91 -15.75 -30.49
CA ASN A 33 -40.02 -15.19 -29.77
C ASN A 33 -40.27 -13.79 -30.25
N TYR A 34 -39.20 -12.99 -30.35
CA TYR A 34 -39.34 -11.64 -30.85
C TYR A 34 -39.31 -11.56 -32.37
N GLY A 35 -38.98 -12.64 -33.06
CA GLY A 35 -38.92 -12.60 -34.50
C GLY A 35 -37.85 -11.72 -35.15
N GLU A 36 -36.81 -11.31 -34.44
CA GLU A 36 -35.82 -10.51 -35.16
C GLU A 36 -34.52 -11.28 -35.35
N ASN A 37 -33.69 -10.61 -36.12
CA ASN A 37 -32.35 -11.01 -36.40
C ASN A 37 -31.54 -10.80 -35.13
N PRO A 38 -30.96 -11.86 -34.59
CA PRO A 38 -30.11 -11.75 -33.39
C PRO A 38 -28.90 -10.86 -33.57
N GLU A 39 -28.44 -10.63 -34.80
CA GLU A 39 -27.22 -9.86 -34.98
C GLU A 39 -27.46 -8.36 -35.01
N ALA A 40 -28.70 -7.92 -34.78
CA ALA A 40 -28.96 -6.52 -34.46
C ALA A 40 -28.68 -6.19 -32.99
N TYR A 41 -28.30 -7.18 -32.17
CA TYR A 41 -28.05 -6.96 -30.75
C TYR A 41 -26.61 -7.28 -30.38
N ASN A 42 -25.70 -7.31 -31.36
CA ASN A 42 -24.30 -7.59 -31.07
C ASN A 42 -23.70 -6.51 -30.20
N GLU A 43 -24.11 -5.26 -30.39
CA GLU A 43 -23.44 -4.15 -29.73
C GLU A 43 -23.91 -4.06 -28.28
N GLU A 44 -25.18 -4.48 -28.04
CA GLU A 44 -25.78 -4.51 -26.71
C GLU A 44 -25.37 -5.73 -25.91
N LEU A 45 -25.15 -6.88 -26.57
CA LEU A 45 -24.62 -8.00 -25.82
C LEU A 45 -23.17 -7.77 -25.44
N LYS A 46 -22.43 -7.06 -26.30
CA LYS A 46 -21.08 -6.69 -25.93
C LYS A 46 -21.11 -5.66 -24.80
N LYS A 47 -22.17 -4.82 -24.72
CA LYS A 47 -22.16 -3.81 -23.66
C LYS A 47 -22.26 -4.49 -22.31
N LEU A 48 -23.13 -5.51 -22.23
CA LEU A 48 -23.42 -6.14 -20.95
C LEU A 48 -22.31 -7.09 -20.53
N GLU A 49 -21.66 -7.75 -21.48
CA GLU A 49 -20.51 -8.58 -21.13
C GLU A 49 -19.36 -7.73 -20.59
N LEU A 50 -18.96 -6.69 -21.32
CA LEU A 50 -18.01 -5.72 -20.76
C LEU A 50 -18.45 -5.26 -19.37
N LEU A 51 -19.74 -4.96 -19.20
CA LEU A 51 -20.22 -4.57 -17.88
C LEU A 51 -19.97 -5.68 -16.85
N ARG A 52 -20.21 -6.94 -17.25
CA ARG A 52 -19.99 -8.05 -16.33
C ARG A 52 -18.52 -8.21 -16.00
N GLN A 53 -17.64 -8.23 -17.01
CA GLN A 53 -16.22 -8.40 -16.74
C GLN A 53 -15.68 -7.30 -15.84
N ASN A 54 -16.29 -6.11 -15.87
CA ASN A 54 -15.84 -5.07 -14.97
C ASN A 54 -16.52 -5.17 -13.60
N ALA A 55 -17.71 -5.76 -13.52
CA ALA A 55 -18.36 -5.93 -12.23
C ALA A 55 -17.71 -7.05 -11.41
N VAL A 56 -17.27 -8.12 -12.06
CA VAL A 56 -16.67 -9.25 -11.35
C VAL A 56 -15.17 -9.10 -11.16
N ARG A 57 -14.54 -8.14 -11.87
CA ARG A 57 -13.15 -7.78 -11.59
C ARG A 57 -13.14 -6.32 -11.15
N VAL A 58 -14.00 -6.01 -10.20
CA VAL A 58 -14.31 -4.65 -9.79
C VAL A 58 -13.17 -4.01 -9.01
N PRO A 59 -12.84 -2.74 -9.27
CA PRO A 59 -11.87 -2.03 -8.42
C PRO A 59 -12.44 -1.78 -7.03
N ARG A 60 -11.57 -1.89 -6.03
CA ARG A 60 -11.99 -1.85 -4.63
C ARG A 60 -12.09 -0.41 -4.13
N ASP A 61 -13.02 0.35 -4.72
CA ASP A 61 -13.21 1.74 -4.31
C ASP A 61 -14.68 2.09 -4.29
N PHE A 62 -14.93 3.36 -4.01
CA PHE A 62 -16.29 3.85 -4.13
C PHE A 62 -16.89 3.63 -5.53
N GLU A 63 -16.18 3.83 -6.68
CA GLU A 63 -17.16 3.63 -7.78
C GLU A 63 -17.31 2.16 -8.15
N GLY A 64 -16.54 1.22 -7.59
CA GLY A 64 -16.91 -0.13 -7.93
C GLY A 64 -18.32 -0.45 -7.50
N CYS A 65 -18.81 0.26 -6.48
CA CYS A 65 -20.18 0.05 -6.02
C CYS A 65 -21.19 0.47 -7.09
N SER A 66 -20.94 1.59 -7.77
CA SER A 66 -21.86 2.02 -8.82
C SER A 66 -21.78 1.11 -10.05
N VAL A 67 -20.63 0.45 -10.24
CA VAL A 67 -20.52 -0.55 -11.31
C VAL A 67 -21.33 -1.80 -10.95
N LEU A 68 -21.20 -2.28 -9.70
CA LEU A 68 -21.96 -3.45 -9.27
C LEU A 68 -23.46 -3.15 -9.28
N ARG A 69 -23.84 -1.94 -8.86
CA ARG A 69 -25.24 -1.56 -8.89
C ARG A 69 -25.77 -1.50 -10.31
N LYS A 70 -24.99 -0.91 -11.22
CA LYS A 70 -25.44 -0.81 -12.61
C LYS A 70 -25.65 -2.19 -13.22
N TYR A 71 -24.67 -3.09 -13.02
CA TYR A 71 -24.78 -4.44 -13.56
C TYR A 71 -25.96 -5.19 -12.94
N LEU A 72 -26.17 -5.01 -11.62
CA LEU A 72 -27.30 -5.67 -10.96
C LEU A 72 -28.63 -5.20 -11.54
N GLY A 73 -28.75 -3.90 -11.84
CA GLY A 73 -29.99 -3.39 -12.41
C GLY A 73 -30.19 -3.84 -13.85
N GLN A 74 -29.11 -3.90 -14.64
CA GLN A 74 -29.25 -4.34 -16.01
C GLN A 74 -29.61 -5.82 -16.09
N LEU A 75 -29.18 -6.61 -15.09
CA LEU A 75 -29.60 -8.00 -15.03
C LEU A 75 -31.09 -8.11 -14.82
N HIS A 76 -31.67 -7.21 -14.00
CA HIS A 76 -33.11 -7.18 -13.85
C HIS A 76 -33.78 -6.79 -15.16
N TYR A 77 -33.19 -5.84 -15.90
CA TYR A 77 -33.75 -5.48 -17.20
C TYR A 77 -33.74 -6.66 -18.16
N LEU A 78 -32.64 -7.42 -18.18
CA LEU A 78 -32.53 -8.51 -19.13
C LEU A 78 -33.52 -9.61 -18.79
N GLN A 79 -33.66 -9.93 -17.51
CA GLN A 79 -34.60 -10.97 -17.10
C GLN A 79 -36.04 -10.59 -17.41
N SER A 80 -36.35 -9.30 -17.43
CA SER A 80 -37.70 -8.87 -17.76
C SER A 80 -38.01 -9.05 -19.25
N ARG A 81 -36.97 -9.13 -20.09
CA ARG A 81 -37.13 -9.26 -21.54
C ARG A 81 -36.77 -10.64 -22.06
N VAL A 82 -35.89 -11.36 -21.38
CA VAL A 82 -35.50 -12.72 -21.76
C VAL A 82 -35.64 -13.60 -20.53
N PRO A 83 -36.49 -14.64 -20.56
CA PRO A 83 -36.66 -15.48 -19.37
C PRO A 83 -35.48 -16.42 -19.13
N MET A 84 -34.61 -16.06 -18.18
CA MET A 84 -33.43 -16.86 -17.86
C MET A 84 -33.42 -17.31 -16.40
N GLY A 85 -34.58 -17.34 -15.76
CA GLY A 85 -34.67 -17.81 -14.39
C GLY A 85 -34.73 -19.33 -14.30
N SER A 86 -34.94 -19.80 -13.09
CA SER A 86 -34.97 -21.23 -12.82
C SER A 86 -36.08 -21.91 -13.61
N GLY A 87 -35.68 -22.88 -14.44
CA GLY A 87 -36.64 -23.63 -15.24
C GLY A 87 -37.19 -22.88 -16.42
N GLN A 88 -36.68 -21.68 -16.69
CA GLN A 88 -37.22 -20.89 -17.78
C GLN A 88 -36.56 -21.26 -19.09
N GLU A 89 -37.15 -20.74 -20.16
CA GLU A 89 -36.81 -21.18 -21.50
C GLU A 89 -35.36 -20.90 -21.86
N ALA A 90 -34.86 -19.70 -21.51
CA ALA A 90 -33.56 -19.24 -21.99
C ALA A 90 -32.51 -19.23 -20.88
N ALA A 91 -32.67 -20.08 -19.87
CA ALA A 91 -31.74 -20.15 -18.76
C ALA A 91 -30.45 -20.87 -19.17
N VAL A 92 -29.33 -20.41 -18.64
CA VAL A 92 -28.02 -21.03 -18.88
C VAL A 92 -27.28 -21.13 -17.56
N PRO A 93 -26.26 -22.00 -17.48
CA PRO A 93 -25.50 -22.17 -16.23
C PRO A 93 -24.83 -20.87 -15.76
N VAL A 94 -24.93 -20.62 -14.47
CA VAL A 94 -24.25 -19.51 -13.79
C VAL A 94 -23.34 -20.12 -12.74
N THR A 95 -22.05 -19.79 -12.80
CA THR A 95 -21.05 -20.39 -11.92
C THR A 95 -20.37 -19.32 -11.08
N TRP A 96 -20.37 -19.52 -9.76
CA TRP A 96 -19.60 -18.70 -8.84
C TRP A 96 -18.91 -19.63 -7.85
N THR A 97 -17.90 -19.09 -7.18
CA THR A 97 -17.17 -19.85 -6.18
C THR A 97 -17.70 -19.50 -4.79
N GLU A 98 -18.01 -20.53 -4.00
CA GLU A 98 -18.47 -20.29 -2.64
C GLU A 98 -17.28 -19.90 -1.77
N ILE A 99 -17.48 -18.87 -0.94
CA ILE A 99 -16.33 -18.18 -0.33
C ILE A 99 -15.62 -19.08 0.68
N PHE A 100 -16.38 -19.86 1.46
CA PHE A 100 -15.76 -20.59 2.57
C PHE A 100 -15.15 -21.91 2.14
N SER A 101 -15.73 -22.58 1.14
CA SER A 101 -15.17 -23.81 0.61
C SER A 101 -14.16 -23.57 -0.50
N GLY A 102 -14.35 -22.52 -1.29
CA GLY A 102 -13.54 -22.33 -2.49
C GLY A 102 -13.96 -23.22 -3.64
N LYS A 103 -15.15 -23.80 -3.58
CA LYS A 103 -15.66 -24.71 -4.57
C LYS A 103 -16.58 -23.99 -5.54
N SER A 104 -16.63 -24.46 -6.78
CA SER A 104 -17.51 -23.88 -7.77
C SER A 104 -18.91 -24.48 -7.63
N VAL A 105 -19.93 -23.62 -7.69
CA VAL A 105 -21.33 -24.02 -7.60
C VAL A 105 -22.05 -23.40 -8.79
N ALA A 106 -22.78 -24.24 -9.53
CA ALA A 106 -23.45 -23.81 -10.76
C ALA A 106 -24.95 -23.91 -10.60
N HIS A 107 -25.66 -22.91 -11.12
CA HIS A 107 -27.12 -22.91 -11.20
C HIS A 107 -27.53 -22.31 -12.53
N GLU A 108 -28.53 -22.91 -13.16
CA GLU A 108 -29.07 -22.35 -14.40
C GLU A 108 -30.20 -21.38 -14.07
N ASP A 109 -29.78 -20.23 -13.52
CA ASP A 109 -30.72 -19.26 -12.98
C ASP A 109 -30.05 -17.90 -12.93
N ILE A 110 -30.62 -16.92 -13.63
CA ILE A 110 -30.01 -15.58 -13.65
C ILE A 110 -30.11 -14.92 -12.27
N LYS A 111 -31.07 -15.34 -11.45
CA LYS A 111 -31.18 -14.80 -10.09
C LYS A 111 -30.01 -15.24 -9.22
N TYR A 112 -29.34 -16.33 -9.58
CA TYR A 112 -28.09 -16.69 -8.92
C TYR A 112 -27.01 -15.66 -9.21
N GLU A 113 -26.94 -15.17 -10.45
CA GLU A 113 -25.98 -14.13 -10.78
C GLU A 113 -26.28 -12.85 -10.00
N GLN A 114 -27.56 -12.49 -9.90
CA GLN A 114 -27.93 -11.29 -9.14
C GLN A 114 -27.57 -11.45 -7.67
N ALA A 115 -27.80 -12.64 -7.11
CA ALA A 115 -27.49 -12.88 -5.71
C ALA A 115 -26.01 -12.64 -5.41
N CYS A 116 -25.13 -13.12 -6.29
CA CYS A 116 -23.70 -12.96 -6.03
C CYS A 116 -23.25 -11.53 -6.26
N ILE A 117 -23.80 -10.86 -7.27
CA ILE A 117 -23.48 -9.45 -7.48
C ILE A 117 -23.94 -8.64 -6.27
N LEU A 118 -25.14 -8.93 -5.76
CA LEU A 118 -25.63 -8.22 -4.59
C LEU A 118 -24.79 -8.55 -3.37
N TYR A 119 -24.39 -9.82 -3.21
CA TYR A 119 -23.47 -10.19 -2.14
C TYR A 119 -22.18 -9.40 -2.24
N ASN A 120 -21.61 -9.31 -3.45
CA ASN A 120 -20.36 -8.56 -3.61
C ASN A 120 -20.56 -7.06 -3.39
N LEU A 121 -21.76 -6.54 -3.62
CA LEU A 121 -22.02 -5.15 -3.31
C LEU A 121 -21.88 -4.89 -1.82
N GLY A 122 -22.49 -5.74 -0.99
CA GLY A 122 -22.36 -5.58 0.45
C GLY A 122 -20.96 -5.85 0.95
N ALA A 123 -20.27 -6.83 0.36
CA ALA A 123 -18.90 -7.13 0.78
C ALA A 123 -17.97 -5.98 0.45
N LEU A 124 -18.11 -5.36 -0.72
CA LEU A 124 -17.24 -4.26 -1.07
C LEU A 124 -17.51 -3.05 -0.16
N HIS A 125 -18.79 -2.81 0.18
CA HIS A 125 -19.10 -1.76 1.13
C HIS A 125 -18.44 -2.01 2.48
N SER A 126 -18.40 -3.27 2.92
CA SER A 126 -17.76 -3.58 4.20
C SER A 126 -16.26 -3.32 4.13
N MET A 127 -15.65 -3.48 2.96
CA MET A 127 -14.23 -3.17 2.81
C MET A 127 -14.00 -1.67 2.85
N LEU A 128 -14.83 -0.89 2.15
CA LEU A 128 -14.70 0.56 2.19
C LEU A 128 -14.95 1.13 3.57
N GLY A 129 -15.88 0.53 4.33
CA GLY A 129 -16.13 1.02 5.68
C GLY A 129 -14.97 0.75 6.62
N ALA A 130 -14.33 -0.42 6.47
CA ALA A 130 -13.22 -0.84 7.32
C ALA A 130 -11.87 -0.27 6.89
N MET A 131 -11.76 0.30 5.69
CA MET A 131 -10.47 0.82 5.25
C MET A 131 -10.15 2.20 5.81
N ASP A 132 -11.17 3.01 6.07
CA ASP A 132 -10.93 4.37 6.52
C ASP A 132 -10.42 4.41 7.96
N LYS A 133 -9.54 5.37 8.24
CA LYS A 133 -9.00 5.52 9.58
C LYS A 133 -9.98 6.19 10.55
N ARG A 134 -11.03 6.83 10.03
CA ARG A 134 -12.09 7.43 10.85
C ARG A 134 -11.52 8.46 11.82
N VAL A 135 -10.51 9.20 11.35
CA VAL A 135 -9.94 10.28 12.15
C VAL A 135 -10.74 11.57 11.95
N SER A 136 -11.27 11.80 10.74
CA SER A 136 -12.12 12.95 10.47
C SER A 136 -13.57 12.56 10.70
N GLU A 137 -14.40 13.56 11.07
CA GLU A 137 -15.82 13.29 11.22
C GLU A 137 -16.41 12.84 9.90
N GLU A 138 -15.84 13.35 8.79
CA GLU A 138 -16.32 12.94 7.50
C GLU A 138 -15.94 11.49 7.20
N GLY A 139 -14.75 11.04 7.59
CA GLY A 139 -14.42 9.63 7.42
C GLY A 139 -15.32 8.74 8.26
N MET A 140 -15.71 9.21 9.45
CA MET A 140 -16.65 8.45 10.28
C MET A 140 -18.01 8.33 9.61
N LYS A 141 -18.43 9.35 8.86
CA LYS A 141 -19.74 9.31 8.22
C LYS A 141 -19.73 8.38 7.03
N VAL A 142 -18.62 8.33 6.30
CA VAL A 142 -18.59 7.45 5.14
C VAL A 142 -18.50 6.00 5.57
N SER A 143 -17.80 5.71 6.66
CA SER A 143 -17.75 4.34 7.17
C SER A 143 -19.11 3.91 7.69
N CYS A 144 -19.81 4.79 8.40
CA CYS A 144 -21.14 4.47 8.89
C CYS A 144 -22.10 4.18 7.74
N THR A 145 -22.07 5.03 6.69
CA THR A 145 -22.92 4.78 5.54
C THR A 145 -22.54 3.48 4.85
N HIS A 146 -21.23 3.23 4.67
CA HIS A 146 -20.78 2.02 4.01
C HIS A 146 -21.28 0.77 4.74
N PHE A 147 -21.19 0.76 6.08
CA PHE A 147 -21.62 -0.41 6.84
C PHE A 147 -23.13 -0.58 6.78
N GLN A 148 -23.87 0.52 6.79
CA GLN A 148 -25.33 0.43 6.62
C GLN A 148 -25.69 -0.05 5.23
N CYS A 149 -24.94 0.36 4.20
CA CYS A 149 -25.18 -0.14 2.85
C CYS A 149 -24.85 -1.63 2.75
N ALA A 150 -23.77 -2.07 3.41
CA ALA A 150 -23.46 -3.49 3.45
C ALA A 150 -24.59 -4.27 4.10
N ALA A 151 -25.07 -3.80 5.26
CA ALA A 151 -26.18 -4.44 5.92
C ALA A 151 -27.43 -4.45 5.04
N GLY A 152 -27.64 -3.38 4.27
CA GLY A 152 -28.80 -3.33 3.40
C GLY A 152 -28.74 -4.34 2.27
N ALA A 153 -27.55 -4.54 1.70
CA ALA A 153 -27.40 -5.52 0.63
C ALA A 153 -27.58 -6.93 1.16
N PHE A 154 -26.99 -7.24 2.31
CA PHE A 154 -27.18 -8.57 2.87
C PHE A 154 -28.62 -8.79 3.32
N ALA A 155 -29.28 -7.74 3.84
CA ALA A 155 -30.68 -7.86 4.23
C ALA A 155 -31.58 -8.06 3.02
N TYR A 156 -31.41 -7.24 1.98
CA TYR A 156 -32.15 -7.45 0.74
C TYR A 156 -31.92 -8.86 0.20
N LEU A 157 -30.66 -9.32 0.26
CA LEU A 157 -30.33 -10.64 -0.27
C LEU A 157 -31.00 -11.75 0.53
N ARG A 158 -31.15 -11.55 1.83
CA ARG A 158 -31.76 -12.56 2.69
C ARG A 158 -33.27 -12.62 2.53
N GLU A 159 -33.91 -11.52 2.12
CA GLU A 159 -35.35 -11.50 1.97
C GLU A 159 -35.82 -11.95 0.59
N HIS A 160 -35.27 -11.37 -0.47
CA HIS A 160 -35.73 -11.62 -1.84
C HIS A 160 -35.09 -12.83 -2.48
N PHE A 161 -34.18 -13.52 -1.79
CA PHE A 161 -33.61 -14.80 -2.23
C PHE A 161 -33.68 -15.74 -1.04
N PRO A 162 -34.89 -16.12 -0.62
CA PRO A 162 -35.05 -16.92 0.62
C PRO A 162 -34.45 -18.33 0.58
N GLN A 163 -34.26 -18.95 -0.59
CA GLN A 163 -33.59 -20.25 -0.73
C GLN A 163 -32.14 -19.99 -1.13
N ALA A 164 -31.16 -20.43 -0.34
CA ALA A 164 -29.78 -20.06 -0.63
C ALA A 164 -29.17 -20.89 -1.76
N TYR A 165 -28.55 -20.20 -2.73
CA TYR A 165 -27.88 -20.90 -3.83
C TYR A 165 -26.59 -21.54 -3.36
N SER A 166 -26.00 -21.02 -2.29
CA SER A 166 -24.83 -21.61 -1.67
C SER A 166 -24.85 -21.27 -0.19
N VAL A 167 -24.12 -22.07 0.61
CA VAL A 167 -24.20 -21.95 2.07
C VAL A 167 -23.64 -20.64 2.59
N ASP A 168 -22.79 -19.94 1.82
CA ASP A 168 -22.30 -18.64 2.24
C ASP A 168 -23.37 -17.56 2.14
N MET A 169 -24.53 -17.89 1.59
CA MET A 169 -25.64 -16.95 1.46
C MET A 169 -26.92 -17.49 2.12
N SER A 170 -26.78 -18.41 3.07
CA SER A 170 -27.94 -18.88 3.81
C SER A 170 -28.39 -17.79 4.78
N ARG A 171 -29.60 -17.96 5.33
CA ARG A 171 -30.17 -16.88 6.14
C ARG A 171 -29.48 -16.73 7.48
N GLN A 172 -28.95 -17.82 8.05
CA GLN A 172 -28.23 -17.69 9.30
C GLN A 172 -26.90 -16.97 9.09
N ILE A 173 -26.24 -17.19 7.96
CA ILE A 173 -25.00 -16.46 7.71
C ILE A 173 -25.28 -15.01 7.34
N LEU A 174 -26.32 -14.77 6.54
CA LEU A 174 -26.68 -13.39 6.19
C LEU A 174 -27.12 -12.60 7.41
N THR A 175 -27.89 -13.21 8.32
CA THR A 175 -28.27 -12.53 9.56
C THR A 175 -27.04 -12.13 10.37
N LEU A 176 -26.06 -13.03 10.47
CA LEU A 176 -24.79 -12.68 11.12
C LEU A 176 -24.14 -11.49 10.42
N ASN A 177 -24.15 -11.48 9.09
CA ASN A 177 -23.55 -10.37 8.34
C ASN A 177 -24.28 -9.06 8.60
N VAL A 178 -25.63 -9.07 8.62
CA VAL A 178 -26.36 -7.83 8.87
C VAL A 178 -26.13 -7.35 10.30
N ASN A 179 -26.21 -8.26 11.28
CA ASN A 179 -26.02 -7.86 12.67
C ASN A 179 -24.61 -7.35 12.91
N LEU A 180 -23.63 -7.90 12.18
CA LEU A 180 -22.26 -7.44 12.35
C LEU A 180 -22.05 -6.08 11.69
N MET A 181 -22.64 -5.86 10.51
CA MET A 181 -22.50 -4.57 9.84
C MET A 181 -23.26 -3.48 10.56
N LEU A 182 -24.40 -3.80 11.17
CA LEU A 182 -25.13 -2.79 11.92
C LEU A 182 -24.42 -2.41 13.22
N GLY A 183 -23.75 -3.38 13.85
CA GLY A 183 -22.96 -3.07 15.03
C GLY A 183 -21.78 -2.15 14.71
N GLN A 184 -21.15 -2.36 13.56
CA GLN A 184 -20.03 -1.50 13.16
C GLN A 184 -20.52 -0.14 12.68
N ALA A 185 -21.70 -0.09 12.05
CA ALA A 185 -22.28 1.20 11.72
C ALA A 185 -22.64 1.97 12.99
N GLN A 186 -23.30 1.29 13.93
CA GLN A 186 -23.63 1.92 15.22
C GLN A 186 -22.37 2.34 15.97
N GLU A 187 -21.27 1.60 15.79
CA GLU A 187 -20.02 1.94 16.45
C GLU A 187 -19.43 3.24 15.89
N CYS A 188 -19.56 3.45 14.58
CA CYS A 188 -19.14 4.71 13.98
C CYS A 188 -19.94 5.88 14.52
N LEU A 189 -21.26 5.68 14.66
CA LEU A 189 -22.11 6.72 15.23
C LEU A 189 -21.77 6.97 16.68
N LEU A 190 -21.38 5.93 17.42
CA LEU A 190 -20.90 6.11 18.78
C LEU A 190 -19.67 7.00 18.83
N GLU A 191 -18.70 6.75 17.92
CA GLU A 191 -17.55 7.64 17.80
C GLU A 191 -17.99 9.07 17.53
N LYS A 192 -18.99 9.26 16.67
CA LYS A 192 -19.43 10.60 16.30
C LYS A 192 -20.09 11.30 17.48
N SER A 193 -20.93 10.58 18.22
CA SER A 193 -21.63 11.19 19.35
C SER A 193 -20.66 11.60 20.45
N MET A 194 -19.57 10.87 20.60
CA MET A 194 -18.54 11.24 21.58
C MET A 194 -17.68 12.39 21.09
N LEU A 195 -17.51 12.57 19.77
CA LEU A 195 -16.67 13.66 19.29
C LEU A 195 -17.41 14.98 19.47
N ASP A 196 -18.75 14.97 19.28
CA ASP A 196 -19.63 16.12 19.51
C ASP A 196 -19.76 16.50 20.99
N ASN A 197 -19.34 15.64 21.91
CA ASN A 197 -19.65 15.82 23.33
C ASN A 197 -21.17 15.91 23.58
N ARG A 198 -21.89 14.91 23.10
CA ARG A 198 -23.32 14.86 23.37
C ARG A 198 -23.55 14.47 24.82
N LYS A 199 -24.84 14.42 25.19
CA LYS A 199 -25.20 14.17 26.58
C LYS A 199 -24.86 12.75 26.98
N SER A 200 -24.40 12.59 28.22
CA SER A 200 -23.83 11.32 28.65
C SER A 200 -24.85 10.18 28.52
N PHE A 201 -26.11 10.46 28.87
CA PHE A 201 -27.12 9.40 28.77
C PHE A 201 -27.32 8.95 27.34
N LEU A 202 -27.32 9.90 26.40
CA LEU A 202 -27.50 9.53 24.99
C LEU A 202 -26.35 8.66 24.51
N VAL A 203 -25.12 9.04 24.83
CA VAL A 203 -23.96 8.24 24.46
C VAL A 203 -24.05 6.84 25.06
N ALA A 204 -24.55 6.75 26.30
CA ALA A 204 -24.68 5.45 26.94
C ALA A 204 -25.69 4.58 26.22
N ARG A 205 -26.79 5.18 25.75
CA ARG A 205 -27.78 4.42 24.98
C ARG A 205 -27.22 3.96 23.64
N ILE A 206 -26.42 4.82 22.99
CA ILE A 206 -25.81 4.45 21.71
C ILE A 206 -24.82 3.31 21.89
N SER A 207 -24.00 3.39 22.93
CA SER A 207 -23.04 2.33 23.19
C SER A 207 -23.71 1.03 23.61
N ALA A 208 -24.84 1.12 24.33
CA ALA A 208 -25.57 -0.10 24.69
C ALA A 208 -26.13 -0.80 23.46
N GLN A 209 -26.45 -0.03 22.41
CA GLN A 209 -26.93 -0.63 21.16
C GLN A 209 -25.79 -1.33 20.42
N VAL A 210 -24.55 -0.81 20.53
CA VAL A 210 -23.42 -1.51 19.93
C VAL A 210 -23.26 -2.89 20.56
N VAL A 211 -23.45 -2.98 21.88
CA VAL A 211 -23.36 -4.27 22.57
C VAL A 211 -24.46 -5.22 22.10
N ASP A 212 -25.67 -4.70 21.89
CA ASP A 212 -26.79 -5.55 21.49
C ASP A 212 -26.55 -6.17 20.12
N TYR A 213 -26.03 -5.38 19.17
CA TYR A 213 -25.75 -5.93 17.84
C TYR A 213 -24.66 -7.00 17.92
N TYR A 214 -23.56 -6.70 18.60
CA TYR A 214 -22.45 -7.65 18.72
C TYR A 214 -22.82 -8.88 19.52
N LYS A 215 -23.81 -8.79 20.42
CA LYS A 215 -24.25 -9.99 21.13
C LYS A 215 -25.01 -10.91 20.20
N GLU A 216 -25.76 -10.36 19.24
CA GLU A 216 -26.46 -11.19 18.27
C GLU A 216 -25.48 -11.81 17.28
N ALA A 217 -24.45 -11.06 16.89
CA ALA A 217 -23.41 -11.63 16.05
C ALA A 217 -22.64 -12.70 16.80
N CYS A 218 -22.37 -12.49 18.08
CA CYS A 218 -21.66 -13.49 18.86
C CYS A 218 -22.47 -14.77 19.00
N ARG A 219 -23.77 -14.63 19.35
CA ARG A 219 -24.64 -15.82 19.42
C ARG A 219 -24.69 -16.56 18.09
N ALA A 220 -24.61 -15.85 16.97
CA ALA A 220 -24.57 -16.53 15.68
C ALA A 220 -23.26 -17.27 15.49
N LEU A 221 -22.14 -16.65 15.90
CA LEU A 221 -20.82 -17.28 15.77
C LEU A 221 -20.62 -18.44 16.74
N GLU A 222 -21.41 -18.49 17.81
CA GLU A 222 -21.33 -19.59 18.76
C GLU A 222 -22.24 -20.75 18.36
N ASN A 223 -23.08 -20.57 17.35
CA ASN A 223 -23.88 -21.66 16.85
C ASN A 223 -22.97 -22.67 16.16
N PRO A 224 -23.11 -23.97 16.45
CA PRO A 224 -22.18 -24.95 15.88
C PRO A 224 -22.19 -25.01 14.36
N ASP A 225 -23.35 -24.80 13.73
CA ASP A 225 -23.43 -24.86 12.27
C ASP A 225 -22.53 -23.81 11.64
N THR A 226 -22.54 -22.59 12.19
CA THR A 226 -21.72 -21.50 11.69
C THR A 226 -20.22 -21.75 11.89
N ALA A 227 -19.84 -22.28 13.06
CA ALA A 227 -18.41 -22.45 13.34
C ALA A 227 -17.75 -23.45 12.38
N SER A 228 -18.43 -24.55 12.06
CA SER A 228 -17.83 -25.53 11.17
C SER A 228 -17.69 -24.99 9.74
N LEU A 229 -18.62 -24.12 9.32
CA LEU A 229 -18.55 -23.59 7.96
C LEU A 229 -17.49 -22.51 7.84
N LEU A 230 -17.44 -21.56 8.79
CA LEU A 230 -16.48 -20.47 8.69
C LEU A 230 -15.05 -20.91 9.03
N GLY A 231 -14.89 -21.95 9.86
CA GLY A 231 -13.55 -22.41 10.20
C GLY A 231 -12.81 -21.41 11.09
N ARG A 232 -11.52 -21.18 10.77
CA ARG A 232 -10.73 -20.21 11.52
C ARG A 232 -11.41 -18.84 11.58
N ILE A 233 -12.16 -18.49 10.52
CA ILE A 233 -12.84 -17.20 10.46
C ILE A 233 -13.72 -16.98 11.67
N GLN A 234 -14.44 -18.03 12.10
CA GLN A 234 -15.31 -17.91 13.27
C GLN A 234 -14.50 -17.60 14.52
N LYS A 235 -13.25 -18.08 14.58
CA LYS A 235 -12.44 -17.87 15.77
C LYS A 235 -11.78 -16.49 15.76
N ASP A 236 -11.48 -15.96 14.57
CA ASP A 236 -10.94 -14.62 14.45
C ASP A 236 -11.99 -13.54 14.70
N TRP A 237 -13.18 -13.71 14.11
CA TRP A 237 -14.23 -12.71 14.29
C TRP A 237 -14.72 -12.65 15.73
N LYS A 238 -14.99 -13.81 16.33
CA LYS A 238 -15.54 -13.84 17.69
C LYS A 238 -14.55 -13.32 18.73
N LYS A 239 -13.26 -13.55 18.54
CA LYS A 239 -12.28 -12.98 19.47
C LYS A 239 -12.40 -11.46 19.49
N LEU A 240 -12.63 -10.85 18.32
CA LEU A 240 -12.83 -9.40 18.29
C LEU A 240 -14.21 -9.01 18.80
N VAL A 241 -15.23 -9.79 18.43
CA VAL A 241 -16.60 -9.47 18.83
C VAL A 241 -16.77 -9.61 20.34
N GLN A 242 -16.28 -10.71 20.92
CA GLN A 242 -16.41 -10.90 22.37
C GLN A 242 -15.74 -9.77 23.13
N MET A 243 -14.55 -9.37 22.71
CA MET A 243 -13.86 -8.25 23.36
C MET A 243 -14.64 -6.96 23.17
N LYS A 244 -15.17 -6.72 21.97
CA LYS A 244 -15.94 -5.50 21.73
C LYS A 244 -17.22 -5.47 22.54
N ILE A 245 -17.80 -6.63 22.82
CA ILE A 245 -18.99 -6.72 23.67
C ILE A 245 -18.70 -6.11 25.03
N TYR A 246 -17.56 -6.49 25.63
CA TYR A 246 -17.21 -5.95 26.94
C TYR A 246 -16.67 -4.53 26.87
N TYR A 247 -15.94 -4.19 25.81
CA TYR A 247 -15.39 -2.84 25.71
C TYR A 247 -16.51 -1.80 25.68
N PHE A 248 -17.51 -2.01 24.83
CA PHE A 248 -18.57 -1.02 24.71
C PHE A 248 -19.60 -1.14 25.82
N ALA A 249 -19.65 -2.28 26.52
CA ALA A 249 -20.40 -2.34 27.77
C ALA A 249 -19.75 -1.45 28.81
N ALA A 250 -18.41 -1.40 28.84
CA ALA A 250 -17.72 -0.49 29.74
C ALA A 250 -17.94 0.97 29.35
N VAL A 251 -17.89 1.26 28.06
CA VAL A 251 -18.16 2.63 27.58
C VAL A 251 -19.57 3.07 27.98
N ALA A 252 -20.54 2.16 27.93
CA ALA A 252 -21.91 2.53 28.28
C ALA A 252 -22.05 2.87 29.76
N HIS A 253 -21.43 2.08 30.63
CA HIS A 253 -21.53 2.35 32.06
C HIS A 253 -20.67 3.54 32.46
N LEU A 254 -19.58 3.80 31.73
CA LEU A 254 -18.80 4.99 32.00
C LEU A 254 -19.64 6.25 31.79
N HIS A 255 -20.44 6.29 30.73
CA HIS A 255 -21.30 7.44 30.49
C HIS A 255 -22.54 7.45 31.37
N MET A 256 -22.96 6.28 31.87
CA MET A 256 -24.02 6.26 32.87
C MET A 256 -23.55 6.88 34.19
N GLY A 257 -22.29 6.59 34.57
CA GLY A 257 -21.72 7.23 35.75
C GLY A 257 -21.52 8.72 35.58
N LYS A 258 -21.28 9.18 34.35
CA LYS A 258 -21.19 10.61 34.11
C LYS A 258 -22.57 11.26 34.18
N GLN A 259 -23.63 10.50 33.91
CA GLN A 259 -24.97 11.07 34.08
C GLN A 259 -25.33 11.16 35.56
N ALA A 260 -24.98 10.13 36.33
CA ALA A 260 -25.14 10.19 37.78
C ALA A 260 -24.35 11.35 38.37
N GLU A 261 -23.18 11.65 37.80
CA GLU A 261 -22.41 12.81 38.25
C GLU A 261 -23.18 14.11 38.01
N GLU A 262 -23.76 14.26 36.82
CA GLU A 262 -24.60 15.43 36.54
C GLU A 262 -25.86 15.42 37.39
N GLN A 263 -26.33 14.23 37.81
CA GLN A 263 -27.48 14.12 38.69
C GLN A 263 -27.12 14.20 40.18
N GLN A 264 -25.85 14.46 40.50
CA GLN A 264 -25.40 14.55 41.89
C GLN A 264 -25.78 13.29 42.68
N LYS A 265 -25.60 12.14 42.05
CA LYS A 265 -25.72 10.84 42.70
C LYS A 265 -24.32 10.24 42.72
N PHE A 266 -23.54 10.61 43.74
CA PHE A 266 -22.13 10.25 43.74
C PHE A 266 -21.88 8.84 44.25
N GLY A 267 -22.86 8.23 44.92
CA GLY A 267 -22.79 6.83 45.27
C GLY A 267 -23.07 6.01 44.03
N GLU A 268 -24.07 6.44 43.25
CA GLU A 268 -24.33 5.82 41.95
C GLU A 268 -23.14 5.95 41.02
N ARG A 269 -22.42 7.08 41.07
CA ARG A 269 -21.32 7.30 40.13
C ARG A 269 -20.17 6.33 40.37
N VAL A 270 -19.90 6.00 41.63
CA VAL A 270 -18.84 5.03 41.90
C VAL A 270 -19.24 3.66 41.39
N ALA A 271 -20.51 3.29 41.56
CA ALA A 271 -20.95 1.96 41.13
C ALA A 271 -20.82 1.79 39.62
N TYR A 272 -21.22 2.81 38.85
CA TYR A 272 -21.12 2.70 37.40
C TYR A 272 -19.66 2.70 36.94
N PHE A 273 -18.82 3.55 37.56
CA PHE A 273 -17.40 3.58 37.18
C PHE A 273 -16.72 2.26 37.53
N GLN A 274 -17.09 1.67 38.67
CA GLN A 274 -16.53 0.38 39.05
C GLN A 274 -16.94 -0.71 38.05
N SER A 275 -18.20 -0.68 37.61
CA SER A 275 -18.66 -1.63 36.60
C SER A 275 -17.90 -1.43 35.28
N ALA A 276 -17.74 -0.18 34.85
CA ALA A 276 -17.02 0.10 33.61
C ALA A 276 -15.58 -0.41 33.67
N LEU A 277 -14.94 -0.27 34.83
CA LEU A 277 -13.57 -0.71 34.96
C LEU A 277 -13.49 -2.23 34.96
N ASP A 278 -14.46 -2.90 35.61
CA ASP A 278 -14.48 -4.35 35.60
C ASP A 278 -14.68 -4.89 34.18
N LYS A 279 -15.62 -4.28 33.43
CA LYS A 279 -15.89 -4.76 32.09
C LYS A 279 -14.72 -4.45 31.15
N LEU A 280 -14.05 -3.31 31.37
CA LEU A 280 -12.91 -2.97 30.53
C LEU A 280 -11.73 -3.89 30.82
N ASN A 281 -11.54 -4.27 32.08
CA ASN A 281 -10.49 -5.25 32.40
C ASN A 281 -10.81 -6.59 31.76
N GLU A 282 -12.09 -6.92 31.65
CA GLU A 282 -12.45 -8.13 30.92
C GLU A 282 -12.12 -7.99 29.44
N ALA A 283 -12.37 -6.81 28.87
CA ALA A 283 -12.05 -6.59 27.46
C ALA A 283 -10.55 -6.70 27.22
N ILE A 284 -9.75 -6.19 28.16
CA ILE A 284 -8.29 -6.28 28.02
C ILE A 284 -7.84 -7.72 28.04
N LYS A 285 -8.42 -8.52 28.92
CA LYS A 285 -8.05 -9.93 29.04
C LYS A 285 -8.47 -10.72 27.81
N LEU A 286 -9.62 -10.40 27.21
CA LEU A 286 -10.05 -11.04 25.99
C LEU A 286 -9.30 -10.54 24.76
N ALA A 287 -8.53 -9.47 24.89
CA ALA A 287 -7.84 -8.88 23.75
C ALA A 287 -6.40 -9.34 23.62
N LYS A 288 -6.03 -10.41 24.34
CA LYS A 288 -4.66 -10.93 24.27
C LYS A 288 -4.34 -11.43 22.88
N GLY A 289 -3.27 -10.88 22.28
CA GLY A 289 -2.88 -11.22 20.94
C GLY A 289 -3.45 -10.33 19.86
N GLN A 290 -4.38 -9.44 20.20
CA GLN A 290 -4.97 -8.55 19.21
C GLN A 290 -3.95 -7.49 18.78
N PRO A 291 -4.13 -6.92 17.59
CA PRO A 291 -3.15 -5.95 17.09
C PRO A 291 -3.07 -4.69 17.94
N ASP A 292 -2.09 -3.85 17.60
CA ASP A 292 -1.84 -2.64 18.37
C ASP A 292 -3.01 -1.64 18.27
N THR A 293 -3.78 -1.69 17.19
CA THR A 293 -4.97 -0.86 17.08
C THR A 293 -5.94 -1.12 18.22
N VAL A 294 -6.19 -2.39 18.54
CA VAL A 294 -7.09 -2.75 19.65
C VAL A 294 -6.48 -2.30 20.99
N GLN A 295 -5.20 -2.59 21.21
CA GLN A 295 -4.60 -2.31 22.50
C GLN A 295 -4.48 -0.82 22.76
N ASP A 296 -4.20 -0.04 21.73
CA ASP A 296 -4.13 1.42 21.90
C ASP A 296 -5.48 1.98 22.33
N ALA A 297 -6.57 1.43 21.77
CA ALA A 297 -7.90 1.90 22.17
C ALA A 297 -8.21 1.52 23.61
N LEU A 298 -7.79 0.33 24.03
CA LEU A 298 -8.06 -0.08 25.40
C LEU A 298 -7.18 0.64 26.40
N ARG A 299 -5.94 0.94 26.02
CA ARG A 299 -5.06 1.67 26.93
C ARG A 299 -5.54 3.10 27.14
N PHE A 300 -6.03 3.73 26.07
CA PHE A 300 -6.61 5.08 26.20
C PHE A 300 -7.85 5.07 27.08
N THR A 301 -8.76 4.12 26.83
CA THR A 301 -10.00 4.07 27.59
C THR A 301 -9.74 3.77 29.06
N MET A 302 -8.69 3.01 29.38
CA MET A 302 -8.42 2.73 30.78
C MET A 302 -7.93 3.98 31.50
N ASP A 303 -7.15 4.83 30.82
CA ASP A 303 -6.75 6.11 31.41
C ASP A 303 -7.98 6.93 31.79
N VAL A 304 -9.01 6.91 30.94
CA VAL A 304 -10.25 7.60 31.26
C VAL A 304 -10.94 6.95 32.44
N ILE A 305 -11.26 5.66 32.31
CA ILE A 305 -12.08 4.97 33.31
C ILE A 305 -11.31 4.81 34.61
N GLY A 306 -10.01 4.52 34.52
CA GLY A 306 -9.21 4.30 35.73
C GLY A 306 -9.11 5.54 36.59
N GLY A 307 -8.81 6.68 35.98
CA GLY A 307 -8.71 7.91 36.75
C GLY A 307 -10.06 8.39 37.25
N LYS A 308 -11.12 8.18 36.46
CA LYS A 308 -12.43 8.66 36.86
C LYS A 308 -13.05 7.79 37.94
N TYR A 309 -12.65 6.51 38.01
CA TYR A 309 -13.11 5.67 39.11
C TYR A 309 -12.38 6.04 40.41
N ASN A 310 -11.06 6.24 40.34
CA ASN A 310 -10.32 6.61 41.53
C ASN A 310 -10.79 7.94 42.08
N SER A 311 -11.05 8.90 41.20
CA SER A 311 -11.49 10.22 41.66
C SER A 311 -12.90 10.16 42.24
N ALA A 312 -13.76 9.30 41.68
CA ALA A 312 -15.13 9.21 42.18
C ALA A 312 -15.17 8.52 43.54
N LYS A 313 -14.38 7.45 43.72
CA LYS A 313 -14.31 6.81 45.02
C LYS A 313 -13.67 7.72 46.05
N LYS A 314 -12.68 8.52 45.64
CA LYS A 314 -12.06 9.45 46.57
C LYS A 314 -13.03 10.54 46.99
N ASP A 315 -13.80 11.10 46.05
CA ASP A 315 -14.75 12.13 46.40
C ASP A 315 -15.86 11.59 47.29
N ASN A 316 -16.30 10.36 47.05
CA ASN A 316 -17.40 9.82 47.85
C ASN A 316 -16.93 9.36 49.22
N ASP A 317 -15.72 8.79 49.31
CA ASP A 317 -15.22 8.32 50.60
C ASP A 317 -14.83 9.47 51.52
N PHE A 318 -14.62 10.67 50.99
CA PHE A 318 -14.09 11.78 51.79
C PHE A 318 -14.96 13.04 51.79
N ILE A 319 -15.95 13.15 50.91
CA ILE A 319 -16.76 14.35 50.86
C ILE A 319 -18.25 14.01 50.96
N TYR A 320 -18.73 13.17 50.04
CA TYR A 320 -20.17 12.93 49.94
C TYR A 320 -20.68 11.81 50.83
N HIS A 321 -19.90 10.75 51.05
CA HIS A 321 -20.32 9.67 51.96
C HIS A 321 -21.67 9.09 51.54
N GLU A 322 -21.87 8.93 50.24
CA GLU A 322 -23.12 8.41 49.72
C GLU A 322 -23.01 6.90 49.52
N ALA A 323 -24.14 6.21 49.69
CA ALA A 323 -24.12 4.75 49.59
C ALA A 323 -23.83 4.31 48.16
N VAL A 324 -22.87 3.41 48.01
CA VAL A 324 -22.51 2.85 46.71
C VAL A 324 -23.40 1.64 46.46
N PRO A 325 -24.37 1.72 45.56
CA PRO A 325 -25.29 0.60 45.35
C PRO A 325 -24.61 -0.53 44.58
N ALA A 326 -25.02 -1.75 44.90
CA ALA A 326 -24.67 -2.89 44.06
C ALA A 326 -25.24 -2.68 42.65
N LEU A 327 -24.65 -3.38 41.67
CA LEU A 327 -25.03 -3.10 40.29
C LEU A 327 -26.39 -3.67 39.92
N ASP A 328 -26.86 -4.72 40.60
CA ASP A 328 -28.15 -5.32 40.28
C ASP A 328 -29.35 -4.43 40.56
N THR A 329 -29.25 -3.48 41.49
CA THR A 329 -30.42 -2.74 41.94
C THR A 329 -30.76 -1.51 41.11
N LEU A 330 -30.04 -1.25 40.02
CA LEU A 330 -30.18 -0.07 39.18
C LEU A 330 -30.45 -0.46 37.73
N GLN A 331 -31.44 0.18 37.10
CA GLN A 331 -31.99 -0.27 35.80
C GLN A 331 -31.02 -0.22 34.61
N PRO A 332 -30.92 -1.30 33.80
CA PRO A 332 -29.95 -1.32 32.69
C PRO A 332 -30.24 -0.26 31.63
N VAL A 333 -29.24 -0.08 30.76
CA VAL A 333 -29.28 0.90 29.67
C VAL A 333 -29.97 0.30 28.44
N LYS A 334 -31.02 0.97 27.97
CA LYS A 334 -31.75 0.54 26.78
C LYS A 334 -31.07 1.12 25.54
N GLY A 335 -30.81 0.25 24.56
CA GLY A 335 -30.10 0.69 23.38
C GLY A 335 -30.95 1.61 22.53
N ALA A 336 -30.27 2.49 21.78
CA ALA A 336 -30.90 3.43 20.88
C ALA A 336 -30.53 3.06 19.44
N PRO A 337 -31.35 2.26 18.75
CA PRO A 337 -31.02 1.88 17.36
C PRO A 337 -31.20 3.02 16.36
N LEU A 338 -30.10 3.63 15.91
CA LEU A 338 -30.15 4.73 14.95
C LEU A 338 -29.68 4.36 13.56
N VAL A 339 -29.08 3.19 13.36
CA VAL A 339 -28.60 2.75 12.06
C VAL A 339 -29.57 1.75 11.48
N LYS A 340 -29.55 1.63 10.15
CA LYS A 340 -30.46 0.71 9.48
C LYS A 340 -29.75 -0.04 8.37
N PRO A 341 -30.29 -1.19 7.97
CA PRO A 341 -29.94 -1.67 6.62
C PRO A 341 -30.50 -0.66 5.64
N LEU A 342 -29.66 0.14 4.96
CA LEU A 342 -30.20 1.14 4.04
C LEU A 342 -30.69 0.45 2.77
N PRO A 343 -31.87 0.84 2.26
CA PRO A 343 -32.52 0.03 1.21
C PRO A 343 -31.75 0.03 -0.10
N VAL A 344 -31.90 -1.06 -0.84
CA VAL A 344 -31.28 -1.23 -2.13
C VAL A 344 -32.39 -1.23 -3.17
N ASN A 345 -32.36 -0.23 -4.06
CA ASN A 345 -33.26 -0.23 -5.21
C ASN A 345 -32.48 -0.71 -6.43
N PRO A 346 -32.66 -1.95 -6.88
CA PRO A 346 -31.85 -2.45 -7.99
C PRO A 346 -32.10 -1.70 -9.30
N THR A 347 -33.30 -1.19 -9.52
CA THR A 347 -33.67 -0.62 -10.81
C THR A 347 -33.79 0.89 -10.78
N ASP A 348 -33.01 1.57 -9.95
CA ASP A 348 -32.96 3.02 -9.97
C ASP A 348 -32.36 3.49 -11.29
N PRO A 349 -33.12 4.18 -12.14
CA PRO A 349 -32.57 4.58 -13.44
C PRO A 349 -31.37 5.50 -13.34
N ALA A 350 -31.18 6.20 -12.22
CA ALA A 350 -30.04 7.10 -12.09
C ALA A 350 -28.74 6.34 -11.91
N VAL A 351 -28.79 5.16 -11.32
CA VAL A 351 -27.58 4.38 -11.05
C VAL A 351 -27.40 3.39 -12.19
N THR A 352 -28.51 3.02 -12.81
CA THR A 352 -28.49 2.02 -13.87
C THR A 352 -28.15 2.63 -15.23
N GLY A 353 -28.63 3.85 -15.48
CA GLY A 353 -28.61 4.39 -16.81
C GLY A 353 -29.70 3.77 -17.66
N PRO A 354 -29.65 4.00 -18.97
CA PRO A 354 -30.68 3.44 -19.86
C PRO A 354 -30.61 1.93 -19.92
N ASP A 355 -31.78 1.32 -20.13
CA ASP A 355 -31.87 -0.13 -20.36
C ASP A 355 -31.10 -0.50 -21.62
N ILE A 356 -30.10 -1.38 -21.46
CA ILE A 356 -29.27 -1.80 -22.59
C ILE A 356 -30.12 -2.40 -23.70
N PHE A 357 -31.09 -3.24 -23.33
CA PHE A 357 -31.96 -3.91 -24.29
C PHE A 357 -33.31 -3.22 -24.44
N ALA A 358 -33.33 -1.89 -24.36
CA ALA A 358 -34.58 -1.15 -24.50
C ALA A 358 -35.21 -1.34 -25.88
N LYS A 359 -34.38 -1.66 -26.88
CA LYS A 359 -34.83 -1.84 -28.26
C LYS A 359 -35.58 -3.16 -28.48
N LEU A 360 -35.48 -4.10 -27.54
CA LEU A 360 -36.06 -5.43 -27.72
C LEU A 360 -37.47 -5.43 -27.15
N VAL A 361 -38.46 -5.21 -28.02
CA VAL A 361 -39.87 -5.15 -27.65
C VAL A 361 -40.69 -6.17 -28.45
N VAL B 4 10.02 -14.33 -20.54
CA VAL B 4 8.77 -14.93 -20.09
C VAL B 4 8.32 -14.34 -18.75
N PRO B 5 7.03 -13.98 -18.65
CA PRO B 5 6.48 -13.54 -17.36
C PRO B 5 6.58 -14.63 -16.32
N ARG B 6 6.71 -14.22 -15.06
CA ARG B 6 6.96 -15.14 -13.96
C ARG B 6 5.66 -15.52 -13.25
N MET B 7 5.58 -16.78 -12.85
CA MET B 7 4.43 -17.25 -12.10
C MET B 7 4.48 -16.72 -10.66
N PRO B 8 3.32 -16.55 -10.01
CA PRO B 8 3.33 -16.22 -8.59
C PRO B 8 3.73 -17.43 -7.77
N MET B 9 4.21 -17.17 -6.56
CA MET B 9 4.69 -18.22 -5.67
C MET B 9 3.77 -18.32 -4.47
N ILE B 10 3.72 -19.53 -3.89
CA ILE B 10 2.95 -19.79 -2.66
C ILE B 10 3.84 -19.51 -1.46
N TRP B 11 3.26 -18.90 -0.43
CA TRP B 11 3.94 -18.67 0.84
C TRP B 11 3.02 -19.13 1.96
N LEU B 12 3.61 -19.41 3.12
CA LEU B 12 2.87 -19.88 4.28
C LEU B 12 2.82 -18.80 5.35
N ASP B 13 1.69 -18.71 6.04
CA ASP B 13 1.54 -17.77 7.14
C ASP B 13 2.33 -18.22 8.36
N LEU B 14 2.60 -17.27 9.26
CA LEU B 14 3.28 -17.58 10.51
C LEU B 14 2.25 -17.99 11.55
N LYS B 15 2.68 -18.81 12.49
CA LYS B 15 1.81 -19.20 13.58
C LYS B 15 1.84 -18.14 14.67
N GLU B 16 0.69 -17.95 15.32
CA GLU B 16 0.61 -17.01 16.44
C GLU B 16 0.83 -17.75 17.75
N ALA B 17 1.61 -17.14 18.65
CA ALA B 17 2.03 -17.77 19.89
C ALA B 17 1.16 -17.34 21.07
N GLY B 18 1.10 -18.20 22.08
CA GLY B 18 0.46 -17.88 23.33
C GLY B 18 1.48 -17.72 24.44
N ASP B 19 1.11 -18.09 25.67
CA ASP B 19 2.01 -17.88 26.79
C ASP B 19 3.04 -19.01 26.91
N PHE B 20 4.19 -18.66 27.47
CA PHE B 20 5.27 -19.60 27.79
C PHE B 20 5.99 -19.00 29.01
N HIS B 21 5.41 -19.25 30.18
CA HIS B 21 5.90 -18.68 31.45
C HIS B 21 6.98 -19.60 32.01
N PHE B 22 8.19 -19.46 31.47
CA PHE B 22 9.32 -20.27 31.93
C PHE B 22 10.01 -19.70 33.17
N GLN B 23 9.74 -18.44 33.52
CA GLN B 23 10.48 -17.82 34.62
C GLN B 23 10.27 -18.54 35.95
N PRO B 24 9.05 -18.84 36.39
CA PRO B 24 8.93 -19.56 37.68
C PRO B 24 9.62 -20.92 37.68
N ALA B 25 9.52 -21.69 36.59
CA ALA B 25 10.15 -23.01 36.59
C ALA B 25 11.67 -22.90 36.64
N VAL B 26 12.24 -21.93 35.92
CA VAL B 26 13.69 -21.79 35.91
C VAL B 26 14.19 -21.36 37.29
N LYS B 27 13.51 -20.41 37.93
CA LYS B 27 13.94 -19.95 39.26
C LYS B 27 13.89 -21.07 40.30
N LYS B 28 12.93 -21.98 40.19
CA LYS B 28 12.83 -23.08 41.12
C LYS B 28 13.89 -24.15 40.86
N PHE B 29 14.39 -24.25 39.61
CA PHE B 29 15.44 -25.22 39.33
C PHE B 29 16.83 -24.66 39.69
N VAL B 30 17.07 -23.35 39.53
CA VAL B 30 18.33 -22.75 40.01
C VAL B 30 18.44 -22.81 41.52
N LEU B 31 17.33 -22.72 42.25
CA LEU B 31 17.45 -22.74 43.69
C LEU B 31 17.75 -24.15 44.19
N LYS B 32 16.94 -25.12 43.78
CA LYS B 32 17.04 -26.49 44.29
C LYS B 32 18.23 -27.24 43.72
N ASN B 33 18.41 -27.21 42.41
CA ASN B 33 19.36 -28.11 41.77
C ASN B 33 20.74 -27.48 41.69
N TYR B 34 20.83 -26.23 41.24
CA TYR B 34 22.12 -25.55 41.20
C TYR B 34 22.51 -24.94 42.53
N GLY B 35 21.65 -24.97 43.54
CA GLY B 35 21.99 -24.42 44.84
C GLY B 35 22.27 -22.94 44.84
N GLU B 36 21.81 -22.22 43.83
CA GLU B 36 22.12 -20.82 43.65
C GLU B 36 20.89 -19.96 43.90
N ASN B 37 21.13 -18.66 44.09
CA ASN B 37 20.02 -17.73 44.32
C ASN B 37 19.30 -17.49 43.01
N PRO B 38 17.99 -17.78 42.92
CA PRO B 38 17.28 -17.62 41.64
C PRO B 38 17.26 -16.21 41.08
N GLU B 39 17.32 -15.20 41.93
CA GLU B 39 17.19 -13.83 41.48
C GLU B 39 18.52 -13.17 41.13
N ALA B 40 19.60 -13.94 41.10
CA ALA B 40 20.81 -13.51 40.39
C ALA B 40 20.66 -13.69 38.88
N TYR B 41 19.53 -14.24 38.44
CA TYR B 41 19.23 -14.50 37.04
C TYR B 41 17.99 -13.75 36.55
N ASN B 42 17.60 -12.65 37.22
CA ASN B 42 16.48 -11.87 36.72
C ASN B 42 16.79 -11.31 35.34
N GLU B 43 18.05 -10.95 35.09
CA GLU B 43 18.40 -10.28 33.86
C GLU B 43 18.61 -11.24 32.70
N GLU B 44 18.94 -12.50 32.99
CA GLU B 44 18.97 -13.52 31.94
C GLU B 44 17.59 -14.05 31.61
N LEU B 45 16.68 -14.12 32.58
CA LEU B 45 15.31 -14.48 32.28
C LEU B 45 14.60 -13.33 31.56
N LYS B 46 14.94 -12.08 31.88
CA LYS B 46 14.37 -10.97 31.15
C LYS B 46 14.95 -10.87 29.74
N LYS B 47 16.24 -11.18 29.59
CA LYS B 47 16.86 -11.08 28.27
C LYS B 47 16.28 -12.12 27.33
N LEU B 48 15.90 -13.27 27.86
CA LEU B 48 15.26 -14.28 27.01
C LEU B 48 13.82 -13.93 26.73
N GLU B 49 13.19 -13.18 27.62
CA GLU B 49 11.82 -12.88 27.28
C GLU B 49 11.74 -11.97 26.04
N LEU B 50 12.46 -10.84 26.02
CA LEU B 50 12.55 -10.02 24.82
C LEU B 50 12.73 -10.86 23.56
N LEU B 51 13.67 -11.79 23.61
CA LEU B 51 13.94 -12.65 22.45
C LEU B 51 12.66 -13.37 22.00
N ARG B 52 11.88 -13.87 22.96
CA ARG B 52 10.62 -14.51 22.59
C ARG B 52 9.60 -13.50 22.10
N GLN B 53 9.36 -12.43 22.88
CA GLN B 53 8.36 -11.46 22.48
C GLN B 53 8.74 -10.78 21.16
N ASN B 54 10.03 -10.73 20.84
CA ASN B 54 10.43 -10.14 19.57
C ASN B 54 10.35 -11.15 18.44
N ALA B 55 10.56 -12.43 18.78
CA ALA B 55 10.52 -13.51 17.81
C ALA B 55 9.10 -13.93 17.47
N VAL B 56 8.19 -13.89 18.45
CA VAL B 56 6.83 -14.32 18.19
C VAL B 56 6.04 -13.23 17.52
N ARG B 57 6.57 -12.02 17.53
CA ARG B 57 6.02 -10.94 16.74
C ARG B 57 7.08 -10.35 15.82
N VAL B 58 7.72 -11.20 15.03
CA VAL B 58 8.90 -10.93 14.21
C VAL B 58 8.52 -10.05 13.02
N PRO B 59 9.37 -9.08 12.66
CA PRO B 59 9.12 -8.32 11.42
C PRO B 59 9.29 -9.19 10.18
N ARG B 60 8.46 -8.93 9.17
CA ARG B 60 8.41 -9.72 7.95
C ARG B 60 9.50 -9.25 6.98
N ASP B 61 10.76 -9.38 7.40
CA ASP B 61 11.87 -8.94 6.56
C ASP B 61 12.99 -9.98 6.66
N PHE B 62 14.13 -9.67 6.01
CA PHE B 62 15.29 -10.56 6.01
C PHE B 62 15.83 -10.80 7.42
N GLU B 63 15.77 -9.78 8.27
CA GLU B 63 16.30 -9.85 9.63
C GLU B 63 15.44 -10.71 10.56
N GLY B 64 14.17 -10.89 10.23
CA GLY B 64 13.35 -11.74 11.08
C GLY B 64 13.88 -13.15 11.15
N CYS B 65 14.61 -13.58 10.12
CA CYS B 65 15.25 -14.88 10.13
C CYS B 65 16.32 -14.97 11.21
N SER B 66 17.14 -13.91 11.36
CA SER B 66 18.17 -13.92 12.39
C SER B 66 17.59 -13.76 13.79
N VAL B 67 16.44 -13.10 13.91
CA VAL B 67 15.76 -13.03 15.19
C VAL B 67 15.22 -14.39 15.59
N LEU B 68 14.58 -15.08 14.64
CA LEU B 68 14.06 -16.42 14.91
C LEU B 68 15.20 -17.40 15.17
N ARG B 69 16.31 -17.26 14.45
CA ARG B 69 17.46 -18.13 14.69
C ARG B 69 18.05 -17.91 16.08
N LYS B 70 18.21 -16.66 16.51
CA LYS B 70 18.76 -16.44 17.85
C LYS B 70 17.87 -17.04 18.93
N TYR B 71 16.55 -16.84 18.81
CA TYR B 71 15.65 -17.36 19.85
C TYR B 71 15.64 -18.88 19.86
N LEU B 72 15.62 -19.50 18.68
CA LEU B 72 15.62 -20.96 18.61
C LEU B 72 16.88 -21.53 19.21
N GLY B 73 18.02 -20.89 18.96
CA GLY B 73 19.28 -21.38 19.52
C GLY B 73 19.34 -21.20 21.02
N GLN B 74 18.80 -20.10 21.52
CA GLN B 74 18.80 -19.89 22.97
C GLN B 74 17.86 -20.87 23.67
N LEU B 75 16.81 -21.33 22.97
CA LEU B 75 15.94 -22.36 23.53
C LEU B 75 16.69 -23.68 23.71
N HIS B 76 17.56 -24.02 22.76
CA HIS B 76 18.36 -25.24 22.91
C HIS B 76 19.33 -25.12 24.09
N TYR B 77 19.95 -23.95 24.25
CA TYR B 77 20.85 -23.72 25.37
C TYR B 77 20.13 -23.91 26.71
N LEU B 78 18.90 -23.40 26.81
CA LEU B 78 18.15 -23.50 28.04
C LEU B 78 17.76 -24.95 28.34
N GLN B 79 17.32 -25.69 27.32
CA GLN B 79 16.93 -27.09 27.54
C GLN B 79 18.12 -27.94 27.97
N SER B 80 19.33 -27.58 27.55
CA SER B 80 20.50 -28.33 27.99
C SER B 80 20.86 -28.08 29.45
N ARG B 81 20.38 -26.98 30.03
CA ARG B 81 20.69 -26.63 31.41
C ARG B 81 19.51 -26.78 32.36
N VAL B 82 18.27 -26.66 31.86
CA VAL B 82 17.08 -26.78 32.67
C VAL B 82 16.15 -27.79 32.00
N PRO B 83 15.76 -28.88 32.68
CA PRO B 83 14.90 -29.88 32.03
C PRO B 83 13.45 -29.44 31.88
N MET B 84 13.08 -28.97 30.69
CA MET B 84 11.72 -28.49 30.44
C MET B 84 11.03 -29.28 29.33
N GLY B 85 11.51 -30.49 29.05
CA GLY B 85 10.91 -31.32 28.03
C GLY B 85 9.69 -32.07 28.55
N SER B 86 9.19 -32.97 27.71
CA SER B 86 8.00 -33.74 28.04
C SER B 86 8.21 -34.56 29.31
N GLY B 87 7.35 -34.33 30.31
CA GLY B 87 7.39 -35.11 31.53
C GLY B 87 8.55 -34.80 32.46
N GLN B 88 9.36 -33.80 32.13
CA GLN B 88 10.57 -33.45 32.87
C GLN B 88 10.22 -32.53 34.04
N GLU B 89 11.21 -32.26 34.91
CA GLU B 89 10.96 -31.55 36.17
C GLU B 89 10.41 -30.14 35.99
N ALA B 90 11.02 -29.37 35.08
CA ALA B 90 10.78 -27.93 34.98
C ALA B 90 9.99 -27.57 33.73
N ALA B 91 9.17 -28.49 33.24
CA ALA B 91 8.37 -28.23 32.06
C ALA B 91 7.18 -27.37 32.46
N VAL B 92 6.81 -26.45 31.57
CA VAL B 92 5.65 -25.58 31.79
C VAL B 92 4.81 -25.60 30.52
N PRO B 93 3.53 -25.21 30.62
CA PRO B 93 2.68 -25.21 29.43
C PRO B 93 3.21 -24.27 28.35
N VAL B 94 3.19 -24.75 27.12
CA VAL B 94 3.53 -23.96 25.95
C VAL B 94 2.30 -23.95 25.04
N THR B 95 1.83 -22.76 24.69
CA THR B 95 0.60 -22.60 23.92
C THR B 95 0.89 -21.91 22.60
N TRP B 96 0.46 -22.53 21.51
CA TRP B 96 0.46 -21.92 20.18
C TRP B 96 -0.89 -22.17 19.53
N THR B 97 -1.19 -21.37 18.51
CA THR B 97 -2.42 -21.52 17.74
C THR B 97 -2.14 -22.33 16.49
N GLU B 98 -2.96 -23.35 16.24
CA GLU B 98 -2.82 -24.15 15.04
C GLU B 98 -3.36 -23.33 13.86
N ILE B 99 -2.60 -23.29 12.77
CA ILE B 99 -2.82 -22.26 11.76
C ILE B 99 -4.12 -22.51 10.99
N PHE B 100 -4.46 -23.77 10.73
CA PHE B 100 -5.58 -24.03 9.82
C PHE B 100 -6.93 -23.99 10.51
N SER B 101 -7.01 -24.42 11.77
CA SER B 101 -8.25 -24.33 12.53
C SER B 101 -8.38 -23.01 13.29
N GLY B 102 -7.26 -22.42 13.70
CA GLY B 102 -7.29 -21.29 14.61
C GLY B 102 -7.49 -21.65 16.06
N LYS B 103 -7.27 -22.92 16.43
CA LYS B 103 -7.48 -23.41 17.78
C LYS B 103 -6.18 -23.40 18.55
N SER B 104 -6.28 -23.19 19.86
CA SER B 104 -5.10 -23.20 20.72
C SER B 104 -4.75 -24.63 21.10
N VAL B 105 -3.46 -24.94 21.04
CA VAL B 105 -2.93 -26.25 21.40
C VAL B 105 -1.82 -26.04 22.42
N ALA B 106 -1.90 -26.74 23.55
CA ALA B 106 -0.96 -26.58 24.64
C ALA B 106 -0.20 -27.89 24.86
N HIS B 107 1.11 -27.76 25.09
CA HIS B 107 1.95 -28.89 25.48
C HIS B 107 2.94 -28.40 26.53
N GLU B 108 3.17 -29.22 27.55
CA GLU B 108 4.17 -28.93 28.57
C GLU B 108 5.51 -29.51 28.12
N ASP B 109 6.07 -28.87 27.10
CA ASP B 109 7.26 -29.36 26.41
C ASP B 109 7.92 -28.21 25.67
N ILE B 110 9.16 -27.87 26.03
CA ILE B 110 9.85 -26.75 25.39
C ILE B 110 10.18 -27.10 23.94
N LYS B 111 10.24 -28.39 23.62
CA LYS B 111 10.44 -28.78 22.23
C LYS B 111 9.25 -28.41 21.37
N TYR B 112 8.07 -28.23 21.98
CA TYR B 112 6.95 -27.64 21.27
C TYR B 112 7.24 -26.18 20.92
N GLU B 113 7.83 -25.45 21.85
CA GLU B 113 8.22 -24.06 21.55
C GLU B 113 9.24 -24.00 20.44
N GLN B 114 10.25 -24.88 20.46
CA GLN B 114 11.23 -24.89 19.39
C GLN B 114 10.59 -25.27 18.06
N ALA B 115 9.66 -26.23 18.07
CA ALA B 115 9.04 -26.67 16.82
C ALA B 115 8.31 -25.52 16.14
N CYS B 116 7.57 -24.73 16.91
CA CYS B 116 6.79 -23.64 16.33
C CYS B 116 7.69 -22.50 15.86
N ILE B 117 8.75 -22.21 16.60
CA ILE B 117 9.71 -21.21 16.15
C ILE B 117 10.35 -21.64 14.85
N LEU B 118 10.69 -22.92 14.75
CA LEU B 118 11.28 -23.44 13.52
C LEU B 118 10.28 -23.41 12.38
N TYR B 119 9.01 -23.72 12.66
CA TYR B 119 7.96 -23.65 11.64
C TYR B 119 7.85 -22.25 11.07
N ASN B 120 7.81 -21.24 11.94
CA ASN B 120 7.69 -19.86 11.50
C ASN B 120 8.94 -19.38 10.80
N LEU B 121 10.09 -19.95 11.12
CA LEU B 121 11.31 -19.65 10.38
C LEU B 121 11.16 -20.06 8.92
N GLY B 122 10.67 -21.28 8.67
CA GLY B 122 10.46 -21.71 7.30
C GLY B 122 9.37 -20.93 6.59
N ALA B 123 8.31 -20.56 7.33
CA ALA B 123 7.24 -19.77 6.74
C ALA B 123 7.72 -18.37 6.36
N LEU B 124 8.54 -17.75 7.20
CA LEU B 124 9.05 -16.42 6.87
C LEU B 124 9.96 -16.46 5.66
N HIS B 125 10.80 -17.50 5.56
CA HIS B 125 11.62 -17.67 4.36
C HIS B 125 10.76 -17.82 3.11
N SER B 126 9.64 -18.54 3.22
CA SER B 126 8.76 -18.70 2.07
C SER B 126 8.12 -17.37 1.66
N MET B 127 7.92 -16.45 2.62
CA MET B 127 7.37 -15.14 2.29
C MET B 127 8.39 -14.25 1.58
N LEU B 128 9.62 -14.22 2.08
CA LEU B 128 10.66 -13.43 1.44
C LEU B 128 10.95 -13.92 0.03
N GLY B 129 10.87 -15.24 -0.19
CA GLY B 129 11.13 -15.76 -1.52
C GLY B 129 10.06 -15.36 -2.52
N ALA B 130 8.81 -15.29 -2.06
CA ALA B 130 7.69 -14.92 -2.92
C ALA B 130 7.58 -13.41 -3.09
N MET B 131 8.32 -12.62 -2.30
CA MET B 131 8.21 -11.17 -2.37
C MET B 131 8.97 -10.58 -3.55
N ASP B 132 10.08 -11.19 -3.96
CA ASP B 132 10.89 -10.63 -5.03
C ASP B 132 10.23 -10.86 -6.39
N LYS B 133 10.37 -9.88 -7.28
CA LYS B 133 9.81 -9.99 -8.63
C LYS B 133 10.63 -10.88 -9.55
N ARG B 134 11.85 -11.26 -9.15
CA ARG B 134 12.66 -12.23 -9.87
C ARG B 134 12.95 -11.79 -11.31
N VAL B 135 13.12 -10.48 -11.51
CA VAL B 135 13.49 -9.99 -12.83
C VAL B 135 15.01 -9.99 -13.04
N SER B 136 15.77 -9.73 -11.98
CA SER B 136 17.23 -9.75 -12.01
C SER B 136 17.77 -11.11 -11.61
N GLU B 137 18.99 -11.40 -12.05
CA GLU B 137 19.65 -12.64 -11.63
C GLU B 137 19.80 -12.67 -10.12
N GLU B 138 19.92 -11.51 -9.47
CA GLU B 138 19.86 -11.51 -8.00
C GLU B 138 18.46 -11.74 -7.46
N GLY B 139 17.42 -11.22 -8.11
CA GLY B 139 16.09 -11.51 -7.60
C GLY B 139 15.83 -13.00 -7.60
N MET B 140 16.33 -13.70 -8.62
CA MET B 140 16.19 -15.14 -8.69
C MET B 140 17.01 -15.84 -7.61
N LYS B 141 18.20 -15.34 -7.28
CA LYS B 141 19.03 -16.10 -6.35
C LYS B 141 18.58 -15.94 -4.90
N VAL B 142 18.07 -14.76 -4.50
CA VAL B 142 17.56 -14.66 -3.13
C VAL B 142 16.28 -15.46 -2.99
N SER B 143 15.44 -15.50 -4.01
CA SER B 143 14.23 -16.31 -3.93
C SER B 143 14.59 -17.79 -3.86
N CYS B 144 15.54 -18.23 -4.68
CA CYS B 144 15.96 -19.62 -4.65
C CYS B 144 16.52 -20.00 -3.28
N THR B 145 17.38 -19.15 -2.73
CA THR B 145 17.95 -19.42 -1.41
C THR B 145 16.87 -19.45 -0.34
N HIS B 146 15.96 -18.48 -0.38
CA HIS B 146 14.89 -18.41 0.61
C HIS B 146 14.01 -19.66 0.59
N PHE B 147 13.68 -20.15 -0.62
CA PHE B 147 12.84 -21.35 -0.72
C PHE B 147 13.60 -22.59 -0.27
N GLN B 148 14.90 -22.65 -0.53
CA GLN B 148 15.73 -23.74 -0.01
C GLN B 148 15.80 -23.69 1.51
N CYS B 149 15.87 -22.49 2.09
CA CYS B 149 15.86 -22.35 3.54
C CYS B 149 14.53 -22.75 4.13
N ALA B 150 13.43 -22.41 3.45
CA ALA B 150 12.11 -22.85 3.90
C ALA B 150 12.03 -24.37 3.91
N ALA B 151 12.47 -25.01 2.81
CA ALA B 151 12.51 -26.46 2.78
C ALA B 151 13.40 -27.02 3.87
N GLY B 152 14.52 -26.33 4.15
CA GLY B 152 15.43 -26.81 5.17
C GLY B 152 14.84 -26.76 6.56
N ALA B 153 14.07 -25.71 6.85
CA ALA B 153 13.46 -25.59 8.17
C ALA B 153 12.36 -26.64 8.39
N PHE B 154 11.50 -26.83 7.38
CA PHE B 154 10.44 -27.82 7.49
C PHE B 154 10.98 -29.25 7.48
N ALA B 155 12.05 -29.51 6.71
CA ALA B 155 12.63 -30.85 6.70
C ALA B 155 13.25 -31.19 8.06
N TYR B 156 14.08 -30.28 8.57
CA TYR B 156 14.63 -30.47 9.92
C TYR B 156 13.52 -30.68 10.93
N LEU B 157 12.42 -29.95 10.79
CA LEU B 157 11.33 -30.04 11.75
C LEU B 157 10.68 -31.42 11.74
N ARG B 158 10.49 -32.02 10.57
CA ARG B 158 9.85 -33.33 10.58
C ARG B 158 10.82 -34.46 10.93
N GLU B 159 12.12 -34.28 10.75
CA GLU B 159 13.04 -35.36 11.09
C GLU B 159 13.36 -35.35 12.58
N HIS B 160 13.74 -34.20 13.11
CA HIS B 160 14.10 -34.09 14.51
C HIS B 160 12.90 -33.83 15.40
N PHE B 161 11.70 -33.67 14.82
CA PHE B 161 10.46 -33.59 15.58
C PHE B 161 9.42 -34.52 14.97
N PRO B 162 9.67 -35.83 15.04
CA PRO B 162 8.68 -36.79 14.54
C PRO B 162 7.40 -36.78 15.35
N GLN B 163 7.42 -36.25 16.57
CA GLN B 163 6.20 -36.14 17.36
C GLN B 163 5.43 -34.91 16.91
N ALA B 164 4.24 -35.15 16.38
CA ALA B 164 3.45 -34.07 15.81
C ALA B 164 2.74 -33.39 16.96
N TYR B 165 3.02 -32.12 17.17
CA TYR B 165 2.36 -31.41 18.24
C TYR B 165 0.97 -30.92 17.85
N SER B 166 0.77 -30.61 16.57
CA SER B 166 -0.53 -30.28 16.02
C SER B 166 -0.52 -30.69 14.56
N VAL B 167 -1.72 -30.79 13.98
CA VAL B 167 -1.87 -31.34 12.64
C VAL B 167 -1.21 -30.49 11.57
N ASP B 168 -0.99 -29.19 11.83
CA ASP B 168 -0.32 -28.38 10.82
C ASP B 168 1.16 -28.68 10.72
N MET B 169 1.71 -29.50 11.62
CA MET B 169 3.12 -29.88 11.60
C MET B 169 3.29 -31.40 11.54
N SER B 170 2.29 -32.10 11.02
CA SER B 170 2.40 -33.54 10.85
C SER B 170 3.36 -33.86 9.71
N ARG B 171 3.73 -35.14 9.60
CA ARG B 171 4.74 -35.53 8.61
C ARG B 171 4.18 -35.44 7.20
N GLN B 172 2.87 -35.60 7.03
CA GLN B 172 2.29 -35.42 5.69
C GLN B 172 2.28 -33.95 5.28
N ILE B 173 1.99 -33.04 6.20
CA ILE B 173 1.94 -31.62 5.84
C ILE B 173 3.33 -31.05 5.65
N LEU B 174 4.27 -31.44 6.52
CA LEU B 174 5.65 -31.00 6.38
C LEU B 174 6.25 -31.50 5.06
N THR B 175 5.97 -32.74 4.69
CA THR B 175 6.43 -33.25 3.40
C THR B 175 5.86 -32.44 2.24
N LEU B 176 4.56 -32.09 2.33
CA LEU B 176 3.98 -31.20 1.34
C LEU B 176 4.70 -29.85 1.31
N ASN B 177 4.99 -29.29 2.48
CA ASN B 177 5.71 -28.02 2.55
C ASN B 177 7.09 -28.15 1.93
N VAL B 178 7.79 -29.25 2.22
CA VAL B 178 9.14 -29.41 1.69
C VAL B 178 9.10 -29.52 0.17
N ASN B 179 8.20 -30.36 -0.37
CA ASN B 179 8.16 -30.54 -1.81
C ASN B 179 7.74 -29.28 -2.56
N LEU B 180 6.86 -28.49 -1.96
CA LEU B 180 6.45 -27.25 -2.59
C LEU B 180 7.55 -26.19 -2.51
N MET B 181 8.28 -26.13 -1.39
CA MET B 181 9.35 -25.15 -1.35
C MET B 181 10.47 -25.52 -2.31
N LEU B 182 10.72 -26.81 -2.50
CA LEU B 182 11.77 -27.23 -3.44
C LEU B 182 11.36 -27.01 -4.89
N GLY B 183 10.08 -27.21 -5.21
CA GLY B 183 9.63 -26.93 -6.56
C GLY B 183 9.75 -25.46 -6.92
N GLN B 184 9.47 -24.58 -5.97
CA GLN B 184 9.60 -23.15 -6.21
C GLN B 184 11.06 -22.73 -6.24
N ALA B 185 11.92 -23.38 -5.44
CA ALA B 185 13.35 -23.13 -5.55
C ALA B 185 13.88 -23.57 -6.90
N GLN B 186 13.53 -24.79 -7.31
CA GLN B 186 13.92 -25.28 -8.63
C GLN B 186 13.34 -24.42 -9.76
N GLU B 187 12.16 -23.83 -9.52
CA GLU B 187 11.56 -22.94 -10.52
C GLU B 187 12.37 -21.65 -10.66
N CYS B 188 12.89 -21.13 -9.56
CA CYS B 188 13.77 -19.96 -9.63
C CYS B 188 15.02 -20.28 -10.45
N LEU B 189 15.58 -21.47 -10.25
CA LEU B 189 16.76 -21.86 -11.02
C LEU B 189 16.43 -22.05 -12.49
N LEU B 190 15.23 -22.55 -12.80
CA LEU B 190 14.81 -22.63 -14.19
C LEU B 190 14.77 -21.25 -14.81
N GLU B 191 14.18 -20.28 -14.11
CA GLU B 191 14.18 -18.89 -14.57
C GLU B 191 15.60 -18.40 -14.84
N LYS B 192 16.54 -18.74 -13.96
CA LYS B 192 17.92 -18.31 -14.13
C LYS B 192 18.58 -18.99 -15.34
N SER B 193 18.33 -20.29 -15.54
CA SER B 193 18.90 -21.00 -16.67
C SER B 193 18.34 -20.49 -17.99
N MET B 194 17.10 -19.98 -17.98
CA MET B 194 16.53 -19.39 -19.19
C MET B 194 17.11 -18.02 -19.48
N LEU B 195 17.51 -17.29 -18.44
CA LEU B 195 18.15 -15.99 -18.64
C LEU B 195 19.57 -16.14 -19.17
N ASP B 196 20.31 -17.16 -18.70
CA ASP B 196 21.65 -17.41 -19.21
C ASP B 196 21.69 -17.93 -20.64
N ASN B 197 20.55 -18.34 -21.20
CA ASN B 197 20.51 -19.03 -22.48
C ASN B 197 21.38 -20.29 -22.46
N ARG B 198 21.13 -21.14 -21.45
CA ARG B 198 21.85 -22.40 -21.34
C ARG B 198 21.31 -23.41 -22.36
N LYS B 199 21.91 -24.60 -22.35
CA LYS B 199 21.64 -25.59 -23.38
C LYS B 199 20.22 -26.12 -23.23
N SER B 200 19.56 -26.35 -24.37
CA SER B 200 18.13 -26.65 -24.35
C SER B 200 17.85 -27.94 -23.58
N PHE B 201 18.70 -28.95 -23.74
CA PHE B 201 18.51 -30.19 -23.00
C PHE B 201 18.60 -29.94 -21.50
N LEU B 202 19.55 -29.11 -21.09
CA LEU B 202 19.73 -28.79 -19.68
C LEU B 202 18.51 -28.08 -19.12
N VAL B 203 18.00 -27.09 -19.85
CA VAL B 203 16.79 -26.40 -19.43
C VAL B 203 15.64 -27.38 -19.32
N ALA B 204 15.57 -28.36 -20.24
CA ALA B 204 14.52 -29.36 -20.18
C ALA B 204 14.62 -30.21 -18.91
N ARG B 205 15.84 -30.59 -18.53
CA ARG B 205 16.02 -31.38 -17.31
C ARG B 205 15.68 -30.57 -16.06
N ILE B 206 16.05 -29.29 -16.04
CA ILE B 206 15.70 -28.44 -14.91
C ILE B 206 14.19 -28.29 -14.80
N SER B 207 13.52 -28.09 -15.94
CA SER B 207 12.07 -27.98 -15.95
C SER B 207 11.39 -29.30 -15.65
N ALA B 208 12.03 -30.42 -16.00
CA ALA B 208 11.46 -31.71 -15.63
C ALA B 208 11.46 -31.90 -14.12
N GLN B 209 12.44 -31.31 -13.43
CA GLN B 209 12.52 -31.47 -11.98
C GLN B 209 11.46 -30.65 -11.24
N VAL B 210 11.09 -29.46 -11.74
CA VAL B 210 10.00 -28.72 -11.10
C VAL B 210 8.71 -29.52 -11.16
N VAL B 211 8.50 -30.25 -12.26
CA VAL B 211 7.28 -31.08 -12.37
C VAL B 211 7.31 -32.18 -11.31
N ASP B 212 8.48 -32.80 -11.11
CA ASP B 212 8.58 -33.89 -10.16
C ASP B 212 8.30 -33.42 -8.74
N TYR B 213 8.82 -32.25 -8.36
CA TYR B 213 8.53 -31.70 -7.03
C TYR B 213 7.05 -31.36 -6.90
N TYR B 214 6.50 -30.65 -7.89
CA TYR B 214 5.09 -30.28 -7.84
C TYR B 214 4.18 -31.49 -7.90
N LYS B 215 4.65 -32.62 -8.42
CA LYS B 215 3.83 -33.81 -8.40
C LYS B 215 3.69 -34.36 -6.99
N GLU B 216 4.75 -34.25 -6.19
CA GLU B 216 4.65 -34.72 -4.81
C GLU B 216 3.84 -33.77 -3.95
N ALA B 217 3.90 -32.48 -4.23
CA ALA B 217 3.02 -31.55 -3.53
C ALA B 217 1.56 -31.81 -3.89
N CYS B 218 1.29 -32.13 -5.16
CA CYS B 218 -0.08 -32.38 -5.59
C CYS B 218 -0.64 -33.66 -4.98
N ARG B 219 0.13 -34.74 -5.03
CA ARG B 219 -0.33 -36.01 -4.47
C ARG B 219 -0.69 -35.86 -2.99
N ALA B 220 0.05 -35.03 -2.27
CA ALA B 220 -0.30 -34.75 -0.88
C ALA B 220 -1.57 -33.89 -0.80
N LEU B 221 -1.70 -32.90 -1.70
CA LEU B 221 -2.86 -32.01 -1.66
C LEU B 221 -4.13 -32.69 -2.12
N GLU B 222 -4.05 -33.76 -2.90
CA GLU B 222 -5.24 -34.45 -3.35
C GLU B 222 -5.68 -35.56 -2.40
N ASN B 223 -4.91 -35.83 -1.36
CA ASN B 223 -5.36 -36.78 -0.35
C ASN B 223 -6.55 -36.18 0.40
N PRO B 224 -7.63 -36.94 0.59
CA PRO B 224 -8.83 -36.35 1.21
C PRO B 224 -8.61 -35.84 2.63
N ASP B 225 -7.82 -36.55 3.43
CA ASP B 225 -7.57 -36.09 4.80
C ASP B 225 -6.85 -34.74 4.80
N THR B 226 -5.88 -34.55 3.89
CA THR B 226 -5.19 -33.27 3.80
C THR B 226 -6.15 -32.16 3.39
N ALA B 227 -7.06 -32.45 2.45
CA ALA B 227 -8.02 -31.45 2.01
C ALA B 227 -8.95 -31.02 3.15
N SER B 228 -9.36 -31.97 4.00
CA SER B 228 -10.24 -31.63 5.11
C SER B 228 -9.55 -30.72 6.12
N LEU B 229 -8.23 -30.88 6.29
CA LEU B 229 -7.48 -30.04 7.22
C LEU B 229 -7.23 -28.64 6.66
N LEU B 230 -6.69 -28.55 5.45
CA LEU B 230 -6.35 -27.25 4.90
C LEU B 230 -7.60 -26.48 4.44
N GLY B 231 -8.66 -27.19 4.08
CA GLY B 231 -9.88 -26.50 3.69
C GLY B 231 -9.72 -25.76 2.37
N ARG B 232 -10.18 -24.51 2.33
CA ARG B 232 -10.03 -23.68 1.15
C ARG B 232 -8.59 -23.57 0.68
N ILE B 233 -7.62 -23.53 1.61
CA ILE B 233 -6.21 -23.41 1.25
C ILE B 233 -5.78 -24.53 0.31
N GLN B 234 -6.22 -25.77 0.60
CA GLN B 234 -5.87 -26.88 -0.27
C GLN B 234 -6.38 -26.66 -1.69
N LYS B 235 -7.48 -25.93 -1.84
CA LYS B 235 -8.07 -25.83 -3.16
C LYS B 235 -7.31 -24.78 -3.96
N ASP B 236 -6.81 -23.77 -3.24
CA ASP B 236 -6.03 -22.70 -3.83
C ASP B 236 -4.67 -23.18 -4.27
N TRP B 237 -4.01 -23.93 -3.40
CA TRP B 237 -2.70 -24.49 -3.74
C TRP B 237 -2.82 -25.48 -4.87
N LYS B 238 -3.86 -26.32 -4.85
CA LYS B 238 -3.99 -27.35 -5.87
C LYS B 238 -4.15 -26.74 -7.26
N LYS B 239 -4.96 -25.69 -7.38
CA LYS B 239 -5.17 -25.08 -8.69
C LYS B 239 -3.89 -24.49 -9.26
N LEU B 240 -3.06 -23.89 -8.41
CA LEU B 240 -1.80 -23.34 -8.90
C LEU B 240 -0.78 -24.44 -9.16
N VAL B 241 -0.69 -25.43 -8.27
CA VAL B 241 0.29 -26.50 -8.45
C VAL B 241 -0.05 -27.35 -9.67
N GLN B 242 -1.31 -27.74 -9.79
CA GLN B 242 -1.73 -28.56 -10.92
C GLN B 242 -1.45 -27.85 -12.24
N MET B 243 -1.74 -26.55 -12.29
CA MET B 243 -1.41 -25.79 -13.49
C MET B 243 0.09 -25.81 -13.76
N LYS B 244 0.89 -25.61 -12.70
CA LYS B 244 2.33 -25.55 -12.89
C LYS B 244 2.90 -26.88 -13.35
N ILE B 245 2.28 -27.99 -12.93
CA ILE B 245 2.71 -29.31 -13.40
C ILE B 245 2.65 -29.35 -14.92
N TYR B 246 1.52 -28.96 -15.49
CA TYR B 246 1.38 -29.02 -16.93
C TYR B 246 2.15 -27.90 -17.63
N TYR B 247 2.24 -26.73 -17.00
CA TYR B 247 2.99 -25.62 -17.59
C TYR B 247 4.46 -26.00 -17.75
N PHE B 248 5.08 -26.48 -16.68
CA PHE B 248 6.50 -26.79 -16.75
C PHE B 248 6.79 -28.12 -17.45
N ALA B 249 5.81 -29.00 -17.55
CA ALA B 249 5.96 -30.14 -18.43
C ALA B 249 6.02 -29.70 -19.89
N ALA B 250 5.20 -28.71 -20.26
CA ALA B 250 5.24 -28.16 -21.61
C ALA B 250 6.56 -27.44 -21.89
N VAL B 251 7.03 -26.64 -20.93
CA VAL B 251 8.31 -25.95 -21.09
C VAL B 251 9.44 -26.96 -21.27
N ALA B 252 9.36 -28.08 -20.55
CA ALA B 252 10.39 -29.11 -20.68
C ALA B 252 10.39 -29.73 -22.07
N HIS B 253 9.20 -30.03 -22.60
CA HIS B 253 9.13 -30.62 -23.92
C HIS B 253 9.37 -29.58 -25.00
N LEU B 254 9.08 -28.31 -24.73
CA LEU B 254 9.44 -27.25 -25.66
C LEU B 254 10.94 -27.23 -25.89
N HIS B 255 11.72 -27.34 -24.82
CA HIS B 255 13.16 -27.34 -24.94
C HIS B 255 13.70 -28.68 -25.41
N MET B 256 12.92 -29.75 -25.26
CA MET B 256 13.28 -31.02 -25.90
C MET B 256 13.16 -30.91 -27.42
N GLY B 257 12.11 -30.24 -27.89
CA GLY B 257 11.99 -29.99 -29.32
C GLY B 257 13.02 -29.01 -29.86
N LYS B 258 13.49 -28.08 -29.03
CA LYS B 258 14.51 -27.15 -29.49
C LYS B 258 15.86 -27.83 -29.64
N GLN B 259 16.12 -28.88 -28.85
CA GLN B 259 17.36 -29.64 -29.03
C GLN B 259 17.30 -30.54 -30.26
N ALA B 260 16.14 -31.17 -30.51
CA ALA B 260 15.98 -31.91 -31.75
C ALA B 260 16.16 -31.00 -32.96
N GLU B 261 15.75 -29.74 -32.85
CA GLU B 261 16.00 -28.79 -33.92
C GLU B 261 17.49 -28.54 -34.11
N GLU B 262 18.23 -28.42 -33.00
CA GLU B 262 19.68 -28.26 -33.09
C GLU B 262 20.36 -29.51 -33.65
N GLN B 263 19.74 -30.68 -33.44
CA GLN B 263 20.27 -31.96 -33.94
C GLN B 263 19.76 -32.32 -35.33
N GLN B 264 18.99 -31.43 -35.98
CA GLN B 264 18.42 -31.66 -37.31
C GLN B 264 17.59 -32.95 -37.36
N LYS B 265 16.76 -33.15 -36.34
CA LYS B 265 15.75 -34.20 -36.33
C LYS B 265 14.39 -33.53 -36.34
N PHE B 266 13.90 -33.24 -37.54
CA PHE B 266 12.71 -32.41 -37.67
C PHE B 266 11.40 -33.20 -37.48
N GLY B 267 11.45 -34.53 -37.55
CA GLY B 267 10.28 -35.31 -37.20
C GLY B 267 10.10 -35.39 -35.70
N GLU B 268 11.21 -35.63 -35.00
CA GLU B 268 11.22 -35.62 -33.55
C GLU B 268 10.83 -34.24 -33.01
N ARG B 269 11.19 -33.19 -33.75
CA ARG B 269 10.89 -31.82 -33.33
C ARG B 269 9.39 -31.55 -33.35
N VAL B 270 8.68 -32.14 -34.32
CA VAL B 270 7.23 -32.01 -34.37
C VAL B 270 6.58 -32.72 -33.19
N ALA B 271 7.11 -33.90 -32.82
CA ALA B 271 6.51 -34.66 -31.73
C ALA B 271 6.63 -33.94 -30.41
N TYR B 272 7.81 -33.37 -30.12
CA TYR B 272 7.98 -32.68 -28.84
C TYR B 272 7.18 -31.39 -28.80
N PHE B 273 7.13 -30.64 -29.91
CA PHE B 273 6.35 -29.42 -29.95
C PHE B 273 4.86 -29.70 -29.81
N GLN B 274 4.39 -30.79 -30.42
CA GLN B 274 2.99 -31.18 -30.26
C GLN B 274 2.69 -31.53 -28.81
N SER B 275 3.61 -32.23 -28.15
CA SER B 275 3.42 -32.54 -26.74
C SER B 275 3.36 -31.28 -25.88
N ALA B 276 4.28 -30.34 -26.12
CA ALA B 276 4.29 -29.10 -25.36
C ALA B 276 2.97 -28.35 -25.54
N LEU B 277 2.42 -28.37 -26.75
CA LEU B 277 1.18 -27.65 -27.02
C LEU B 277 0.00 -28.33 -26.32
N ASP B 278 -0.02 -29.66 -26.31
CA ASP B 278 -1.08 -30.36 -25.59
C ASP B 278 -1.01 -30.08 -24.08
N LYS B 279 0.21 -30.11 -23.51
CA LYS B 279 0.34 -29.89 -22.09
C LYS B 279 0.03 -28.45 -21.70
N LEU B 280 0.41 -27.49 -22.54
CA LEU B 280 0.11 -26.10 -22.23
C LEU B 280 -1.38 -25.81 -22.38
N ASN B 281 -2.05 -26.46 -23.33
CA ASN B 281 -3.51 -26.33 -23.41
C ASN B 281 -4.19 -26.85 -22.15
N GLU B 282 -3.64 -27.90 -21.54
CA GLU B 282 -4.16 -28.38 -20.28
C GLU B 282 -3.93 -27.38 -19.16
N ALA B 283 -2.75 -26.74 -19.15
CA ALA B 283 -2.44 -25.74 -18.13
C ALA B 283 -3.38 -24.54 -18.23
N ILE B 284 -3.75 -24.15 -19.45
CA ILE B 284 -4.70 -23.06 -19.63
C ILE B 284 -6.04 -23.43 -19.03
N LYS B 285 -6.48 -24.68 -19.25
CA LYS B 285 -7.77 -25.09 -18.72
C LYS B 285 -7.76 -25.17 -17.19
N LEU B 286 -6.64 -25.54 -16.60
CA LEU B 286 -6.54 -25.55 -15.15
C LEU B 286 -6.32 -24.15 -14.58
N ALA B 287 -6.04 -23.17 -15.42
CA ALA B 287 -5.76 -21.81 -14.99
C ALA B 287 -7.00 -20.91 -15.05
N LYS B 288 -8.18 -21.49 -15.24
CA LYS B 288 -9.39 -20.70 -15.30
C LYS B 288 -9.64 -20.02 -13.96
N GLY B 289 -9.74 -18.69 -13.98
CA GLY B 289 -9.94 -17.92 -12.77
C GLY B 289 -8.67 -17.44 -12.08
N GLN B 290 -7.49 -17.87 -12.54
CA GLN B 290 -6.25 -17.44 -11.93
C GLN B 290 -5.97 -15.98 -12.27
N PRO B 291 -5.17 -15.29 -11.43
CA PRO B 291 -4.90 -13.86 -11.67
C PRO B 291 -4.12 -13.62 -12.95
N ASP B 292 -4.02 -12.33 -13.29
CA ASP B 292 -3.37 -11.95 -14.54
C ASP B 292 -1.89 -12.29 -14.58
N THR B 293 -1.24 -12.43 -13.42
CA THR B 293 0.15 -12.90 -13.40
C THR B 293 0.27 -14.25 -14.10
N VAL B 294 -0.64 -15.17 -13.77
CA VAL B 294 -0.63 -16.49 -14.41
C VAL B 294 -0.97 -16.36 -15.88
N GLN B 295 -2.01 -15.59 -16.21
CA GLN B 295 -2.48 -15.57 -17.59
C GLN B 295 -1.45 -14.93 -18.52
N ASP B 296 -0.73 -13.92 -18.04
CA ASP B 296 0.32 -13.31 -18.86
C ASP B 296 1.42 -14.32 -19.18
N ALA B 297 1.77 -15.16 -18.21
CA ALA B 297 2.81 -16.16 -18.45
C ALA B 297 2.34 -17.24 -19.41
N LEU B 298 1.07 -17.65 -19.31
CA LEU B 298 0.62 -18.70 -20.22
C LEU B 298 0.37 -18.18 -21.63
N ARG B 299 -0.13 -16.95 -21.74
CA ARG B 299 -0.38 -16.38 -23.06
C ARG B 299 0.93 -16.11 -23.78
N PHE B 300 1.97 -15.67 -23.06
CA PHE B 300 3.29 -15.49 -23.64
C PHE B 300 3.84 -16.83 -24.12
N THR B 301 3.78 -17.86 -23.26
CA THR B 301 4.34 -19.16 -23.63
C THR B 301 3.65 -19.76 -24.83
N MET B 302 2.36 -19.51 -24.98
CA MET B 302 1.65 -20.05 -26.14
C MET B 302 2.04 -19.35 -27.43
N ASP B 303 2.36 -18.05 -27.37
CA ASP B 303 2.89 -17.42 -28.57
C ASP B 303 4.14 -18.14 -29.05
N VAL B 304 5.00 -18.55 -28.10
CA VAL B 304 6.19 -19.30 -28.44
C VAL B 304 5.82 -20.69 -28.95
N ILE B 305 5.11 -21.47 -28.13
CA ILE B 305 4.85 -22.87 -28.44
C ILE B 305 3.89 -23.02 -29.61
N GLY B 306 2.86 -22.18 -29.68
CA GLY B 306 1.90 -22.30 -30.76
C GLY B 306 2.51 -22.03 -32.12
N GLY B 307 3.27 -20.95 -32.24
CA GLY B 307 3.91 -20.63 -33.50
C GLY B 307 5.04 -21.57 -33.88
N LYS B 308 5.79 -22.08 -32.88
CA LYS B 308 6.94 -22.93 -33.19
C LYS B 308 6.44 -24.32 -33.59
N TYR B 309 5.23 -24.69 -33.13
CA TYR B 309 4.65 -25.97 -33.54
C TYR B 309 4.16 -25.91 -34.98
N ASN B 310 3.41 -24.85 -35.33
CA ASN B 310 2.92 -24.73 -36.71
C ASN B 310 4.10 -24.67 -37.67
N SER B 311 5.14 -23.98 -37.25
CA SER B 311 6.37 -23.81 -38.00
C SER B 311 7.11 -25.13 -38.18
N ALA B 312 7.10 -25.99 -37.14
CA ALA B 312 7.79 -27.27 -37.26
C ALA B 312 7.00 -28.25 -38.11
N LYS B 313 5.68 -28.30 -37.94
CA LYS B 313 4.88 -29.23 -38.73
C LYS B 313 4.89 -28.86 -40.20
N LYS B 314 4.89 -27.56 -40.50
CA LYS B 314 4.93 -27.13 -41.90
C LYS B 314 6.25 -27.49 -42.57
N ASP B 315 7.37 -27.26 -41.88
CA ASP B 315 8.67 -27.57 -42.47
C ASP B 315 8.83 -29.06 -42.71
N ASN B 316 8.31 -29.89 -41.80
CA ASN B 316 8.51 -31.33 -41.97
C ASN B 316 7.55 -31.91 -43.01
N ASP B 317 6.32 -31.41 -43.07
CA ASP B 317 5.34 -31.96 -44.01
C ASP B 317 5.63 -31.57 -45.45
N PHE B 318 6.46 -30.55 -45.68
CA PHE B 318 6.68 -30.03 -47.02
C PHE B 318 8.15 -29.95 -47.42
N ILE B 319 9.09 -30.15 -46.50
CA ILE B 319 10.51 -30.09 -46.85
C ILE B 319 11.22 -31.36 -46.42
N TYR B 320 11.16 -31.69 -45.13
CA TYR B 320 11.97 -32.79 -44.61
C TYR B 320 11.29 -34.16 -44.71
N HIS B 321 9.98 -34.21 -44.50
CA HIS B 321 9.20 -35.46 -44.62
C HIS B 321 9.74 -36.57 -43.74
N GLU B 322 10.17 -36.22 -42.53
CA GLU B 322 10.67 -37.22 -41.61
C GLU B 322 9.54 -37.74 -40.72
N ALA B 323 9.66 -38.99 -40.32
CA ALA B 323 8.63 -39.65 -39.53
C ALA B 323 8.51 -38.99 -38.15
N VAL B 324 7.28 -38.71 -37.76
CA VAL B 324 7.00 -38.11 -36.44
C VAL B 324 6.88 -39.26 -35.44
N PRO B 325 7.87 -39.46 -34.57
CA PRO B 325 7.82 -40.62 -33.66
C PRO B 325 6.80 -40.40 -32.56
N ALA B 326 6.14 -41.48 -32.15
CA ALA B 326 5.32 -41.46 -30.95
C ALA B 326 6.17 -41.17 -29.72
N LEU B 327 5.53 -40.62 -28.68
CA LEU B 327 6.28 -40.11 -27.54
C LEU B 327 6.72 -41.23 -26.59
N ASP B 328 5.99 -42.35 -26.57
CA ASP B 328 6.39 -43.50 -25.76
C ASP B 328 7.68 -44.14 -26.28
N THR B 329 8.02 -43.91 -27.55
CA THR B 329 9.19 -44.47 -28.20
C THR B 329 10.45 -43.63 -27.97
N LEU B 330 10.37 -42.59 -27.14
CA LEU B 330 11.52 -41.77 -26.82
C LEU B 330 11.73 -41.79 -25.31
N GLN B 331 12.98 -41.98 -24.89
CA GLN B 331 13.29 -42.11 -23.47
C GLN B 331 12.96 -40.80 -22.74
N PRO B 332 12.22 -40.86 -21.63
CA PRO B 332 11.79 -39.63 -20.95
C PRO B 332 12.96 -38.79 -20.47
N VAL B 333 12.66 -37.53 -20.17
CA VAL B 333 13.66 -36.59 -19.66
C VAL B 333 13.74 -36.76 -18.15
N LYS B 334 14.93 -37.05 -17.66
CA LYS B 334 15.15 -37.24 -16.24
C LYS B 334 15.46 -35.91 -15.58
N GLY B 335 14.79 -35.61 -14.47
CA GLY B 335 14.96 -34.32 -13.82
C GLY B 335 16.33 -34.16 -13.22
N ALA B 336 16.77 -32.90 -13.11
CA ALA B 336 18.08 -32.55 -12.56
C ALA B 336 17.89 -31.87 -11.21
N PRO B 337 17.91 -32.62 -10.11
CA PRO B 337 17.73 -31.98 -8.80
C PRO B 337 18.95 -31.15 -8.39
N LEU B 338 18.86 -29.84 -8.55
CA LEU B 338 19.95 -28.94 -8.21
C LEU B 338 19.68 -28.14 -6.95
N VAL B 339 18.45 -28.14 -6.46
CA VAL B 339 18.10 -27.44 -5.23
C VAL B 339 17.98 -28.49 -4.14
N LYS B 340 18.28 -28.08 -2.91
CA LYS B 340 18.25 -28.96 -1.76
C LYS B 340 17.69 -28.21 -0.57
N PRO B 341 17.13 -28.92 0.41
CA PRO B 341 16.86 -28.32 1.72
C PRO B 341 18.16 -27.89 2.38
N LEU B 342 18.38 -26.59 2.57
CA LEU B 342 19.62 -26.16 3.19
C LEU B 342 19.58 -26.48 4.69
N PRO B 343 20.66 -27.01 5.25
CA PRO B 343 20.61 -27.50 6.63
C PRO B 343 20.39 -26.38 7.63
N VAL B 344 19.75 -26.72 8.74
CA VAL B 344 19.52 -25.80 9.85
C VAL B 344 20.35 -26.28 11.03
N ASN B 345 21.32 -25.47 11.45
CA ASN B 345 22.05 -25.74 12.68
C ASN B 345 21.49 -24.83 13.75
N PRO B 346 20.65 -25.34 14.66
CA PRO B 346 20.02 -24.45 15.64
C PRO B 346 21.01 -23.78 16.58
N THR B 347 22.14 -24.42 16.88
CA THR B 347 23.07 -23.93 17.89
C THR B 347 24.36 -23.38 17.28
N ASP B 348 24.28 -22.83 16.09
CA ASP B 348 25.42 -22.15 15.49
C ASP B 348 25.74 -20.91 16.31
N PRO B 349 26.93 -20.82 16.94
CA PRO B 349 27.24 -19.65 17.76
C PRO B 349 27.21 -18.34 16.98
N ALA B 350 27.34 -18.38 15.66
CA ALA B 350 27.32 -17.15 14.86
C ALA B 350 25.92 -16.55 14.77
N VAL B 351 24.88 -17.37 14.85
CA VAL B 351 23.50 -16.87 14.70
C VAL B 351 22.89 -16.64 16.07
N THR B 352 23.32 -17.40 17.07
CA THR B 352 22.76 -17.31 18.42
C THR B 352 23.43 -16.25 19.27
N GLY B 353 24.72 -15.99 19.09
CA GLY B 353 25.46 -15.17 20.01
C GLY B 353 25.78 -15.93 21.29
N PRO B 354 26.21 -15.21 22.32
CA PRO B 354 26.56 -15.88 23.58
C PRO B 354 25.37 -16.57 24.22
N ASP B 355 25.66 -17.66 24.93
CA ASP B 355 24.65 -18.36 25.72
C ASP B 355 24.16 -17.45 26.84
N ILE B 356 22.87 -17.15 26.85
CA ILE B 356 22.31 -16.26 27.86
C ILE B 356 22.57 -16.80 29.26
N PHE B 357 22.40 -18.11 29.46
CA PHE B 357 22.58 -18.75 30.76
C PHE B 357 23.96 -19.40 30.89
N ALA B 358 25.00 -18.79 30.32
CA ALA B 358 26.34 -19.37 30.37
C ALA B 358 26.89 -19.44 31.79
N LYS B 359 26.46 -18.53 32.67
CA LYS B 359 26.99 -18.51 34.04
C LYS B 359 26.36 -19.58 34.92
N LEU B 360 25.30 -20.25 34.46
CA LEU B 360 24.60 -21.25 35.28
C LEU B 360 25.25 -22.60 35.06
N VAL B 361 26.19 -22.94 35.93
CA VAL B 361 26.93 -24.20 35.86
C VAL B 361 26.80 -25.01 37.15
N MET C 1 -6.96 -2.07 -30.82
CA MET C 1 -6.66 -0.86 -30.04
C MET C 1 -7.75 -0.56 -29.02
N GLU C 2 -8.72 -1.47 -28.91
CA GLU C 2 -9.81 -1.32 -27.96
C GLU C 2 -9.36 -1.63 -26.54
N ALA C 3 -8.47 -2.62 -26.38
CA ALA C 3 -7.95 -3.02 -25.08
C ALA C 3 -6.58 -2.40 -24.80
N VAL C 4 -6.33 -1.21 -25.31
CA VAL C 4 -5.01 -0.58 -25.14
C VAL C 4 -4.81 -0.22 -23.68
N PRO C 5 -3.62 -0.45 -23.12
CA PRO C 5 -3.33 0.07 -21.78
C PRO C 5 -3.45 1.59 -21.76
N ARG C 6 -3.78 2.12 -20.59
CA ARG C 6 -4.11 3.52 -20.41
C ARG C 6 -2.88 4.30 -19.94
N MET C 7 -2.72 5.50 -20.49
CA MET C 7 -1.63 6.37 -20.06
C MET C 7 -1.90 6.91 -18.66
N PRO C 8 -0.85 7.21 -17.90
CA PRO C 8 -1.07 7.86 -16.60
C PRO C 8 -1.46 9.31 -16.80
N MET C 9 -2.11 9.88 -15.78
CA MET C 9 -2.60 11.25 -15.84
C MET C 9 -1.84 12.12 -14.83
N ILE C 10 -1.80 13.41 -15.12
CA ILE C 10 -1.21 14.41 -14.24
C ILE C 10 -2.28 14.90 -13.27
N TRP C 11 -1.91 15.09 -12.01
CA TRP C 11 -2.80 15.64 -11.00
C TRP C 11 -2.08 16.76 -10.26
N LEU C 12 -2.87 17.63 -9.63
CA LEU C 12 -2.38 18.75 -8.86
C LEU C 12 -2.57 18.52 -7.37
N ASP C 13 -1.60 18.95 -6.58
CA ASP C 13 -1.71 18.83 -5.14
C ASP C 13 -2.72 19.86 -4.61
N LEU C 14 -3.23 19.58 -3.42
CA LEU C 14 -4.11 20.52 -2.73
C LEU C 14 -3.28 21.45 -1.88
N LYS C 15 -3.82 22.65 -1.66
CA LYS C 15 -3.13 23.65 -0.85
C LYS C 15 -3.35 23.36 0.62
N GLU C 16 -2.34 23.68 1.42
CA GLU C 16 -2.42 23.45 2.86
C GLU C 16 -2.96 24.72 3.51
N ALA C 17 -3.91 24.54 4.42
CA ALA C 17 -4.63 25.67 5.00
C ALA C 17 -4.05 26.06 6.35
N GLY C 18 -4.21 27.33 6.68
CA GLY C 18 -3.84 27.85 7.98
C GLY C 18 -5.06 28.26 8.76
N ASP C 19 -4.94 29.30 9.57
CA ASP C 19 -6.03 29.70 10.43
C ASP C 19 -7.04 30.56 9.70
N PHE C 20 -8.29 30.50 10.18
CA PHE C 20 -9.39 31.34 9.70
C PHE C 20 -10.32 31.50 10.92
N HIS C 21 -9.95 32.43 11.79
CA HIS C 21 -10.64 32.62 13.07
C HIS C 21 -11.84 33.55 12.87
N PHE C 22 -12.92 32.96 12.33
CA PHE C 22 -14.11 33.74 12.03
C PHE C 22 -15.05 33.87 13.24
N GLN C 23 -14.88 33.04 14.25
CA GLN C 23 -15.83 33.05 15.37
C GLN C 23 -15.80 34.35 16.16
N PRO C 24 -14.64 34.88 16.59
CA PRO C 24 -14.69 36.16 17.33
C PRO C 24 -15.27 37.30 16.50
N ALA C 25 -14.97 37.35 15.21
CA ALA C 25 -15.43 38.46 14.38
C ALA C 25 -16.93 38.39 14.14
N VAL C 26 -17.47 37.18 13.89
CA VAL C 26 -18.89 37.04 13.64
C VAL C 26 -19.69 37.38 14.90
N LYS C 27 -19.22 36.92 16.06
CA LYS C 27 -19.93 37.25 17.29
C LYS C 27 -19.91 38.75 17.57
N LYS C 28 -18.85 39.45 17.13
CA LYS C 28 -18.78 40.88 17.38
C LYS C 28 -19.72 41.64 16.46
N PHE C 29 -19.97 41.09 15.27
CA PHE C 29 -20.87 41.72 14.32
C PHE C 29 -22.33 41.45 14.63
N VAL C 30 -22.65 40.26 15.15
CA VAL C 30 -24.04 39.96 15.50
C VAL C 30 -24.50 40.85 16.65
N LEU C 31 -23.60 41.19 17.58
CA LEU C 31 -23.96 42.07 18.69
C LEU C 31 -24.14 43.50 18.23
N LYS C 32 -23.14 44.03 17.51
CA LYS C 32 -23.18 45.44 17.17
C LYS C 32 -24.24 45.73 16.11
N ASN C 33 -24.30 44.94 15.04
CA ASN C 33 -25.11 45.28 13.87
C ASN C 33 -26.53 44.74 13.94
N TYR C 34 -26.69 43.45 14.20
CA TYR C 34 -28.00 42.80 14.29
C TYR C 34 -28.65 43.00 15.66
N GLY C 35 -27.95 43.64 16.59
CA GLY C 35 -28.43 43.82 17.94
C GLY C 35 -28.56 42.53 18.72
N GLU C 36 -27.95 41.45 18.22
CA GLU C 36 -27.97 40.17 18.89
C GLU C 36 -26.58 39.81 19.36
N ASN C 37 -25.71 36.31 24.21
CA ASN C 37 -26.74 36.45 23.18
C ASN C 37 -26.14 36.42 21.77
N PRO C 38 -24.92 36.94 21.58
CA PRO C 38 -24.14 36.50 20.41
C PRO C 38 -23.90 35.02 20.46
N GLU C 39 -24.06 34.44 21.65
CA GLU C 39 -23.84 33.04 21.94
C GLU C 39 -25.09 32.20 21.67
N ALA C 40 -26.12 32.82 21.08
CA ALA C 40 -27.19 32.06 20.46
C ALA C 40 -26.77 31.45 19.13
N TYR C 41 -25.54 31.71 18.69
CA TYR C 41 -25.00 31.20 17.43
C TYR C 41 -23.81 30.27 17.68
N ASN C 42 -23.70 29.71 18.88
CA ASN C 42 -22.59 28.82 19.20
C ASN C 42 -22.64 27.55 18.33
N GLU C 43 -23.83 27.03 18.05
CA GLU C 43 -23.94 25.77 17.33
C GLU C 43 -23.82 25.96 15.83
N GLU C 44 -24.16 27.16 15.33
CA GLU C 44 -23.92 27.45 13.92
C GLU C 44 -22.45 27.78 13.67
N LEU C 45 -21.78 28.41 14.64
CA LEU C 45 -20.34 28.58 14.52
C LEU C 45 -19.62 27.25 14.69
N LYS C 46 -20.17 26.35 15.51
CA LYS C 46 -19.60 25.02 15.66
C LYS C 46 -19.84 24.20 14.39
N LYS C 47 -21.00 24.39 13.76
CA LYS C 47 -21.32 23.65 12.54
C LYS C 47 -20.45 24.10 11.38
N LEU C 48 -20.13 25.39 11.30
CA LEU C 48 -19.29 25.85 10.21
C LEU C 48 -17.83 25.49 10.43
N GLU C 49 -17.38 25.48 11.69
CA GLU C 49 -16.00 25.07 11.96
C GLU C 49 -15.79 23.60 11.60
N LEU C 50 -16.65 22.71 12.11
CA LEU C 50 -16.63 21.30 11.69
C LEU C 50 -16.57 21.16 10.17
N LEU C 51 -17.37 21.95 9.45
CA LEU C 51 -17.36 21.89 7.99
C LEU C 51 -15.99 22.26 7.43
N ARG C 52 -15.36 23.29 8.01
CA ARG C 52 -14.04 23.69 7.51
C ARG C 52 -13.00 22.63 7.81
N GLN C 53 -12.96 22.13 9.04
CA GLN C 53 -11.94 21.14 9.40
C GLN C 53 -12.05 19.88 8.54
N ASN C 54 -13.24 19.58 8.03
CA ASN C 54 -13.34 18.47 7.09
C ASN C 54 -12.98 18.89 5.68
N ALA C 55 -13.16 20.17 5.34
CA ALA C 55 -12.81 20.63 4.00
C ALA C 55 -11.30 20.78 3.82
N VAL C 56 -10.60 21.23 4.87
CA VAL C 56 -9.17 21.45 4.76
C VAL C 56 -8.37 20.18 5.05
N ARG C 57 -8.99 19.17 5.64
CA ARG C 57 -8.35 17.88 5.75
C ARG C 57 -9.23 16.88 5.01
N VAL C 58 -9.60 17.21 3.77
CA VAL C 58 -10.64 16.48 3.05
C VAL C 58 -10.12 15.10 2.65
N PRO C 59 -10.93 14.06 2.80
CA PRO C 59 -10.53 12.75 2.26
C PRO C 59 -10.53 12.77 0.75
N ARG C 60 -9.51 12.12 0.17
CA ARG C 60 -9.33 12.11 -1.28
C ARG C 60 -10.14 10.98 -1.91
N ASP C 61 -11.46 11.15 -1.85
CA ASP C 61 -12.42 10.20 -2.40
C ASP C 61 -13.47 10.98 -3.18
N PHE C 62 -14.41 10.25 -3.79
CA PHE C 62 -15.46 10.91 -4.55
C PHE C 62 -16.23 11.87 -3.65
N GLU C 63 -16.50 11.53 -2.38
CA GLU C 63 -17.35 12.59 -1.81
C GLU C 63 -16.57 13.78 -1.38
N GLY C 64 -15.25 13.71 -1.25
CA GLY C 64 -14.59 14.91 -0.78
C GLY C 64 -14.99 16.11 -1.58
N CYS C 65 -15.42 15.89 -2.82
CA CYS C 65 -15.86 16.97 -3.68
C CYS C 65 -17.10 17.67 -3.12
N SER C 66 -18.07 16.89 -2.60
CA SER C 66 -19.25 17.51 -2.02
C SER C 66 -18.93 18.18 -0.69
N VAL C 67 -17.87 17.73 -0.01
CA VAL C 67 -17.42 18.41 1.21
C VAL C 67 -16.88 19.78 0.90
N LEU C 68 -16.05 19.89 -0.14
CA LEU C 68 -15.51 21.18 -0.56
C LEU C 68 -16.59 22.09 -1.12
N ARG C 69 -17.52 21.52 -1.90
CA ARG C 69 -18.64 22.28 -2.44
C ARG C 69 -19.54 22.81 -1.33
N LYS C 70 -19.84 21.97 -0.33
CA LYS C 70 -20.71 22.40 0.76
C LYS C 70 -20.10 23.55 1.53
N TYR C 71 -18.81 23.44 1.88
CA TYR C 71 -18.14 24.50 2.61
C TYR C 71 -18.00 25.77 1.76
N LEU C 72 -17.73 25.61 0.46
CA LEU C 72 -17.61 26.78 -0.42
C LEU C 72 -18.92 27.55 -0.49
N GLY C 73 -20.04 26.83 -0.55
CA GLY C 73 -21.34 27.51 -0.60
C GLY C 73 -21.69 28.18 0.72
N GLN C 74 -21.33 27.56 1.85
CA GLN C 74 -21.61 28.18 3.14
C GLN C 74 -20.76 29.41 3.36
N LEU C 75 -19.57 29.47 2.75
CA LEU C 75 -18.77 30.69 2.83
C LEU C 75 -19.45 31.84 2.12
N HIS C 76 -20.12 31.57 0.98
CA HIS C 76 -20.88 32.60 0.31
C HIS C 76 -22.08 33.05 1.14
N TYR C 77 -22.79 32.09 1.75
CA TYR C 77 -23.92 32.42 2.62
C TYR C 77 -23.48 33.30 3.78
N LEU C 78 -22.32 33.00 4.36
CA LEU C 78 -21.84 33.78 5.50
C LEU C 78 -21.43 35.19 5.08
N GLN C 79 -20.74 35.31 3.94
CA GLN C 79 -20.33 36.64 3.47
C GLN C 79 -21.55 37.49 3.12
N SER C 80 -22.68 36.87 2.76
CA SER C 80 -23.90 37.63 2.50
C SER C 80 -24.53 38.18 3.76
N ARG C 81 -24.22 37.59 4.92
CA ARG C 81 -24.80 38.04 6.19
C ARG C 81 -23.81 38.72 7.11
N VAL C 82 -22.51 38.43 6.98
CA VAL C 82 -21.47 39.05 7.77
C VAL C 82 -20.40 39.59 6.83
N PRO C 83 -20.13 40.89 6.82
CA PRO C 83 -19.11 41.43 5.89
C PRO C 83 -17.68 41.11 6.33
N MET C 84 -17.09 40.09 5.69
CA MET C 84 -15.74 39.67 6.00
C MET C 84 -14.81 39.77 4.79
N GLY C 85 -15.17 40.59 3.80
CA GLY C 85 -14.35 40.79 2.64
C GLY C 85 -13.26 41.83 2.88
N SER C 86 -12.57 42.16 1.80
CA SER C 86 -11.44 43.09 1.85
C SER C 86 -11.88 44.44 2.42
N GLY C 87 -11.26 44.83 3.53
CA GLY C 87 -11.55 46.10 4.17
C GLY C 87 -12.86 46.18 4.91
N GLN C 88 -13.60 45.08 5.05
CA GLN C 88 -14.91 45.14 5.67
C GLN C 88 -14.81 45.06 7.19
N GLU C 89 -15.95 45.30 7.84
CA GLU C 89 -15.99 45.41 9.31
C GLU C 89 -15.56 44.11 10.00
N ALA C 90 -15.97 42.95 9.49
CA ALA C 90 -15.75 41.69 10.19
C ALA C 90 -14.70 40.81 9.51
N ALA C 91 -13.77 41.41 8.76
CA ALA C 91 -12.74 40.63 8.10
C ALA C 91 -11.67 40.18 9.08
N VAL C 92 -11.15 38.97 8.87
CA VAL C 92 -10.09 38.40 9.71
C VAL C 92 -9.05 37.78 8.80
N PRO C 93 -7.85 37.56 9.33
CA PRO C 93 -6.80 36.92 8.50
C PRO C 93 -7.22 35.53 8.03
N VAL C 94 -6.94 35.27 6.76
CA VAL C 94 -7.08 33.97 6.14
C VAL C 94 -5.70 33.56 5.65
N THR C 95 -5.21 32.40 6.11
CA THR C 95 -3.86 31.95 5.82
C THR C 95 -3.90 30.62 5.07
N TRP C 96 -3.22 30.56 3.93
CA TRP C 96 -3.01 29.31 3.23
C TRP C 96 -1.56 29.23 2.80
N THR C 97 -1.12 28.01 2.48
CA THR C 97 0.24 27.76 2.01
C THR C 97 0.27 27.76 0.49
N GLU C 98 1.22 28.52 -0.07
CA GLU C 98 1.39 28.55 -1.52
C GLU C 98 2.08 27.27 -1.97
N ILE C 99 1.59 26.70 -3.09
CA ILE C 99 1.92 25.32 -3.44
C ILE C 99 3.37 25.17 -3.86
N PHE C 100 3.89 26.09 -4.68
CA PHE C 100 5.19 25.87 -5.30
C PHE C 100 6.36 26.29 -4.44
N SER C 101 6.20 27.35 -3.64
CA SER C 101 7.24 27.77 -2.72
C SER C 101 7.13 27.12 -1.34
N GLY C 102 5.91 26.75 -0.91
CA GLY C 102 5.64 26.27 0.43
C GLY C 102 5.53 27.33 1.48
N LYS C 103 5.38 28.56 1.06
CA LYS C 103 5.34 29.64 2.02
C LYS C 103 3.91 30.14 2.24
N SER C 104 3.65 30.65 3.47
CA SER C 104 2.30 31.05 3.87
C SER C 104 1.92 32.43 3.36
N VAL C 105 0.69 32.57 2.88
CA VAL C 105 0.18 33.84 2.37
C VAL C 105 -1.12 34.15 3.11
N ALA C 106 -1.19 35.34 3.68
CA ALA C 106 -2.30 35.76 4.51
C ALA C 106 -3.00 36.93 3.85
N HIS C 107 -4.32 36.89 3.85
CA HIS C 107 -5.15 37.99 3.40
C HIS C 107 -6.34 38.10 4.33
N GLU C 108 -6.70 39.32 4.71
CA GLU C 108 -7.88 39.55 5.53
C GLU C 108 -9.10 39.74 4.61
N ASP C 109 -9.50 38.64 4.00
CA ASP C 109 -10.51 38.64 2.95
C ASP C 109 -11.08 37.23 2.88
N ILE C 110 -12.39 37.09 3.13
CA ILE C 110 -13.01 35.77 3.12
C ILE C 110 -13.02 35.17 1.72
N LYS C 111 -12.98 36.02 0.68
CA LYS C 111 -12.93 35.50 -0.68
C LYS C 111 -11.58 34.84 -0.99
N TYR C 112 -10.54 35.16 -0.22
CA TYR C 112 -9.30 34.40 -0.32
C TYR C 112 -9.51 32.95 0.13
N GLU C 113 -10.30 32.77 1.20
CA GLU C 113 -10.64 31.42 1.66
C GLU C 113 -11.43 30.66 0.59
N GLN C 114 -12.41 31.32 -0.03
CA GLN C 114 -13.20 30.66 -1.06
C GLN C 114 -12.33 30.30 -2.26
N ALA C 115 -11.40 31.19 -2.63
CA ALA C 115 -10.52 30.94 -3.77
C ALA C 115 -9.69 29.67 -3.55
N CYS C 116 -9.18 29.47 -2.33
CA CYS C 116 -8.35 28.31 -2.04
C CYS C 116 -9.18 27.04 -1.97
N ILE C 117 -10.39 27.11 -1.42
CA ILE C 117 -11.30 25.97 -1.43
C ILE C 117 -11.64 25.57 -2.86
N LEU C 118 -11.87 26.57 -3.71
CA LEU C 118 -12.17 26.31 -5.12
C LEU C 118 -10.96 25.74 -5.85
N TYR C 119 -9.77 26.24 -5.53
CA TYR C 119 -8.55 25.64 -6.06
C TYR C 119 -8.44 24.17 -5.65
N ASN C 120 -8.65 23.88 -4.37
CA ASN C 120 -8.54 22.51 -3.90
C ASN C 120 -9.66 21.62 -4.44
N LEU C 121 -10.80 22.20 -4.79
CA LEU C 121 -11.83 21.43 -5.49
C LEU C 121 -11.33 20.96 -6.85
N GLY C 122 -10.74 21.87 -7.63
CA GLY C 122 -10.20 21.48 -8.92
C GLY C 122 -9.02 20.53 -8.79
N ALA C 123 -8.19 20.72 -7.76
CA ALA C 123 -7.08 19.81 -7.54
C ALA C 123 -7.57 18.42 -7.15
N LEU C 124 -8.59 18.34 -6.28
CA LEU C 124 -9.09 17.02 -5.87
C LEU C 124 -9.73 16.29 -7.04
N HIS C 125 -10.44 17.02 -7.90
CA HIS C 125 -11.00 16.42 -9.11
C HIS C 125 -9.90 15.85 -10.00
N SER C 126 -8.76 16.53 -10.08
CA SER C 126 -7.69 16.03 -10.94
C SER C 126 -7.08 14.74 -10.39
N MET C 127 -6.99 14.60 -9.07
CA MET C 127 -6.47 13.34 -8.55
C MET C 127 -7.52 12.23 -8.65
N LEU C 128 -8.80 12.54 -8.41
CA LEU C 128 -9.82 11.51 -8.59
C LEU C 128 -9.88 11.02 -10.03
N GLY C 129 -9.65 11.92 -10.99
CA GLY C 129 -9.64 11.51 -12.38
C GLY C 129 -8.44 10.64 -12.72
N ALA C 130 -7.29 10.92 -12.12
CA ALA C 130 -6.08 10.14 -12.36
C ALA C 130 -6.02 8.87 -11.54
N MET C 131 -6.87 8.73 -10.53
CA MET C 131 -6.81 7.54 -9.68
C MET C 131 -7.50 6.35 -10.33
N ASP C 132 -8.51 6.60 -11.14
CA ASP C 132 -9.24 5.51 -11.76
C ASP C 132 -8.39 4.86 -12.84
N LYS C 133 -8.51 3.54 -12.97
CA LYS C 133 -7.78 2.83 -14.00
C LYS C 133 -8.39 2.98 -15.38
N ARG C 134 -9.63 3.46 -15.48
CA ARG C 134 -10.27 3.75 -16.75
C ARG C 134 -10.33 2.50 -17.63
N VAL C 135 -10.53 1.34 -16.99
CA VAL C 135 -10.66 0.10 -17.76
C VAL C 135 -12.09 -0.10 -18.23
N SER C 136 -13.07 0.32 -17.45
CA SER C 136 -14.47 0.26 -17.84
C SER C 136 -14.90 1.56 -18.50
N GLU C 137 -15.97 1.47 -19.30
CA GLU C 137 -16.56 2.69 -19.83
C GLU C 137 -17.06 3.58 -18.70
N GLU C 138 -17.48 2.99 -17.58
CA GLU C 138 -17.92 3.78 -16.45
C GLU C 138 -16.74 4.50 -15.81
N GLY C 139 -15.59 3.84 -15.72
CA GLY C 139 -14.40 4.50 -15.21
C GLY C 139 -13.94 5.63 -16.12
N MET C 140 -14.08 5.44 -17.43
CA MET C 140 -13.73 6.49 -18.38
C MET C 140 -14.63 7.71 -18.21
N LYS C 141 -15.90 7.49 -17.90
CA LYS C 141 -16.83 8.61 -17.77
C LYS C 141 -16.59 9.37 -16.48
N VAL C 142 -16.20 8.67 -15.42
CA VAL C 142 -15.97 9.34 -14.15
C VAL C 142 -14.69 10.17 -14.23
N SER C 143 -13.67 9.66 -14.93
CA SER C 143 -12.45 10.44 -15.11
C SER C 143 -12.68 11.65 -16.00
N CYS C 144 -13.42 11.46 -17.09
CA CYS C 144 -13.69 12.56 -18.01
C CYS C 144 -14.44 13.68 -17.30
N THR C 145 -15.46 13.34 -16.51
CA THR C 145 -16.16 14.37 -15.74
C THR C 145 -15.26 15.04 -14.72
N HIS C 146 -14.43 14.24 -14.02
CA HIS C 146 -13.54 14.82 -13.02
C HIS C 146 -12.60 15.86 -13.62
N PHE C 147 -12.03 15.57 -14.79
CA PHE C 147 -11.10 16.51 -15.41
C PHE C 147 -11.80 17.75 -15.94
N GLN C 148 -13.02 17.59 -16.46
CA GLN C 148 -13.81 18.75 -16.87
C GLN C 148 -14.19 19.60 -15.66
N CYS C 149 -14.51 18.95 -14.53
CA CYS C 149 -14.81 19.70 -13.31
C CYS C 149 -13.57 20.41 -12.79
N ALA C 150 -12.41 19.75 -12.85
CA ALA C 150 -11.17 20.40 -12.45
C ALA C 150 -10.91 21.63 -13.31
N ALA C 151 -11.05 21.47 -14.63
CA ALA C 151 -10.89 22.60 -15.55
C ALA C 151 -11.90 23.71 -15.24
N GLY C 152 -13.12 23.32 -14.88
CA GLY C 152 -14.13 24.32 -14.58
C GLY C 152 -13.82 25.12 -13.32
N ALA C 153 -13.24 24.46 -12.32
CA ALA C 153 -12.89 25.16 -11.09
C ALA C 153 -11.75 26.15 -11.32
N PHE C 154 -10.71 25.72 -12.05
CA PHE C 154 -9.61 26.63 -12.34
C PHE C 154 -10.06 27.75 -13.27
N ALA C 155 -10.99 27.47 -14.19
CA ALA C 155 -11.53 28.51 -15.06
C ALA C 155 -12.34 29.53 -14.27
N TYR C 156 -13.26 29.06 -13.43
CA TYR C 156 -13.99 29.99 -12.55
C TYR C 156 -13.02 30.79 -11.70
N LEU C 157 -11.99 30.13 -11.17
CA LEU C 157 -11.03 30.82 -10.31
C LEU C 157 -10.26 31.87 -11.10
N ARG C 158 -9.99 31.59 -12.39
CA ARG C 158 -9.26 32.54 -13.22
C ARG C 158 -10.14 33.72 -13.63
N GLU C 159 -11.46 33.52 -13.66
CA GLU C 159 -12.40 34.53 -14.13
C GLU C 159 -12.78 35.50 -13.02
N HIS C 160 -13.20 34.98 -11.86
CA HIS C 160 -13.73 35.81 -10.79
C HIS C 160 -12.66 36.29 -9.81
N PHE C 161 -11.41 35.87 -9.99
CA PHE C 161 -10.28 36.37 -9.20
C PHE C 161 -9.13 36.75 -10.13
N PRO C 162 -9.33 37.76 -10.99
CA PRO C 162 -8.27 38.09 -11.98
C PRO C 162 -7.00 38.59 -11.34
N GLN C 163 -7.15 39.20 -10.18
CA GLN C 163 -6.06 39.61 -9.29
C GLN C 163 -5.77 38.43 -8.35
N ALA C 164 -4.61 37.79 -8.51
CA ALA C 164 -4.35 36.52 -7.81
C ALA C 164 -3.85 36.76 -6.39
N TYR C 165 -4.44 36.04 -5.43
CA TYR C 165 -4.01 36.16 -4.05
C TYR C 165 -2.66 35.47 -3.83
N SER C 166 -2.30 34.52 -4.70
CA SER C 166 -1.04 33.82 -4.62
C SER C 166 -0.59 33.48 -6.03
N VAL C 167 0.72 33.23 -6.19
CA VAL C 167 1.28 33.00 -7.51
C VAL C 167 0.79 31.70 -8.12
N ASP C 168 0.39 30.73 -7.31
CA ASP C 168 -0.13 29.47 -7.83
C ASP C 168 -1.52 29.62 -8.45
N MET C 169 -2.13 30.81 -8.33
CA MET C 169 -3.45 31.09 -8.87
C MET C 169 -3.41 32.28 -9.84
N SER C 170 -2.25 32.56 -10.44
CA SER C 170 -2.15 33.59 -11.46
C SER C 170 -2.83 33.11 -12.74
N ARG C 171 -3.07 34.04 -13.68
CA ARG C 171 -3.85 33.64 -14.85
C ARG C 171 -3.04 32.76 -15.79
N GLN C 172 -1.69 32.89 -15.81
CA GLN C 172 -0.92 32.04 -16.70
C GLN C 172 -0.90 30.58 -16.22
N ILE C 173 -0.80 30.37 -14.90
CA ILE C 173 -0.73 29.02 -14.37
C ILE C 173 -2.10 28.34 -14.43
N LEU C 174 -3.16 29.09 -14.08
CA LEU C 174 -4.51 28.55 -14.16
C LEU C 174 -4.84 28.18 -15.59
N THR C 175 -4.43 29.00 -16.56
CA THR C 175 -4.65 28.68 -17.96
C THR C 175 -3.98 27.37 -18.33
N LEU C 176 -2.74 27.17 -17.87
CA LEU C 176 -2.05 25.90 -18.08
C LEU C 176 -2.85 24.75 -17.45
N ASN C 177 -3.36 24.95 -16.23
CA ASN C 177 -4.15 23.90 -15.58
C ASN C 177 -5.39 23.58 -16.38
N VAL C 178 -6.07 24.61 -16.89
CA VAL C 178 -7.30 24.39 -17.67
C VAL C 178 -7.00 23.61 -18.93
N ASN C 179 -5.96 24.00 -19.66
CA ASN C 179 -5.64 23.30 -20.90
C ASN C 179 -5.18 21.88 -20.64
N LEU C 180 -4.51 21.64 -19.51
CA LEU C 180 -4.07 20.29 -19.19
C LEU C 180 -5.24 19.41 -18.79
N MET C 181 -6.17 19.96 -18.02
CA MET C 181 -7.34 19.19 -17.61
C MET C 181 -8.26 18.88 -18.78
N LEU C 182 -8.37 19.80 -19.74
CA LEU C 182 -9.21 19.55 -20.91
C LEU C 182 -8.58 18.51 -21.82
N GLY C 183 -7.24 18.52 -21.93
CA GLY C 183 -6.59 17.49 -22.73
C GLY C 183 -6.78 16.10 -22.15
N GLN C 184 -6.74 15.99 -20.83
CA GLN C 184 -6.95 14.70 -20.19
C GLN C 184 -8.43 14.30 -20.23
N ALA C 185 -9.34 15.27 -20.15
CA ALA C 185 -10.74 14.95 -20.36
C ALA C 185 -10.97 14.46 -21.79
N GLN C 186 -10.43 15.18 -22.77
CA GLN C 186 -10.53 14.75 -24.16
C GLN C 186 -9.86 13.39 -24.38
N GLU C 187 -8.78 13.10 -23.63
CA GLU C 187 -8.10 11.82 -23.77
C GLU C 187 -8.98 10.66 -23.26
N CYS C 188 -9.72 10.88 -22.17
CA CYS C 188 -10.65 9.86 -21.69
C CYS C 188 -11.73 9.58 -22.72
N LEU C 189 -12.24 10.64 -23.36
CA LEU C 189 -13.29 10.45 -24.35
C LEU C 189 -12.75 9.69 -25.56
N LEU C 190 -11.50 9.93 -25.93
CA LEU C 190 -10.85 9.14 -26.97
C LEU C 190 -10.83 7.66 -26.60
N GLU C 191 -10.44 7.35 -25.36
CA GLU C 191 -10.49 5.99 -24.89
C GLU C 191 -11.88 5.40 -25.04
N LYS C 192 -12.91 6.19 -24.71
CA LYS C 192 -14.28 5.72 -24.82
C LYS C 192 -14.71 5.52 -26.27
N SER C 193 -14.34 6.45 -27.16
CA SER C 193 -14.74 6.31 -28.56
C SER C 193 -14.09 5.11 -29.23
N MET C 194 -12.87 4.75 -28.80
CA MET C 194 -12.22 3.56 -29.33
C MET C 194 -12.79 2.29 -28.74
N LEU C 195 -13.32 2.37 -27.52
CA LEU C 195 -14.00 1.21 -26.94
C LEU C 195 -15.32 0.95 -27.65
N ASP C 196 -16.05 2.00 -28.02
CA ASP C 196 -17.25 1.80 -28.83
C ASP C 196 -16.92 1.34 -30.24
N ASN C 197 -15.64 1.41 -30.64
CA ASN C 197 -15.20 1.15 -32.00
C ASN C 197 -15.92 2.06 -32.99
N ARG C 198 -15.85 3.36 -32.74
CA ARG C 198 -16.58 4.26 -33.59
C ARG C 198 -15.88 4.49 -34.93
N LYS C 199 -16.54 5.28 -35.79
CA LYS C 199 -16.12 5.40 -37.17
C LYS C 199 -14.75 6.07 -37.17
N SER C 200 -13.86 5.59 -38.05
CA SER C 200 -12.44 5.93 -37.91
C SER C 200 -12.18 7.43 -37.97
N PHE C 201 -12.87 8.17 -38.85
CA PHE C 201 -12.61 9.59 -38.99
C PHE C 201 -12.90 10.34 -37.69
N LEU C 202 -14.00 9.96 -37.03
CA LEU C 202 -14.36 10.60 -35.78
C LEU C 202 -13.31 10.37 -34.70
N VAL C 203 -12.81 9.15 -34.59
CA VAL C 203 -11.73 8.88 -33.64
C VAL C 203 -10.50 9.72 -33.96
N ALA C 204 -10.22 9.93 -35.25
CA ALA C 204 -9.08 10.75 -35.63
C ALA C 204 -9.27 12.20 -35.20
N ARG C 205 -10.48 12.74 -35.38
CA ARG C 205 -10.74 14.12 -34.96
C ARG C 205 -10.67 14.27 -33.45
N ILE C 206 -11.16 13.28 -32.70
CA ILE C 206 -11.06 13.35 -31.25
C ILE C 206 -9.62 13.29 -30.80
N SER C 207 -8.83 12.39 -31.39
CA SER C 207 -7.42 12.28 -31.01
C SER C 207 -6.61 13.49 -31.45
N ALA C 208 -6.97 14.10 -32.59
CA ALA C 208 -6.31 15.32 -33.01
C ALA C 208 -6.60 16.45 -32.03
N GLN C 209 -7.76 16.42 -31.38
CA GLN C 209 -8.08 17.42 -30.38
C GLN C 209 -7.25 17.23 -29.11
N VAL C 210 -6.96 15.98 -28.75
CA VAL C 210 -6.07 15.74 -27.62
C VAL C 210 -4.71 16.37 -27.89
N VAL C 211 -4.24 16.28 -29.14
CA VAL C 211 -2.96 16.89 -29.48
C VAL C 211 -3.02 18.41 -29.37
N ASP C 212 -4.14 19.02 -29.77
CA ASP C 212 -4.24 20.48 -29.73
C ASP C 212 -4.18 20.99 -28.29
N TYR C 213 -4.88 20.32 -27.38
CA TYR C 213 -4.85 20.73 -25.98
C TYR C 213 -3.44 20.59 -25.39
N TYR C 214 -2.81 19.43 -25.59
CA TYR C 214 -1.48 19.21 -25.05
C TYR C 214 -0.44 20.12 -25.68
N LYS C 215 -0.68 20.59 -26.91
CA LYS C 215 0.23 21.56 -27.50
C LYS C 215 0.09 22.93 -26.84
N GLU C 216 -1.13 23.29 -26.41
CA GLU C 216 -1.29 24.55 -25.70
C GLU C 216 -0.68 24.47 -24.31
N ALA C 217 -0.83 23.32 -23.66
CA ALA C 217 -0.19 23.10 -22.37
C ALA C 217 1.33 23.12 -22.49
N CYS C 218 1.85 22.56 -23.58
CA CYS C 218 3.30 22.52 -23.77
C CYS C 218 3.87 23.92 -23.98
N ARG C 219 3.23 24.71 -24.85
CA ARG C 219 3.67 26.10 -25.03
C ARG C 219 3.64 26.88 -23.72
N ALA C 220 2.68 26.58 -22.84
CA ALA C 220 2.66 27.24 -21.54
C ALA C 220 3.81 26.76 -20.66
N LEU C 221 4.14 25.46 -20.72
CA LEU C 221 5.23 24.93 -19.90
C LEU C 221 6.60 25.41 -20.35
N GLU C 222 6.74 25.87 -21.59
CA GLU C 222 8.01 26.39 -22.07
C GLU C 222 8.18 27.88 -21.82
N ASN C 223 7.16 28.55 -21.32
CA ASN C 223 7.31 29.94 -20.93
C ASN C 223 8.27 30.01 -19.75
N PRO C 224 9.29 30.88 -19.79
CA PRO C 224 10.32 30.84 -18.74
C PRO C 224 9.79 31.14 -17.34
N ASP C 225 8.86 32.09 -17.19
CA ASP C 225 8.32 32.37 -15.87
C ASP C 225 7.54 31.18 -15.33
N THR C 226 6.78 30.50 -16.20
CA THR C 226 6.08 29.30 -15.76
C THR C 226 7.08 28.21 -15.38
N ALA C 227 8.12 28.04 -16.20
CA ALA C 227 9.13 27.01 -15.90
C ALA C 227 9.87 27.31 -14.61
N SER C 228 10.20 28.59 -14.38
CA SER C 228 10.91 28.94 -13.15
C SER C 228 10.02 28.75 -11.92
N LEU C 229 8.71 28.96 -12.07
CA LEU C 229 7.82 28.81 -10.93
C LEU C 229 7.59 27.32 -10.60
N LEU C 230 7.31 26.52 -11.62
CA LEU C 230 7.06 25.09 -11.41
C LEU C 230 8.34 24.34 -11.07
N GLY C 231 9.48 24.80 -11.57
CA GLY C 231 10.72 24.13 -11.23
C GLY C 231 10.78 22.74 -11.82
N ARG C 232 11.25 21.79 -11.01
CA ARG C 232 11.32 20.39 -11.40
C ARG C 232 9.99 19.86 -11.90
N ILE C 233 8.88 20.34 -11.33
CA ILE C 233 7.55 19.91 -11.77
C ILE C 233 7.38 20.15 -13.28
N GLN C 234 7.87 21.29 -13.77
CA GLN C 234 7.76 21.62 -15.19
C GLN C 234 8.51 20.59 -16.04
N LYS C 235 9.55 19.96 -15.50
CA LYS C 235 10.34 19.03 -16.28
C LYS C 235 9.67 17.67 -16.40
N ASP C 236 8.94 17.24 -15.36
CA ASP C 236 8.17 15.99 -15.42
C ASP C 236 6.93 16.13 -16.29
N TRP C 237 6.20 17.24 -16.14
CA TRP C 237 5.01 17.43 -16.96
C TRP C 237 5.36 17.55 -18.43
N LYS C 238 6.40 18.32 -18.75
CA LYS C 238 6.74 18.54 -20.15
C LYS C 238 7.16 17.24 -20.83
N LYS C 239 7.90 16.38 -20.11
CA LYS C 239 8.28 15.10 -20.70
C LYS C 239 7.08 14.24 -21.03
N LEU C 240 6.06 14.24 -20.16
CA LEU C 240 4.87 13.44 -20.44
C LEU C 240 3.99 14.06 -21.52
N VAL C 241 3.81 15.38 -21.48
CA VAL C 241 2.96 16.04 -22.46
C VAL C 241 3.59 15.96 -23.84
N GLN C 242 4.89 16.23 -23.93
CA GLN C 242 5.56 16.15 -25.22
C GLN C 242 5.45 14.75 -25.82
N MET C 243 5.61 13.72 -24.99
CA MET C 243 5.42 12.35 -25.47
C MET C 243 3.99 12.11 -25.92
N LYS C 244 3.02 12.61 -25.15
CA LYS C 244 1.62 12.40 -25.51
C LYS C 244 1.26 13.09 -26.81
N ILE C 245 1.90 14.22 -27.08
CA ILE C 245 1.67 14.96 -28.32
C ILE C 245 1.94 14.08 -29.53
N TYR C 246 3.08 13.38 -29.53
CA TYR C 246 3.40 12.49 -30.65
C TYR C 246 2.61 11.20 -30.58
N TYR C 247 2.32 10.70 -29.38
CA TYR C 247 1.54 9.48 -29.26
C TYR C 247 0.15 9.65 -29.87
N PHE C 248 -0.54 10.72 -29.51
CA PHE C 248 -1.91 10.88 -30.01
C PHE C 248 -1.95 11.41 -31.44
N ALA C 249 -0.87 12.02 -31.92
CA ALA C 249 -0.79 12.28 -33.36
C ALA C 249 -0.69 10.99 -34.14
N ALA C 250 0.05 10.00 -33.61
CA ALA C 250 0.10 8.69 -34.25
C ALA C 250 -1.27 8.01 -34.21
N VAL C 251 -1.96 8.08 -33.07
CA VAL C 251 -3.30 7.52 -32.97
C VAL C 251 -4.24 8.18 -33.98
N ALA C 252 -4.09 9.49 -34.19
CA ALA C 252 -4.96 10.18 -35.13
C ALA C 252 -4.69 9.72 -36.56
N HIS C 253 -3.41 9.58 -36.93
CA HIS C 253 -3.10 9.15 -38.29
C HIS C 253 -3.36 7.67 -38.50
N LEU C 254 -3.25 6.85 -37.45
CA LEU C 254 -3.62 5.44 -37.60
C LEU C 254 -5.10 5.31 -37.99
N HIS C 255 -5.96 6.11 -37.36
CA HIS C 255 -7.38 6.07 -37.68
C HIS C 255 -7.71 6.77 -38.99
N MET C 256 -6.87 7.71 -39.44
CA MET C 256 -7.01 8.23 -40.78
C MET C 256 -6.68 7.16 -41.82
N GLY C 257 -5.64 6.36 -41.55
CA GLY C 257 -5.33 5.23 -42.42
C GLY C 257 -6.41 4.17 -42.40
N LYS C 258 -7.11 4.02 -41.28
CA LYS C 258 -8.22 3.07 -41.24
C LYS C 258 -9.42 3.59 -42.01
N GLN C 259 -9.58 4.92 -42.10
CA GLN C 259 -10.64 5.46 -42.93
C GLN C 259 -10.30 5.32 -44.41
N ALA C 260 -9.03 5.56 -44.77
CA ALA C 260 -8.60 5.31 -46.15
C ALA C 260 -8.79 3.85 -46.54
N GLU C 261 -8.60 2.94 -45.59
CA GLU C 261 -8.87 1.52 -45.86
C GLU C 261 -10.34 1.27 -46.17
N GLU C 262 -11.25 1.84 -45.37
CA GLU C 262 -12.67 1.70 -45.62
C GLU C 262 -13.11 2.37 -46.92
N GLN C 263 -12.40 3.42 -47.33
CA GLN C 263 -12.69 4.13 -48.57
C GLN C 263 -11.98 3.52 -49.77
N GLN C 264 -11.28 2.40 -49.59
CA GLN C 264 -10.57 1.70 -50.65
C GLN C 264 -9.59 2.62 -51.38
N LYS C 265 -8.86 3.42 -50.60
CA LYS C 265 -7.72 4.22 -51.09
C LYS C 265 -6.49 3.64 -50.38
N PHE C 266 -5.93 2.60 -50.98
CA PHE C 266 -4.88 1.84 -50.33
C PHE C 266 -3.51 2.49 -50.44
N GLY C 267 -3.34 3.45 -51.35
CA GLY C 267 -2.12 4.24 -51.37
C GLY C 267 -2.16 5.25 -50.23
N GLU C 268 -3.33 5.86 -50.04
CA GLU C 268 -3.53 6.77 -48.92
C GLU C 268 -3.29 6.09 -47.59
N ARG C 269 -3.71 4.84 -47.47
CA ARG C 269 -3.62 4.13 -46.20
C ARG C 269 -2.16 3.84 -45.83
N VAL C 270 -1.31 3.57 -46.82
CA VAL C 270 0.10 3.34 -46.54
C VAL C 270 0.73 4.61 -45.99
N ALA C 271 0.37 5.76 -46.56
CA ALA C 271 0.95 7.02 -46.12
C ALA C 271 0.58 7.34 -44.68
N TYR C 272 -0.70 7.15 -44.32
CA TYR C 272 -1.13 7.46 -42.97
C TYR C 272 -0.50 6.51 -41.95
N PHE C 273 -0.46 5.21 -42.28
CA PHE C 273 0.13 4.25 -41.36
C PHE C 273 1.60 4.51 -41.16
N GLN C 274 2.30 4.89 -42.24
CA GLN C 274 3.73 5.21 -42.11
C GLN C 274 3.93 6.45 -41.27
N SER C 275 3.09 7.46 -41.46
CA SER C 275 3.17 8.66 -40.61
C SER C 275 2.91 8.33 -39.16
N ALA C 276 1.89 7.50 -38.89
CA ALA C 276 1.58 7.10 -37.53
C ALA C 276 2.75 6.34 -36.89
N LEU C 277 3.44 5.51 -37.67
CA LEU C 277 4.56 4.76 -37.11
C LEU C 277 5.75 5.67 -36.83
N ASP C 278 6.00 6.66 -37.69
CA ASP C 278 7.07 7.63 -37.44
C ASP C 278 6.78 8.43 -36.19
N LYS C 279 5.52 8.86 -36.01
CA LYS C 279 5.15 9.62 -34.83
C LYS C 279 5.23 8.78 -33.57
N LEU C 280 4.87 7.50 -33.67
CA LEU C 280 4.96 6.64 -32.49
C LEU C 280 6.40 6.34 -32.12
N ASN C 281 7.29 6.19 -33.12
CA ASN C 281 8.70 6.02 -32.80
C ASN C 281 9.25 7.25 -32.12
N GLU C 282 8.75 8.43 -32.48
CA GLU C 282 9.16 9.65 -31.78
C GLU C 282 8.65 9.63 -30.34
N ALA C 283 7.41 9.16 -30.13
CA ALA C 283 6.87 9.06 -28.77
C ALA C 283 7.68 8.08 -27.94
N ILE C 284 8.13 6.99 -28.57
CA ILE C 284 8.95 6.00 -27.86
C ILE C 284 10.28 6.61 -27.43
N LYS C 285 10.88 7.41 -28.31
CA LYS C 285 12.17 8.01 -27.98
C LYS C 285 12.03 9.03 -26.84
N LEU C 286 10.92 9.78 -26.82
CA LEU C 286 10.68 10.75 -25.76
C LEU C 286 10.19 10.15 -24.46
N ALA C 287 9.84 8.87 -24.43
CA ALA C 287 9.36 8.24 -23.21
C ALA C 287 10.44 7.48 -22.46
N LYS C 288 11.70 7.67 -22.82
CA LYS C 288 12.77 6.94 -22.14
C LYS C 288 12.84 7.39 -20.68
N GLY C 289 12.75 6.42 -19.76
CA GLY C 289 12.72 6.70 -18.35
C GLY C 289 11.33 6.83 -17.76
N GLN C 290 10.29 6.84 -18.59
CA GLN C 290 8.93 6.91 -18.10
C GLN C 290 8.53 5.58 -17.47
N PRO C 291 7.52 5.58 -16.59
CA PRO C 291 7.15 4.34 -15.90
C PRO C 291 6.61 3.28 -16.86
N ASP C 292 6.44 2.07 -16.32
CA ASP C 292 6.00 0.96 -17.14
C ASP C 292 4.58 1.15 -17.67
N THR C 293 3.75 1.94 -16.98
CA THR C 293 2.42 2.26 -17.51
C THR C 293 2.52 2.90 -18.89
N VAL C 294 3.45 3.85 -19.06
CA VAL C 294 3.65 4.49 -20.35
C VAL C 294 4.16 3.48 -21.38
N GLN C 295 5.13 2.66 -20.98
CA GLN C 295 5.76 1.75 -21.93
C GLN C 295 4.79 0.68 -22.41
N ASP C 296 3.91 0.20 -21.52
CA ASP C 296 2.91 -0.79 -21.90
C ASP C 296 1.97 -0.24 -22.97
N ALA C 297 1.59 1.03 -22.84
CA ALA C 297 0.70 1.63 -23.83
C ALA C 297 1.41 1.79 -25.17
N LEU C 298 2.71 2.10 -25.15
CA LEU C 298 3.42 2.28 -26.41
C LEU C 298 3.74 0.95 -27.09
N ARG C 299 4.04 -0.09 -26.29
CA ARG C 299 4.33 -1.39 -26.88
C ARG C 299 3.09 -2.00 -27.50
N PHE C 300 1.94 -1.86 -26.85
CA PHE C 300 0.69 -2.32 -27.43
C PHE C 300 0.41 -1.55 -28.71
N THR C 301 0.57 -0.22 -28.67
CA THR C 301 0.31 0.59 -29.85
C THR C 301 1.26 0.24 -30.99
N MET C 302 2.49 -0.16 -30.67
CA MET C 302 3.44 -0.53 -31.73
C MET C 302 3.03 -1.84 -32.42
N ASP C 303 2.50 -2.81 -31.66
CA ASP C 303 1.98 -4.02 -32.28
C ASP C 303 0.88 -3.70 -33.27
N VAL C 304 -0.01 -2.77 -32.91
CA VAL C 304 -1.08 -2.37 -33.82
C VAL C 304 -0.51 -1.69 -35.04
N ILE C 305 0.20 -0.57 -34.84
CA ILE C 305 0.63 0.27 -35.97
C ILE C 305 1.70 -0.45 -36.79
N GLY C 306 2.60 -1.18 -36.12
CA GLY C 306 3.65 -1.88 -36.84
C GLY C 306 3.10 -2.95 -37.77
N GLY C 307 2.15 -3.75 -37.27
CA GLY C 307 1.58 -4.78 -38.10
C GLY C 307 0.69 -4.25 -39.20
N LYS C 308 -0.05 -3.17 -38.92
CA LYS C 308 -0.96 -2.65 -39.95
C LYS C 308 -0.19 -1.89 -41.02
N TYR C 309 0.98 -1.35 -40.68
CA TYR C 309 1.80 -0.71 -41.70
C TYR C 309 2.43 -1.74 -42.64
N ASN C 310 3.00 -2.80 -42.07
CA ASN C 310 3.61 -3.83 -42.93
C ASN C 310 2.56 -4.48 -43.82
N SER C 311 1.37 -4.73 -43.27
CA SER C 311 0.36 -5.41 -44.07
C SER C 311 -0.18 -4.50 -45.18
N ALA C 312 -0.29 -3.20 -44.90
CA ALA C 312 -0.79 -2.28 -45.91
C ALA C 312 0.25 -2.03 -47.00
N LYS C 313 1.51 -1.94 -46.60
CA LYS C 313 2.58 -1.73 -47.55
C LYS C 313 2.74 -2.96 -48.45
N LYS C 314 2.56 -4.18 -47.90
CA LYS C 314 2.63 -5.38 -48.73
C LYS C 314 1.44 -5.45 -49.69
N ASP C 315 0.24 -5.13 -49.20
CA ASP C 315 -0.95 -5.17 -50.04
C ASP C 315 -0.85 -4.16 -51.18
N ASN C 316 -0.23 -3.00 -50.92
CA ASN C 316 -0.14 -1.98 -51.97
C ASN C 316 0.93 -2.29 -52.99
N ASP C 317 2.08 -2.83 -52.56
CA ASP C 317 3.15 -3.14 -53.48
C ASP C 317 2.90 -4.38 -54.33
N PHE C 318 1.94 -5.23 -53.93
CA PHE C 318 1.72 -6.49 -54.64
C PHE C 318 0.29 -6.70 -55.12
N ILE C 319 -0.68 -5.90 -54.68
CA ILE C 319 -2.06 -6.10 -55.10
C ILE C 319 -2.65 -4.85 -55.73
N TYR C 320 -2.64 -3.73 -55.00
CA TYR C 320 -3.36 -2.55 -55.49
C TYR C 320 -2.52 -1.63 -56.37
N HIS C 321 -1.22 -1.51 -56.09
CA HIS C 321 -0.28 -0.70 -56.87
C HIS C 321 -0.75 0.75 -57.00
N GLU C 322 -1.29 1.31 -55.92
CA GLU C 322 -1.67 2.71 -55.91
C GLU C 322 -0.53 3.57 -55.37
N ALA C 323 -0.48 4.81 -55.85
CA ALA C 323 0.59 5.72 -55.47
C ALA C 323 0.47 6.09 -54.00
N VAL C 324 1.57 6.01 -53.27
CA VAL C 324 1.62 6.40 -51.87
C VAL C 324 1.89 7.90 -51.83
N PRO C 325 0.91 8.75 -51.55
CA PRO C 325 1.13 10.18 -51.63
C PRO C 325 1.98 10.67 -50.49
N ALA C 326 2.82 11.66 -50.79
CA ALA C 326 3.42 12.37 -49.68
C ALA C 326 2.32 13.01 -48.85
N LEU C 327 2.56 13.16 -47.55
CA LEU C 327 1.47 13.54 -46.66
C LEU C 327 1.11 15.00 -46.70
N ASP C 328 2.01 15.86 -47.22
CA ASP C 328 1.63 17.25 -47.37
C ASP C 328 0.44 17.41 -48.32
N THR C 329 0.19 16.43 -49.20
CA THR C 329 -0.83 16.49 -50.24
C THR C 329 -2.23 16.07 -49.79
N LEU C 330 -2.43 15.72 -48.52
CA LEU C 330 -3.76 15.29 -48.07
C LEU C 330 -4.31 16.10 -46.91
N GLN C 331 -5.65 16.22 -46.90
CA GLN C 331 -6.48 17.06 -46.04
C GLN C 331 -6.21 16.83 -44.55
N PRO C 332 -5.83 17.88 -43.82
CA PRO C 332 -5.46 17.70 -42.40
C PRO C 332 -6.64 17.30 -41.52
N VAL C 333 -6.30 16.78 -40.35
CA VAL C 333 -7.29 16.38 -39.37
C VAL C 333 -7.58 17.58 -38.49
N LYS C 334 -8.83 18.05 -38.51
CA LYS C 334 -9.23 19.16 -37.66
C LYS C 334 -9.79 18.59 -36.36
N GLY C 335 -9.31 19.08 -35.23
CA GLY C 335 -9.70 18.51 -33.95
C GLY C 335 -11.17 18.73 -33.63
N ALA C 336 -11.70 17.82 -32.81
CA ALA C 336 -13.11 17.85 -32.39
C ALA C 336 -13.22 18.17 -30.89
N PRO C 337 -13.34 19.45 -30.50
CA PRO C 337 -13.47 19.77 -29.07
C PRO C 337 -14.84 19.41 -28.50
N LEU C 338 -14.92 18.29 -27.77
CA LEU C 338 -16.18 17.83 -27.22
C LEU C 338 -16.30 18.02 -25.72
N VAL C 339 -15.21 18.34 -25.03
CA VAL C 339 -15.21 18.60 -23.60
C VAL C 339 -15.10 20.11 -23.38
N LYS C 340 -15.63 20.57 -22.26
CA LYS C 340 -15.58 21.97 -21.87
C LYS C 340 -15.34 22.02 -20.37
N PRO C 341 -14.83 23.15 -19.86
CA PRO C 341 -14.87 23.38 -18.40
C PRO C 341 -16.29 23.41 -17.86
N LEU C 342 -16.65 22.43 -17.03
CA LEU C 342 -18.02 22.36 -16.53
C LEU C 342 -18.27 23.43 -15.48
N PRO C 343 -19.42 24.11 -15.54
CA PRO C 343 -19.60 25.32 -14.71
C PRO C 343 -19.69 24.99 -13.23
N VAL C 344 -19.28 25.95 -12.43
CA VAL C 344 -19.32 25.86 -10.97
C VAL C 344 -20.35 26.86 -10.47
N ASN C 345 -21.42 26.35 -9.86
CA ASN C 345 -22.36 27.20 -9.14
C ASN C 345 -22.08 27.08 -7.66
N PRO C 346 -21.40 28.06 -7.03
CA PRO C 346 -21.04 27.88 -5.62
C PRO C 346 -22.22 27.77 -4.68
N THR C 347 -23.36 28.40 -5.00
CA THR C 347 -24.50 28.47 -4.10
C THR C 347 -25.67 27.61 -4.55
N ASP C 348 -25.37 26.50 -5.22
CA ASP C 348 -26.41 25.53 -5.57
C ASP C 348 -26.99 24.92 -4.29
N PRO C 349 -28.27 25.13 -3.98
CA PRO C 349 -28.83 24.60 -2.73
C PRO C 349 -28.73 23.09 -2.61
N ALA C 350 -28.58 22.37 -3.72
CA ALA C 350 -28.49 20.92 -3.63
C ALA C 350 -27.17 20.46 -3.04
N VAL C 351 -26.11 21.25 -3.20
CA VAL C 351 -24.79 20.84 -2.73
C VAL C 351 -24.48 21.46 -1.37
N THR C 352 -25.04 22.64 -1.08
CA THR C 352 -24.77 23.32 0.17
C THR C 352 -25.66 22.86 1.31
N GLY C 353 -26.89 22.48 1.03
CA GLY C 353 -27.86 22.24 2.06
C GLY C 353 -28.37 23.56 2.60
N PRO C 354 -29.06 23.53 3.73
CA PRO C 354 -29.62 24.76 4.29
C PRO C 354 -28.52 25.75 4.67
N ASP C 355 -28.86 27.03 4.59
CA ASP C 355 -27.95 28.09 5.06
C ASP C 355 -27.75 27.94 6.56
N ILE C 356 -26.49 27.73 6.97
CA ILE C 356 -26.19 27.55 8.39
C ILE C 356 -26.62 28.77 9.20
N PHE C 357 -26.38 29.97 8.68
CA PHE C 357 -26.74 31.20 9.37
C PHE C 357 -28.05 31.80 8.86
N ALA C 358 -29.00 30.96 8.45
CA ALA C 358 -30.28 31.47 7.97
C ALA C 358 -31.02 32.24 9.06
N LYS C 359 -30.70 31.97 10.33
CA LYS C 359 -31.35 32.60 11.45
C LYS C 359 -30.93 34.07 11.65
N LEU C 360 -29.86 34.52 11.01
CA LEU C 360 -29.33 35.87 11.23
C LEU C 360 -29.86 36.86 10.20
N VAL C 361 -30.94 37.59 10.56
CA VAL C 361 -31.57 38.74 9.84
C VAL C 361 -31.72 40.01 10.71
N ALA D 3 6.94 4.41 25.50
CA ALA D 3 5.50 4.62 25.42
C ALA D 3 5.17 5.87 24.62
N VAL D 4 6.17 6.72 24.41
CA VAL D 4 5.94 7.99 23.71
C VAL D 4 5.60 7.72 22.26
N PRO D 5 4.61 8.39 21.67
CA PRO D 5 4.39 8.28 20.23
C PRO D 5 5.63 8.72 19.46
N ARG D 6 5.81 8.14 18.28
CA ARG D 6 7.02 8.31 17.50
C ARG D 6 6.85 9.42 16.47
N MET D 7 7.90 10.24 16.34
CA MET D 7 7.94 11.33 15.37
C MET D 7 8.18 10.79 13.96
N PRO D 8 7.70 11.50 12.93
CA PRO D 8 8.04 11.10 11.56
C PRO D 8 9.48 11.44 11.24
N MET D 9 10.03 10.71 10.26
CA MET D 9 11.42 10.87 9.85
C MET D 9 11.48 11.40 8.42
N ILE D 10 12.60 12.06 8.12
CA ILE D 10 12.88 12.55 6.77
C ILE D 10 13.59 11.45 5.99
N TRP D 11 13.24 11.31 4.72
CA TRP D 11 13.90 10.41 3.80
C TRP D 11 14.23 11.17 2.51
N LEU D 12 15.20 10.65 1.77
CA LEU D 12 15.65 11.28 0.52
C LEU D 12 15.25 10.40 -0.66
N ASP D 13 14.85 11.04 -1.75
CA ASP D 13 14.51 10.31 -2.96
C ASP D 13 15.77 9.82 -3.67
N LEU D 14 15.59 8.81 -4.50
CA LEU D 14 16.69 8.33 -5.32
C LEU D 14 16.75 9.09 -6.63
N LYS D 15 17.96 9.19 -7.18
CA LYS D 15 18.16 9.91 -8.42
C LYS D 15 17.84 9.02 -9.62
N GLU D 16 17.39 9.66 -10.69
CA GLU D 16 17.10 9.00 -11.96
C GLU D 16 18.37 8.95 -12.80
N ALA D 17 18.64 7.80 -13.40
CA ALA D 17 19.84 7.60 -14.19
C ALA D 17 19.57 7.74 -15.68
N GLY D 18 20.60 8.11 -16.42
CA GLY D 18 20.53 8.15 -17.87
C GLY D 18 21.40 7.07 -18.49
N ASP D 19 21.97 7.34 -19.65
CA ASP D 19 22.74 6.34 -20.37
C ASP D 19 24.17 6.28 -19.85
N PHE D 20 24.78 5.09 -19.98
CA PHE D 20 26.18 4.87 -19.66
C PHE D 20 26.67 3.75 -20.59
N HIS D 21 26.98 4.13 -21.84
CA HIS D 21 27.37 3.16 -22.86
C HIS D 21 28.87 2.89 -22.76
N PHE D 22 29.23 2.02 -21.82
CA PHE D 22 30.61 1.64 -21.59
C PHE D 22 31.09 0.54 -22.54
N GLN D 23 30.17 -0.11 -23.26
CA GLN D 23 30.54 -1.26 -24.07
C GLN D 23 31.51 -0.91 -25.20
N PRO D 24 31.27 0.10 -26.03
CA PRO D 24 32.25 0.40 -27.10
C PRO D 24 33.62 0.77 -26.58
N ALA D 25 33.70 1.53 -25.48
CA ALA D 25 35.00 1.95 -24.96
C ALA D 25 35.78 0.76 -24.39
N VAL D 26 35.09 -0.15 -23.69
CA VAL D 26 35.78 -1.31 -23.15
C VAL D 26 36.26 -2.22 -24.27
N LYS D 27 35.39 -2.48 -25.25
CA LYS D 27 35.77 -3.37 -26.34
C LYS D 27 36.93 -2.78 -27.12
N LYS D 28 36.96 -1.47 -27.27
CA LYS D 28 38.04 -0.84 -28.05
C LYS D 28 39.31 -0.71 -27.22
N PHE D 29 39.21 -0.74 -25.90
CA PHE D 29 40.41 -0.72 -25.07
C PHE D 29 41.04 -2.10 -24.93
N VAL D 30 40.25 -3.17 -24.88
CA VAL D 30 40.83 -4.50 -24.79
C VAL D 30 41.58 -4.87 -26.06
N LEU D 31 41.15 -4.35 -27.21
CA LEU D 31 41.83 -4.65 -28.44
C LEU D 31 43.20 -3.98 -28.50
N LYS D 32 43.25 -2.68 -28.26
CA LYS D 32 44.50 -1.94 -28.40
C LYS D 32 45.46 -2.20 -27.24
N ASN D 33 44.96 -2.21 -26.01
CA ASN D 33 45.84 -2.25 -24.84
C ASN D 33 46.16 -3.67 -24.41
N TYR D 34 45.14 -4.51 -24.23
CA TYR D 34 45.38 -5.90 -23.83
C TYR D 34 45.69 -6.82 -24.99
N GLY D 35 45.58 -6.35 -26.23
CA GLY D 35 45.86 -7.18 -27.38
C GLY D 35 44.95 -8.39 -27.58
N GLU D 36 43.77 -8.40 -26.96
CA GLU D 36 42.86 -9.53 -27.07
C GLU D 36 41.64 -9.17 -27.92
N ASN D 37 40.90 -10.21 -28.28
CA ASN D 37 39.69 -10.06 -29.09
C ASN D 37 38.58 -9.43 -28.26
N PRO D 38 38.04 -8.27 -28.67
CA PRO D 38 36.96 -7.63 -27.90
C PRO D 38 35.69 -8.46 -27.76
N GLU D 39 35.40 -9.37 -28.67
CA GLU D 39 34.15 -10.12 -28.57
C GLU D 39 34.28 -11.39 -27.74
N ALA D 40 35.44 -11.60 -27.11
CA ALA D 40 35.59 -12.56 -26.03
C ALA D 40 35.06 -12.04 -24.71
N TYR D 41 34.62 -10.79 -24.66
CA TYR D 41 34.09 -10.20 -23.43
C TYR D 41 32.64 -9.78 -23.61
N ASN D 42 31.96 -10.34 -24.61
CA ASN D 42 30.57 -9.98 -24.83
C ASN D 42 29.73 -10.38 -23.64
N GLU D 43 30.05 -11.50 -23.04
CA GLU D 43 29.03 -12.01 -22.15
C GLU D 43 29.39 -11.67 -20.69
N GLU D 44 30.57 -11.06 -20.47
CA GLU D 44 30.84 -10.22 -19.29
C GLU D 44 30.31 -8.79 -19.43
N LEU D 45 30.30 -8.24 -20.65
CA LEU D 45 29.70 -6.92 -20.85
C LEU D 45 28.18 -6.98 -20.70
N LYS D 46 27.57 -8.10 -21.07
CA LYS D 46 26.15 -8.28 -20.86
C LYS D 46 25.86 -8.42 -19.36
N LYS D 47 26.77 -9.09 -18.62
CA LYS D 47 26.58 -9.24 -17.17
C LYS D 47 26.60 -7.89 -16.48
N LEU D 48 27.49 -7.01 -16.91
CA LEU D 48 27.57 -5.72 -16.25
C LEU D 48 26.44 -4.79 -16.66
N GLU D 49 25.99 -4.87 -17.92
CA GLU D 49 24.90 -3.99 -18.34
C GLU D 49 23.61 -4.33 -17.61
N LEU D 50 23.17 -5.60 -17.68
CA LEU D 50 22.02 -6.04 -16.89
C LEU D 50 22.12 -5.61 -15.44
N LEU D 51 23.30 -5.74 -14.84
CA LEU D 51 23.47 -5.33 -13.45
C LEU D 51 23.13 -3.87 -13.26
N ARG D 52 23.53 -3.01 -14.21
CA ARG D 52 23.22 -1.60 -14.10
C ARG D 52 21.71 -1.36 -14.26
N GLN D 53 21.09 -1.99 -15.27
CA GLN D 53 19.66 -1.78 -15.51
C GLN D 53 18.82 -2.16 -14.31
N ASN D 54 19.30 -3.10 -13.50
CA ASN D 54 18.60 -3.47 -12.29
C ASN D 54 18.96 -2.56 -11.12
N ALA D 55 20.15 -1.96 -11.16
CA ALA D 55 20.56 -1.03 -10.11
C ALA D 55 19.84 0.30 -10.21
N VAL D 56 19.52 0.74 -11.43
CA VAL D 56 18.87 2.04 -11.64
C VAL D 56 17.37 1.97 -11.50
N ARG D 57 16.81 0.78 -11.54
CA ARG D 57 15.44 0.55 -11.14
C ARG D 57 15.35 -0.32 -9.90
N VAL D 58 15.95 0.16 -8.84
CA VAL D 58 16.18 -0.62 -7.62
C VAL D 58 14.85 -0.93 -6.94
N PRO D 59 14.63 -2.15 -6.45
CA PRO D 59 13.49 -2.39 -5.57
C PRO D 59 13.71 -1.71 -4.22
N ARG D 60 12.66 -1.09 -3.70
CA ARG D 60 12.80 -0.25 -2.50
C ARG D 60 12.64 -1.11 -1.24
N ASP D 61 13.56 -2.08 -1.12
CA ASP D 61 13.58 -3.02 -0.01
C ASP D 61 15.03 -3.26 0.42
N PHE D 62 15.19 -4.14 1.40
CA PHE D 62 16.51 -4.52 1.87
C PHE D 62 17.36 -5.09 0.75
N GLU D 63 16.72 -5.84 -0.15
CA GLU D 63 17.46 -6.54 -1.20
C GLU D 63 17.99 -5.57 -2.26
N GLY D 64 17.39 -4.38 -2.39
CA GLY D 64 17.92 -3.39 -3.31
C GLY D 64 19.24 -2.79 -2.88
N CYS D 65 19.51 -2.75 -1.56
CA CYS D 65 20.78 -2.25 -1.08
C CYS D 65 21.93 -3.15 -1.50
N SER D 66 21.73 -4.46 -1.43
CA SER D 66 22.79 -5.36 -1.85
C SER D 66 22.96 -5.32 -3.38
N VAL D 67 21.90 -4.96 -4.11
CA VAL D 67 22.04 -4.77 -5.55
C VAL D 67 22.89 -3.54 -5.84
N LEU D 68 22.65 -2.43 -5.12
CA LEU D 68 23.44 -1.23 -5.30
C LEU D 68 24.88 -1.45 -4.84
N ARG D 69 25.07 -2.18 -3.73
CA ARG D 69 26.43 -2.46 -3.28
C ARG D 69 27.18 -3.31 -4.31
N LYS D 70 26.51 -4.32 -4.86
CA LYS D 70 27.12 -5.19 -5.86
C LYS D 70 27.57 -4.39 -7.08
N TYR D 71 26.68 -3.54 -7.60
CA TYR D 71 27.00 -2.75 -8.78
C TYR D 71 28.09 -1.72 -8.49
N LEU D 72 28.05 -1.11 -7.31
CA LEU D 72 29.08 -0.12 -6.96
C LEU D 72 30.46 -0.76 -6.90
N GLY D 73 30.54 -1.97 -6.33
CA GLY D 73 31.82 -2.65 -6.26
C GLY D 73 32.32 -3.10 -7.62
N GLN D 74 31.40 -3.53 -8.48
CA GLN D 74 31.82 -3.94 -9.82
C GLN D 74 32.30 -2.75 -10.64
N LEU D 75 31.79 -1.55 -10.35
CA LEU D 75 32.29 -0.35 -11.02
C LEU D 75 33.74 -0.09 -10.66
N HIS D 76 34.11 -0.36 -9.40
CA HIS D 76 35.50 -0.22 -8.98
C HIS D 76 36.39 -1.25 -9.69
N TYR D 77 35.90 -2.48 -9.83
CA TYR D 77 36.67 -3.51 -10.53
C TYR D 77 36.98 -3.10 -11.96
N LEU D 78 35.98 -2.53 -12.66
CA LEU D 78 36.20 -2.16 -14.05
C LEU D 78 37.15 -0.97 -14.18
N GLN D 79 37.02 0.04 -13.30
CA GLN D 79 37.90 1.19 -13.36
C GLN D 79 39.34 0.80 -13.07
N SER D 80 39.56 -0.25 -12.28
CA SER D 80 40.92 -0.70 -12.03
C SER D 80 41.54 -1.36 -13.25
N ARG D 81 40.72 -1.82 -14.20
CA ARG D 81 41.21 -2.51 -15.38
C ARG D 81 41.09 -1.69 -16.66
N VAL D 82 40.12 -0.78 -16.74
CA VAL D 82 39.90 0.04 -17.92
C VAL D 82 39.83 1.51 -17.46
N PRO D 83 40.72 2.39 -17.93
CA PRO D 83 40.71 3.79 -17.47
C PRO D 83 39.57 4.61 -18.05
N MET D 84 38.48 4.76 -17.30
CA MET D 84 37.30 5.49 -17.76
C MET D 84 37.00 6.70 -16.89
N GLY D 85 37.99 7.21 -16.16
CA GLY D 85 37.81 8.39 -15.34
C GLY D 85 37.91 9.67 -16.14
N SER D 86 37.88 10.79 -15.41
CA SER D 86 37.91 12.11 -16.02
C SER D 86 39.17 12.30 -16.86
N GLY D 87 38.98 12.58 -18.14
CA GLY D 87 40.10 12.80 -19.05
C GLY D 87 40.85 11.56 -19.44
N GLN D 88 40.39 10.38 -19.03
CA GLN D 88 41.12 9.15 -19.30
C GLN D 88 40.77 8.61 -20.68
N GLU D 89 41.55 7.61 -21.09
CA GLU D 89 41.52 7.11 -22.46
C GLU D 89 40.15 6.53 -22.83
N ALA D 90 39.54 5.77 -21.92
CA ALA D 90 38.34 5.01 -22.23
C ALA D 90 37.08 5.57 -21.57
N ALA D 91 37.08 6.88 -21.28
CA ALA D 91 35.94 7.52 -20.64
C ALA D 91 34.80 7.74 -21.62
N VAL D 92 33.57 7.60 -21.13
CA VAL D 92 32.38 7.83 -21.93
C VAL D 92 31.41 8.68 -21.12
N PRO D 93 30.44 9.32 -21.78
CA PRO D 93 29.48 10.16 -21.04
C PRO D 93 28.68 9.36 -20.03
N VAL D 94 28.55 9.91 -18.83
CA VAL D 94 27.66 9.37 -17.80
C VAL D 94 26.64 10.45 -17.48
N THR D 95 25.36 10.13 -17.63
CA THR D 95 24.28 11.08 -17.44
C THR D 95 23.38 10.64 -16.30
N TRP D 96 23.15 11.54 -15.35
CA TRP D 96 22.16 11.36 -14.30
C TRP D 96 21.34 12.64 -14.19
N THR D 97 20.17 12.52 -13.59
CA THR D 97 19.29 13.66 -13.38
C THR D 97 19.52 14.21 -11.98
N GLU D 98 19.75 15.51 -11.89
CA GLU D 98 19.92 16.15 -10.59
C GLU D 98 18.57 16.31 -9.93
N ILE D 99 18.51 15.97 -8.63
CA ILE D 99 17.22 15.70 -7.99
C ILE D 99 16.39 16.98 -7.83
N PHE D 100 17.01 18.11 -7.50
CA PHE D 100 16.23 19.28 -7.12
C PHE D 100 15.78 20.12 -8.32
N SER D 101 16.59 20.19 -9.37
CA SER D 101 16.20 20.91 -10.57
C SER D 101 15.45 20.01 -11.56
N GLY D 102 15.75 18.72 -11.58
CA GLY D 102 15.24 17.85 -12.63
C GLY D 102 15.97 17.96 -13.94
N LYS D 103 17.16 18.56 -13.95
CA LYS D 103 17.95 18.75 -15.16
C LYS D 103 19.01 17.66 -15.28
N SER D 104 19.35 17.32 -16.51
CA SER D 104 20.33 16.28 -16.76
C SER D 104 21.75 16.83 -16.65
N VAL D 105 22.61 16.05 -16.00
CA VAL D 105 24.02 16.40 -15.84
C VAL D 105 24.85 15.25 -16.36
N ALA D 106 25.77 15.57 -17.27
CA ALA D 106 26.61 14.57 -17.94
C ALA D 106 28.06 14.84 -17.63
N HIS D 107 28.80 13.77 -17.32
CA HIS D 107 30.24 13.81 -17.17
C HIS D 107 30.82 12.54 -17.77
N GLU D 108 31.95 12.68 -18.46
CA GLU D 108 32.68 11.53 -18.99
C GLU D 108 33.66 11.03 -17.93
N ASP D 109 33.09 10.40 -16.90
CA ASP D 109 33.85 10.04 -15.71
C ASP D 109 33.12 8.92 -15.00
N ILE D 110 33.76 7.75 -14.87
CA ILE D 110 33.10 6.62 -14.23
C ILE D 110 32.87 6.89 -12.75
N LYS D 111 33.65 7.79 -12.14
CA LYS D 111 33.41 8.14 -10.74
C LYS D 111 32.12 8.92 -10.55
N TYR D 112 31.60 9.54 -11.60
CA TYR D 112 30.26 10.12 -11.55
C TYR D 112 29.20 9.02 -11.39
N GLU D 113 29.38 7.90 -12.10
CA GLU D 113 28.48 6.78 -11.94
C GLU D 113 28.54 6.21 -10.53
N GLN D 114 29.75 6.08 -10.00
CA GLN D 114 29.90 5.60 -8.62
C GLN D 114 29.30 6.59 -7.62
N ALA D 115 29.48 7.90 -7.85
CA ALA D 115 28.94 8.89 -6.93
C ALA D 115 27.42 8.78 -6.82
N CYS D 116 26.73 8.60 -7.95
CA CYS D 116 25.28 8.57 -7.94
C CYS D 116 24.77 7.25 -7.35
N ILE D 117 25.43 6.12 -7.66
CA ILE D 117 25.03 4.85 -7.07
C ILE D 117 25.17 4.90 -5.56
N LEU D 118 26.29 5.47 -5.07
CA LEU D 118 26.49 5.59 -3.63
C LEU D 118 25.46 6.52 -3.01
N TYR D 119 25.13 7.60 -3.72
CA TYR D 119 24.06 8.48 -3.27
C TYR D 119 22.74 7.73 -3.12
N ASN D 120 22.38 6.94 -4.13
CA ASN D 120 21.11 6.21 -4.07
C ASN D 120 21.14 5.12 -3.00
N LEU D 121 22.33 4.62 -2.66
CA LEU D 121 22.44 3.70 -1.53
C LEU D 121 22.03 4.39 -0.24
N GLY D 122 22.56 5.60 0.00
CA GLY D 122 22.18 6.33 1.20
C GLY D 122 20.72 6.75 1.19
N ALA D 123 20.20 7.13 0.01
CA ALA D 123 18.80 7.51 -0.06
C ALA D 123 17.89 6.32 0.24
N LEU D 124 18.21 5.14 -0.29
CA LEU D 124 17.36 3.98 -0.05
C LEU D 124 17.40 3.56 1.42
N HIS D 125 18.57 3.64 2.04
CA HIS D 125 18.67 3.38 3.48
C HIS D 125 17.80 4.35 4.28
N SER D 126 17.76 5.63 3.87
CA SER D 126 16.94 6.61 4.58
C SER D 126 15.46 6.31 4.40
N MET D 127 15.07 5.72 3.27
CA MET D 127 13.68 5.34 3.06
C MET D 127 13.29 4.15 3.94
N LEU D 128 14.15 3.13 4.00
CA LEU D 128 13.88 1.97 4.84
C LEU D 128 13.85 2.32 6.31
N GLY D 129 14.70 3.26 6.74
CA GLY D 129 14.68 3.66 8.13
C GLY D 129 13.42 4.41 8.50
N ALA D 130 12.93 5.24 7.58
CA ALA D 130 11.73 6.06 7.81
C ALA D 130 10.44 5.29 7.59
N MET D 131 10.51 4.07 7.02
CA MET D 131 9.31 3.29 6.73
C MET D 131 8.70 2.62 7.95
N ASP D 132 9.53 2.19 8.90
CA ASP D 132 9.03 1.44 10.05
C ASP D 132 8.33 2.33 11.06
N LYS D 133 7.33 1.76 11.73
CA LYS D 133 6.59 2.48 12.77
C LYS D 133 7.38 2.60 14.07
N ARG D 134 8.44 1.81 14.23
CA ARG D 134 9.33 1.86 15.39
C ARG D 134 8.58 1.63 16.70
N VAL D 135 7.55 0.78 16.66
CA VAL D 135 6.84 0.42 17.88
C VAL D 135 7.50 -0.76 18.60
N SER D 136 8.10 -1.68 17.86
CA SER D 136 8.82 -2.79 18.49
C SER D 136 10.28 -2.41 18.69
N GLU D 137 10.90 -3.02 19.69
CA GLU D 137 12.31 -2.79 19.94
C GLU D 137 13.16 -3.25 18.76
N GLU D 138 12.71 -4.29 18.03
CA GLU D 138 13.46 -4.73 16.86
C GLU D 138 13.32 -3.73 15.70
N GLY D 139 12.12 -3.16 15.52
CA GLY D 139 11.93 -2.17 14.49
C GLY D 139 12.75 -0.91 14.72
N MET D 140 12.91 -0.52 15.99
CA MET D 140 13.76 0.62 16.32
C MET D 140 15.21 0.35 15.95
N LYS D 141 15.65 -0.90 16.08
CA LYS D 141 17.05 -1.23 15.83
C LYS D 141 17.36 -1.22 14.35
N VAL D 142 16.43 -1.70 13.52
CA VAL D 142 16.72 -1.74 12.09
C VAL D 142 16.61 -0.33 11.50
N SER D 143 15.72 0.51 12.04
CA SER D 143 15.66 1.89 11.60
C SER D 143 16.92 2.65 11.99
N CYS D 144 17.40 2.42 13.22
CA CYS D 144 18.64 3.04 13.66
C CYS D 144 19.79 2.62 12.76
N THR D 145 19.84 1.34 12.39
CA THR D 145 20.89 0.86 11.49
C THR D 145 20.79 1.52 10.12
N HIS D 146 19.58 1.61 9.57
CA HIS D 146 19.41 2.18 8.23
C HIS D 146 19.89 3.64 8.18
N PHE D 147 19.57 4.44 9.20
CA PHE D 147 20.01 5.83 9.21
C PHE D 147 21.52 5.93 9.40
N GLN D 148 22.11 5.00 10.15
CA GLN D 148 23.56 4.93 10.25
C GLN D 148 24.19 4.53 8.92
N CYS D 149 23.56 3.60 8.19
CA CYS D 149 24.07 3.22 6.88
C CYS D 149 23.92 4.37 5.88
N ALA D 150 22.78 5.06 5.92
CA ALA D 150 22.59 6.22 5.05
C ALA D 150 23.65 7.28 5.32
N ALA D 151 23.87 7.60 6.59
CA ALA D 151 24.90 8.57 6.94
C ALA D 151 26.26 8.12 6.45
N GLY D 152 26.53 6.82 6.51
CA GLY D 152 27.81 6.32 6.03
C GLY D 152 27.98 6.47 4.52
N ALA D 153 26.90 6.26 3.76
CA ALA D 153 27.00 6.39 2.32
C ALA D 153 27.20 7.85 1.91
N PHE D 154 26.45 8.78 2.52
CA PHE D 154 26.62 10.18 2.20
C PHE D 154 27.98 10.71 2.68
N ALA D 155 28.46 10.21 3.83
CA ALA D 155 29.78 10.62 4.32
C ALA D 155 30.89 10.09 3.41
N TYR D 156 30.84 8.80 3.07
CA TYR D 156 31.82 8.26 2.12
C TYR D 156 31.83 9.06 0.82
N LEU D 157 30.64 9.45 0.34
CA LEU D 157 30.54 10.21 -0.89
C LEU D 157 31.19 11.59 -0.77
N ARG D 158 31.08 12.21 0.41
CA ARG D 158 31.66 13.53 0.62
C ARG D 158 33.18 13.48 0.71
N GLU D 159 33.75 12.37 1.16
CA GLU D 159 35.20 12.40 1.19
C GLU D 159 35.89 11.84 -0.05
N HIS D 160 35.46 10.72 -0.57
CA HIS D 160 36.20 10.13 -1.68
C HIS D 160 35.78 10.71 -3.01
N PHE D 161 34.84 11.65 -3.00
CA PHE D 161 34.45 12.43 -4.17
C PHE D 161 34.38 13.91 -3.81
N PRO D 162 35.52 14.54 -3.45
CA PRO D 162 35.52 15.97 -3.05
C PRO D 162 35.10 16.88 -4.16
N GLN D 163 35.26 16.36 -5.35
CA GLN D 163 34.90 16.94 -6.61
C GLN D 163 33.44 16.66 -6.96
N ALA D 164 32.64 17.74 -6.86
CA ALA D 164 31.20 17.65 -6.86
C ALA D 164 30.67 17.62 -8.28
N TYR D 165 29.94 16.58 -8.62
CA TYR D 165 29.41 16.42 -9.97
C TYR D 165 28.10 17.18 -10.20
N SER D 166 27.29 17.34 -9.18
CA SER D 166 26.06 18.11 -9.29
C SER D 166 25.74 18.72 -7.94
N VAL D 167 24.89 19.76 -7.96
CA VAL D 167 24.65 20.55 -6.76
C VAL D 167 23.97 19.74 -5.66
N ASP D 168 23.25 18.66 -6.01
CA ASP D 168 22.64 17.81 -5.01
C ASP D 168 23.65 16.94 -4.28
N MET D 169 24.91 16.90 -4.73
CA MET D 169 25.97 16.12 -4.11
C MET D 169 27.17 16.99 -3.72
N SER D 170 26.93 18.27 -3.49
CA SER D 170 27.99 19.14 -3.01
C SER D 170 28.30 18.82 -1.55
N ARG D 171 29.44 19.36 -1.07
CA ARG D 171 29.93 18.98 0.26
C ARG D 171 29.06 19.56 1.37
N GLN D 172 28.43 20.68 1.09
CA GLN D 172 27.47 21.34 1.96
C GLN D 172 26.10 20.63 2.01
N ILE D 173 25.63 20.04 0.91
CA ILE D 173 24.38 19.27 1.01
C ILE D 173 24.63 17.91 1.65
N LEU D 174 25.76 17.26 1.33
CA LEU D 174 26.08 15.96 1.93
C LEU D 174 26.26 16.07 3.44
N THR D 175 26.91 17.15 3.91
CA THR D 175 27.05 17.35 5.35
C THR D 175 25.68 17.47 6.01
N LEU D 176 24.76 18.21 5.39
CA LEU D 176 23.39 18.27 5.89
C LEU D 176 22.75 16.89 5.92
N ASN D 177 22.94 16.10 4.85
CA ASN D 177 22.38 14.76 4.82
C ASN D 177 22.98 13.88 5.93
N VAL D 178 24.29 13.98 6.14
CA VAL D 178 24.95 13.16 7.16
C VAL D 178 24.45 13.54 8.55
N ASN D 179 24.42 14.85 8.85
CA ASN D 179 23.99 15.28 10.18
C ASN D 179 22.52 14.96 10.42
N LEU D 180 21.70 15.00 9.37
CA LEU D 180 20.28 14.72 9.55
C LEU D 180 20.04 13.24 9.77
N MET D 181 20.78 12.39 9.05
CA MET D 181 20.65 10.95 9.21
C MET D 181 21.14 10.48 10.58
N LEU D 182 22.21 11.10 11.09
CA LEU D 182 22.72 10.73 12.40
C LEU D 182 21.79 11.23 13.52
N GLY D 183 21.18 12.39 13.33
CA GLY D 183 20.21 12.86 14.30
C GLY D 183 19.00 11.94 14.38
N GLN D 184 18.55 11.42 13.22
CA GLN D 184 17.43 10.50 13.22
C GLN D 184 17.85 9.13 13.75
N ALA D 185 19.09 8.71 13.48
CA ALA D 185 19.60 7.48 14.09
C ALA D 185 19.70 7.62 15.59
N GLN D 186 20.29 8.72 16.06
CA GLN D 186 20.35 9.00 17.49
C GLN D 186 18.96 9.09 18.12
N GLU D 187 17.98 9.55 17.33
CA GLU D 187 16.60 9.64 17.83
C GLU D 187 15.99 8.26 18.08
N CYS D 188 16.27 7.29 17.19
CA CYS D 188 15.81 5.92 17.42
C CYS D 188 16.41 5.35 18.69
N LEU D 189 17.69 5.65 18.92
CA LEU D 189 18.39 5.18 20.12
C LEU D 189 17.82 5.81 21.38
N LEU D 190 17.39 7.08 21.31
CA LEU D 190 16.71 7.69 22.45
C LEU D 190 15.42 6.95 22.78
N GLU D 191 14.61 6.65 21.77
CA GLU D 191 13.39 5.88 21.97
C GLU D 191 13.69 4.54 22.64
N LYS D 192 14.76 3.87 22.21
CA LYS D 192 15.12 2.59 22.79
C LYS D 192 15.56 2.75 24.25
N SER D 193 16.33 3.80 24.55
CA SER D 193 16.78 4.01 25.92
C SER D 193 15.63 4.36 26.85
N MET D 194 14.59 5.03 26.35
CA MET D 194 13.43 5.31 27.19
C MET D 194 12.55 4.07 27.35
N LEU D 195 12.57 3.18 26.34
CA LEU D 195 11.87 1.90 26.47
C LEU D 195 12.54 0.99 27.48
N ASP D 196 13.87 1.02 27.54
CA ASP D 196 14.61 0.25 28.54
C ASP D 196 14.42 0.76 29.96
N ASN D 197 13.85 1.94 30.12
CA ASN D 197 13.76 2.62 31.41
C ASN D 197 15.16 2.82 31.99
N ARG D 198 16.08 3.34 31.17
CA ARG D 198 17.44 3.60 31.61
C ARG D 198 17.50 4.83 32.49
N LYS D 199 18.70 5.15 32.95
CA LYS D 199 18.91 6.22 33.92
C LYS D 199 18.65 7.59 33.31
N SER D 200 18.05 8.47 34.11
CA SER D 200 17.57 9.76 33.61
C SER D 200 18.71 10.59 33.05
N PHE D 201 19.86 10.57 33.72
CA PHE D 201 21.02 11.32 33.23
C PHE D 201 21.46 10.82 31.87
N LEU D 202 21.48 9.50 31.68
CA LEU D 202 21.88 8.93 30.40
C LEU D 202 20.89 9.31 29.30
N VAL D 203 19.59 9.22 29.58
CA VAL D 203 18.58 9.62 28.60
C VAL D 203 18.74 11.08 28.22
N ALA D 204 19.04 11.94 29.20
CA ALA D 204 19.20 13.36 28.88
C ALA D 204 20.41 13.62 27.99
N ARG D 205 21.51 12.89 28.23
CA ARG D 205 22.68 13.04 27.38
C ARG D 205 22.39 12.58 25.96
N ILE D 206 21.64 11.49 25.82
CA ILE D 206 21.26 10.97 24.50
C ILE D 206 20.36 11.97 23.78
N SER D 207 19.39 12.55 24.49
CA SER D 207 18.51 13.54 23.88
C SER D 207 19.25 14.83 23.56
N ALA D 208 20.22 15.20 24.40
CA ALA D 208 21.02 16.39 24.12
C ALA D 208 21.84 16.21 22.85
N GLN D 209 22.21 14.97 22.53
CA GLN D 209 22.94 14.72 21.29
C GLN D 209 22.02 14.84 20.07
N VAL D 210 20.74 14.46 20.20
CA VAL D 210 19.79 14.66 19.10
C VAL D 210 19.68 16.14 18.76
N VAL D 211 19.69 17.00 19.78
CA VAL D 211 19.61 18.43 19.54
C VAL D 211 20.83 18.92 18.78
N ASP D 212 22.02 18.41 19.14
CA ASP D 212 23.25 18.85 18.49
C ASP D 212 23.28 18.49 17.01
N TYR D 213 22.86 17.27 16.67
CA TYR D 213 22.83 16.89 15.25
C TYR D 213 21.84 17.74 14.47
N TYR D 214 20.62 17.89 15.00
CA TYR D 214 19.61 18.69 14.31
C TYR D 214 19.96 20.18 14.27
N LYS D 215 20.81 20.67 15.17
CA LYS D 215 21.19 22.08 15.11
C LYS D 215 22.13 22.36 13.94
N GLU D 216 23.04 21.43 13.62
CA GLU D 216 23.90 21.59 12.45
C GLU D 216 23.14 21.34 11.15
N ALA D 217 22.18 20.41 11.16
CA ALA D 217 21.31 20.27 10.00
C ALA D 217 20.50 21.53 9.79
N CYS D 218 20.08 22.18 10.88
CA CYS D 218 19.31 23.42 10.78
C CYS D 218 20.17 24.56 10.23
N ARG D 219 21.39 24.72 10.77
CA ARG D 219 22.29 25.75 10.26
C ARG D 219 22.56 25.56 8.77
N ALA D 220 22.60 24.32 8.29
CA ALA D 220 22.78 24.09 6.86
C ALA D 220 21.53 24.50 6.07
N LEU D 221 20.35 24.22 6.62
CA LEU D 221 19.11 24.58 5.95
C LEU D 221 18.84 26.07 5.94
N GLU D 222 19.49 26.83 6.82
CA GLU D 222 19.30 28.28 6.82
C GLU D 222 20.27 29.00 5.89
N ASN D 223 21.21 28.28 5.27
CA ASN D 223 22.06 28.91 4.27
C ASN D 223 21.21 29.30 3.06
N PRO D 224 21.34 30.53 2.55
CA PRO D 224 20.43 30.97 1.47
C PRO D 224 20.54 30.17 0.19
N ASP D 225 21.75 29.81 -0.25
CA ASP D 225 21.89 28.99 -1.46
C ASP D 225 21.33 27.59 -1.24
N THR D 226 21.52 27.02 -0.05
CA THR D 226 20.89 25.73 0.23
C THR D 226 19.38 25.84 0.17
N ALA D 227 18.83 26.93 0.73
CA ALA D 227 17.39 27.14 0.68
C ALA D 227 16.93 27.35 -0.76
N SER D 228 17.72 28.07 -1.56
CA SER D 228 17.33 28.33 -2.94
C SER D 228 17.32 27.06 -3.78
N LEU D 229 18.22 26.11 -3.50
CA LEU D 229 18.27 24.89 -4.30
C LEU D 229 17.16 23.93 -3.90
N LEU D 230 16.95 23.70 -2.60
CA LEU D 230 15.94 22.74 -2.18
C LEU D 230 14.53 23.28 -2.40
N GLY D 231 14.35 24.60 -2.37
CA GLY D 231 13.04 25.18 -2.59
C GLY D 231 12.09 24.87 -1.45
N ARG D 232 10.85 24.51 -1.79
CA ARG D 232 9.87 24.13 -0.78
C ARG D 232 10.38 23.01 0.13
N ILE D 233 11.22 22.13 -0.40
CA ILE D 233 11.81 21.05 0.41
C ILE D 233 12.50 21.63 1.64
N GLN D 234 13.23 22.74 1.48
CA GLN D 234 13.91 23.36 2.61
C GLN D 234 12.92 23.79 3.69
N LYS D 235 11.70 24.14 3.29
CA LYS D 235 10.72 24.57 4.27
C LYS D 235 10.09 23.39 5.00
N ASP D 236 9.97 22.25 4.34
CA ASP D 236 9.43 21.07 4.99
C ASP D 236 10.42 20.51 6.00
N TRP D 237 11.69 20.39 5.61
CA TRP D 237 12.68 19.85 6.52
C TRP D 237 12.91 20.76 7.72
N LYS D 238 13.07 22.07 7.48
CA LYS D 238 13.40 22.98 8.57
C LYS D 238 12.26 23.09 9.57
N LYS D 239 11.00 23.06 9.09
CA LYS D 239 9.87 23.10 10.01
C LYS D 239 9.90 21.91 10.96
N LEU D 240 10.26 20.74 10.44
CA LEU D 240 10.37 19.54 11.28
C LEU D 240 11.64 19.56 12.13
N VAL D 241 12.75 20.00 11.56
CA VAL D 241 14.01 20.01 12.29
C VAL D 241 13.98 21.04 13.41
N GLN D 242 13.52 22.25 13.12
CA GLN D 242 13.46 23.28 14.16
C GLN D 242 12.56 22.85 15.30
N MET D 243 11.40 22.27 14.97
CA MET D 243 10.49 21.78 16.00
C MET D 243 11.15 20.67 16.81
N LYS D 244 11.86 19.76 16.13
CA LYS D 244 12.52 18.66 16.84
C LYS D 244 13.65 19.16 17.72
N ILE D 245 14.30 20.26 17.33
CA ILE D 245 15.35 20.84 18.17
C ILE D 245 14.78 21.18 19.55
N TYR D 246 13.64 21.85 19.57
CA TYR D 246 13.05 22.26 20.84
C TYR D 246 12.38 21.09 21.55
N TYR D 247 11.79 20.15 20.80
CA TYR D 247 11.15 18.99 21.42
C TYR D 247 12.15 18.16 22.23
N PHE D 248 13.27 17.80 21.62
CA PHE D 248 14.23 16.95 22.31
C PHE D 248 15.09 17.73 23.29
N ALA D 249 15.17 19.06 23.14
CA ALA D 249 15.75 19.88 24.21
C ALA D 249 14.86 19.84 25.44
N ALA D 250 13.54 19.85 25.23
CA ALA D 250 12.62 19.71 26.35
C ALA D 250 12.73 18.32 26.98
N VAL D 251 12.82 17.29 26.14
CA VAL D 251 13.01 15.92 26.64
C VAL D 251 14.32 15.83 27.42
N ALA D 252 15.35 16.53 26.98
CA ALA D 252 16.62 16.48 27.71
C ALA D 252 16.49 17.13 29.08
N HIS D 253 15.82 18.29 29.16
CA HIS D 253 15.68 18.95 30.44
C HIS D 253 14.64 18.27 31.32
N LEU D 254 13.65 17.59 30.72
CA LEU D 254 12.72 16.80 31.52
C LEU D 254 13.45 15.72 32.30
N HIS D 255 14.39 15.03 31.67
CA HIS D 255 15.11 13.97 32.35
C HIS D 255 16.21 14.50 33.28
N MET D 256 16.68 15.73 33.06
CA MET D 256 17.54 16.39 34.05
C MET D 256 16.78 16.71 35.32
N GLY D 257 15.54 17.18 35.20
CA GLY D 257 14.73 17.42 36.37
C GLY D 257 14.37 16.15 37.12
N LYS D 258 14.30 15.02 36.40
CA LYS D 258 14.03 13.76 37.08
C LYS D 258 15.25 13.24 37.82
N GLN D 259 16.46 13.62 37.40
CA GLN D 259 17.62 13.25 38.17
C GLN D 259 17.73 14.09 39.44
N ALA D 260 17.45 15.40 39.34
CA ALA D 260 17.40 16.23 40.54
C ALA D 260 16.33 15.73 41.51
N GLU D 261 15.23 15.19 40.98
CA GLU D 261 14.21 14.57 41.82
C GLU D 261 14.77 13.35 42.56
N GLU D 262 15.51 12.49 41.85
CA GLU D 262 16.14 11.35 42.51
C GLU D 262 17.22 11.80 43.48
N GLN D 263 17.84 12.94 43.22
CA GLN D 263 18.85 13.50 44.11
C GLN D 263 18.24 14.37 45.20
N GLN D 264 16.91 14.46 45.23
CA GLN D 264 16.18 15.27 46.22
C GLN D 264 16.70 16.71 46.24
N LYS D 265 16.91 17.26 45.05
CA LYS D 265 17.23 18.66 44.88
C LYS D 265 16.02 19.26 44.18
N PHE D 266 15.03 19.65 45.00
CA PHE D 266 13.72 20.01 44.48
C PHE D 266 13.66 21.42 43.94
N GLY D 267 14.64 22.26 44.25
CA GLY D 267 14.74 23.55 43.60
C GLY D 267 15.29 23.38 42.20
N GLU D 268 16.33 22.56 42.06
CA GLU D 268 16.85 22.24 40.73
C GLU D 268 15.77 21.63 39.85
N ARG D 269 14.91 20.79 40.43
CA ARG D 269 13.91 20.11 39.62
C ARG D 269 12.88 21.08 39.06
N VAL D 270 12.53 22.11 39.81
CA VAL D 270 11.60 23.10 39.30
C VAL D 270 12.23 23.87 38.14
N ALA D 271 13.52 24.20 38.24
CA ALA D 271 14.18 24.93 37.17
C ALA D 271 14.21 24.11 35.88
N TYR D 272 14.55 22.82 35.99
CA TYR D 272 14.61 21.98 34.81
C TYR D 272 13.23 21.74 34.21
N PHE D 273 12.23 21.50 35.05
CA PHE D 273 10.88 21.27 34.53
C PHE D 273 10.32 22.54 33.89
N GLN D 274 10.60 23.70 34.47
CA GLN D 274 10.13 24.94 33.85
C GLN D 274 10.81 25.15 32.50
N SER D 275 12.11 24.85 32.41
CA SER D 275 12.81 24.94 31.14
C SER D 275 12.20 23.99 30.11
N ALA D 276 11.92 22.75 30.53
CA ALA D 276 11.32 21.77 29.62
C ALA D 276 9.97 22.26 29.10
N LEU D 277 9.17 22.89 29.96
CA LEU D 277 7.86 23.36 29.51
C LEU D 277 7.98 24.51 28.53
N ASP D 278 8.92 25.43 28.77
CA ASP D 278 9.10 26.53 27.84
C ASP D 278 9.59 26.02 26.48
N LYS D 279 10.52 25.07 26.49
CA LYS D 279 11.03 24.54 25.23
C LYS D 279 9.98 23.74 24.48
N LEU D 280 9.14 22.99 25.20
CA LEU D 280 8.10 22.24 24.53
C LEU D 280 7.01 23.16 24.01
N ASN D 281 6.71 24.24 24.74
CA ASN D 281 5.77 25.24 24.22
C ASN D 281 6.30 25.88 22.94
N GLU D 282 7.63 26.05 22.84
CA GLU D 282 8.20 26.53 21.60
C GLU D 282 8.05 25.49 20.49
N ALA D 283 8.24 24.21 20.82
CA ALA D 283 8.07 23.15 19.81
C ALA D 283 6.62 23.08 19.34
N ILE D 284 5.67 23.26 20.25
CA ILE D 284 4.26 23.23 19.86
C ILE D 284 3.95 24.39 18.93
N LYS D 285 4.52 25.55 19.21
CA LYS D 285 4.29 26.72 18.37
C LYS D 285 4.91 26.54 16.99
N LEU D 286 6.08 25.91 16.90
CA LEU D 286 6.70 25.63 15.61
C LEU D 286 6.09 24.45 14.88
N ALA D 287 5.20 23.69 15.53
CA ALA D 287 4.62 22.50 14.92
C ALA D 287 3.26 22.77 14.29
N LYS D 288 2.88 24.04 14.13
CA LYS D 288 1.59 24.36 13.53
C LYS D 288 1.54 23.89 12.09
N GLY D 289 0.54 23.08 11.77
CA GLY D 289 0.40 22.50 10.45
C GLY D 289 1.03 21.14 10.28
N GLN D 290 1.78 20.65 11.26
CA GLN D 290 2.41 19.34 11.16
C GLN D 290 1.36 18.23 11.26
N PRO D 291 1.67 17.05 10.75
CA PRO D 291 0.69 15.94 10.77
C PRO D 291 0.41 15.46 12.18
N ASP D 292 -0.58 14.58 12.28
CA ASP D 292 -1.04 14.07 13.56
C ASP D 292 0.02 13.24 14.26
N THR D 293 0.94 12.64 13.52
CA THR D 293 2.08 11.93 14.12
C THR D 293 2.86 12.85 15.05
N VAL D 294 3.14 14.08 14.58
CA VAL D 294 3.85 15.05 15.40
C VAL D 294 3.00 15.49 16.58
N GLN D 295 1.74 15.86 16.32
CA GLN D 295 0.93 16.44 17.39
C GLN D 295 0.62 15.42 18.49
N ASP D 296 0.45 14.14 18.12
CA ASP D 296 0.23 13.12 19.12
C ASP D 296 1.43 13.01 20.05
N ALA D 297 2.65 13.09 19.50
CA ALA D 297 3.85 13.02 20.32
C ALA D 297 3.97 14.24 21.23
N LEU D 298 3.57 15.42 20.73
CA LEU D 298 3.64 16.62 21.56
C LEU D 298 2.53 16.65 22.61
N ARG D 299 1.34 16.12 22.29
CA ARG D 299 0.28 16.08 23.29
C ARG D 299 0.66 15.13 24.43
N PHE D 300 1.26 14.00 24.10
CA PHE D 300 1.70 13.06 25.12
C PHE D 300 2.79 13.68 26.00
N THR D 301 3.79 14.33 25.39
CA THR D 301 4.86 14.94 26.17
C THR D 301 4.35 16.10 27.01
N MET D 302 3.29 16.79 26.55
CA MET D 302 2.75 17.90 27.31
C MET D 302 2.08 17.42 28.59
N ASP D 303 1.37 16.29 28.53
CA ASP D 303 0.79 15.72 29.74
C ASP D 303 1.84 15.37 30.77
N VAL D 304 3.00 14.85 30.33
CA VAL D 304 4.05 14.47 31.26
C VAL D 304 4.65 15.71 31.93
N ILE D 305 5.26 16.59 31.13
CA ILE D 305 6.02 17.68 31.72
C ILE D 305 5.09 18.72 32.35
N GLY D 306 3.91 18.92 31.77
CA GLY D 306 2.97 19.89 32.34
C GLY D 306 2.55 19.49 33.74
N GLY D 307 2.21 18.21 33.93
CA GLY D 307 1.85 17.74 35.26
C GLY D 307 3.04 17.69 36.19
N LYS D 308 4.23 17.35 35.66
CA LYS D 308 5.41 17.24 36.51
C LYS D 308 5.92 18.61 36.94
N TYR D 309 5.71 19.64 36.12
CA TYR D 309 6.13 20.99 36.51
C TYR D 309 5.22 21.55 37.59
N ASN D 310 3.91 21.45 37.41
CA ASN D 310 2.99 22.01 38.39
C ASN D 310 3.13 21.34 39.75
N SER D 311 3.27 20.02 39.78
CA SER D 311 3.41 19.35 41.06
C SER D 311 4.77 19.64 41.70
N ALA D 312 5.82 19.82 40.88
CA ALA D 312 7.12 20.14 41.44
C ALA D 312 7.17 21.57 41.96
N LYS D 313 6.55 22.51 41.23
CA LYS D 313 6.48 23.88 41.74
C LYS D 313 5.63 23.95 43.00
N LYS D 314 4.54 23.17 43.04
CA LYS D 314 3.69 23.17 44.23
C LYS D 314 4.42 22.55 45.41
N ASP D 315 5.12 21.44 45.19
CA ASP D 315 5.85 20.79 46.26
C ASP D 315 6.97 21.69 46.79
N ASN D 316 7.60 22.45 45.89
CA ASN D 316 8.69 23.32 46.31
C ASN D 316 8.18 24.59 46.97
N ASP D 317 7.06 25.13 46.50
CA ASP D 317 6.54 26.36 47.08
C ASP D 317 5.93 26.14 48.46
N PHE D 318 5.57 24.90 48.81
CA PHE D 318 4.83 24.66 50.04
C PHE D 318 5.45 23.66 50.99
N ILE D 319 6.49 22.91 50.59
CA ILE D 319 7.06 21.95 51.53
C ILE D 319 8.57 22.17 51.65
N TYR D 320 9.28 22.13 50.51
CA TYR D 320 10.73 22.14 50.54
C TYR D 320 11.34 23.53 50.58
N HIS D 321 10.73 24.50 49.91
CA HIS D 321 11.17 25.91 49.95
C HIS D 321 12.64 26.05 49.59
N GLU D 322 13.07 25.32 48.57
CA GLU D 322 14.45 25.39 48.10
C GLU D 322 14.56 26.43 46.99
N ALA D 323 15.72 27.06 46.91
CA ALA D 323 15.93 28.11 45.91
C ALA D 323 15.94 27.51 44.52
N VAL D 324 15.17 28.11 43.62
CA VAL D 324 15.10 27.67 42.22
C VAL D 324 16.22 28.37 41.46
N PRO D 325 17.26 27.67 41.05
CA PRO D 325 18.40 28.34 40.41
C PRO D 325 18.05 28.82 39.02
N ALA D 326 18.65 29.95 38.64
CA ALA D 326 18.62 30.38 37.25
C ALA D 326 19.27 29.32 36.37
N LEU D 327 18.91 29.31 35.10
CA LEU D 327 19.29 28.17 34.26
C LEU D 327 20.75 28.23 33.81
N ASP D 328 21.31 29.43 33.68
CA ASP D 328 22.73 29.56 33.34
C ASP D 328 23.66 29.12 34.47
N THR D 329 23.16 29.00 35.71
CA THR D 329 24.04 28.70 36.82
C THR D 329 24.35 27.20 36.96
N LEU D 330 23.81 26.36 36.09
CA LEU D 330 24.13 24.94 36.14
C LEU D 330 24.62 24.46 34.77
N GLN D 331 25.50 23.46 34.83
CA GLN D 331 26.22 22.94 33.68
C GLN D 331 25.28 22.44 32.57
N PRO D 332 25.52 22.84 31.33
CA PRO D 332 24.72 22.29 30.22
C PRO D 332 24.97 20.79 30.11
N VAL D 333 24.04 20.10 29.45
CA VAL D 333 24.12 18.66 29.29
C VAL D 333 24.92 18.34 28.04
N LYS D 334 26.01 17.60 28.20
CA LYS D 334 26.83 17.23 27.05
C LYS D 334 26.28 15.96 26.42
N GLY D 335 26.10 16.00 25.10
CA GLY D 335 25.51 14.90 24.40
C GLY D 335 26.41 13.67 24.38
N ALA D 336 25.76 12.51 24.24
CA ALA D 336 26.45 11.22 24.18
C ALA D 336 26.34 10.69 22.76
N PRO D 337 27.34 10.97 21.90
CA PRO D 337 27.28 10.45 20.52
C PRO D 337 27.45 8.95 20.49
N LEU D 338 26.36 8.22 20.28
CA LEU D 338 26.41 6.77 20.27
C LEU D 338 26.26 6.16 18.88
N VAL D 339 25.86 6.95 17.90
CA VAL D 339 25.72 6.51 16.52
C VAL D 339 26.88 7.06 15.71
N LYS D 340 27.20 6.36 14.63
CA LYS D 340 28.28 6.73 13.73
C LYS D 340 27.82 6.53 12.30
N PRO D 341 28.43 7.23 11.34
CA PRO D 341 28.31 6.82 9.94
C PRO D 341 28.92 5.44 9.77
N LEU D 342 28.11 4.43 9.46
CA LEU D 342 28.67 3.08 9.30
C LEU D 342 29.49 3.00 8.03
N PRO D 343 30.67 2.39 8.07
CA PRO D 343 31.58 2.47 6.92
C PRO D 343 31.04 1.70 5.73
N VAL D 344 31.41 2.17 4.55
CA VAL D 344 31.07 1.53 3.29
C VAL D 344 32.35 1.01 2.66
N ASN D 345 32.44 -0.30 2.51
CA ASN D 345 33.55 -0.89 1.76
C ASN D 345 33.02 -1.23 0.38
N PRO D 346 33.32 -0.45 -0.65
CA PRO D 346 32.74 -0.74 -1.97
C PRO D 346 33.20 -2.06 -2.54
N THR D 347 34.41 -2.52 -2.23
CA THR D 347 34.99 -3.70 -2.84
C THR D 347 35.04 -4.90 -1.88
N ASP D 348 34.09 -4.97 -0.96
CA ASP D 348 33.96 -6.14 -0.10
C ASP D 348 33.60 -7.34 -0.97
N PRO D 349 34.45 -8.37 -1.06
CA PRO D 349 34.14 -9.50 -1.95
C PRO D 349 32.85 -10.22 -1.60
N ALA D 350 32.37 -10.11 -0.37
CA ALA D 350 31.15 -10.80 0.02
C ALA D 350 29.91 -10.14 -0.58
N VAL D 351 29.95 -8.83 -0.83
CA VAL D 351 28.77 -8.13 -1.34
C VAL D 351 28.84 -8.01 -2.85
N THR D 352 30.05 -7.96 -3.39
CA THR D 352 30.20 -7.80 -4.84
C THR D 352 30.13 -9.13 -5.58
N GLY D 353 30.57 -10.22 -4.94
CA GLY D 353 30.76 -11.47 -5.63
C GLY D 353 32.01 -11.43 -6.47
N PRO D 354 32.17 -12.40 -7.37
CA PRO D 354 33.38 -12.45 -8.21
C PRO D 354 33.51 -11.23 -9.10
N ASP D 355 34.75 -10.85 -9.39
CA ASP D 355 35.04 -9.80 -10.36
C ASP D 355 34.57 -10.24 -11.74
N ILE D 356 33.66 -9.45 -12.32
CA ILE D 356 33.10 -9.79 -13.63
C ILE D 356 34.20 -9.90 -14.66
N PHE D 357 35.15 -8.97 -14.62
CA PHE D 357 36.27 -8.89 -15.56
C PHE D 357 37.54 -9.50 -14.99
N ALA D 358 37.40 -10.57 -14.21
CA ALA D 358 38.57 -11.19 -13.58
C ALA D 358 39.53 -11.75 -14.62
N LYS D 359 39.04 -12.16 -15.78
CA LYS D 359 39.88 -12.73 -16.82
C LYS D 359 40.67 -11.71 -17.61
N LEU D 360 40.37 -10.42 -17.46
CA LEU D 360 41.01 -9.37 -18.25
C LEU D 360 42.30 -8.99 -17.51
N VAL D 361 43.40 -9.59 -17.96
CA VAL D 361 44.68 -9.44 -17.30
C VAL D 361 45.74 -8.85 -18.23
N GLU E 8 -33.05 16.42 21.66
CA GLU E 8 -32.40 17.47 20.87
C GLU E 8 -31.42 16.89 19.85
N ALA E 9 -30.39 16.24 20.38
CA ALA E 9 -29.26 15.79 19.55
C ALA E 9 -29.61 14.66 18.60
N LEU E 10 -30.62 13.83 18.93
CA LEU E 10 -30.93 12.68 18.09
C LEU E 10 -31.43 13.06 16.70
N LYS E 11 -32.10 14.20 16.58
CA LYS E 11 -32.53 14.65 15.25
C LYS E 11 -31.33 15.07 14.41
N GLN E 12 -30.25 15.53 15.04
CA GLN E 12 -29.03 15.82 14.30
C GLN E 12 -28.33 14.55 13.84
N LEU E 13 -28.25 13.55 14.73
CA LEU E 13 -27.57 12.29 14.41
C LEU E 13 -28.37 11.43 13.44
N ALA E 14 -29.69 11.55 13.44
CA ALA E 14 -30.48 10.75 12.50
C ALA E 14 -30.22 11.14 11.05
N GLU E 15 -30.11 12.44 10.76
CA GLU E 15 -29.65 12.84 9.43
C GLU E 15 -28.19 12.48 9.21
N TRP E 16 -27.36 12.56 10.26
CA TRP E 16 -25.95 12.23 10.10
C TRP E 16 -25.77 10.79 9.65
N VAL E 17 -26.62 9.88 10.13
CA VAL E 17 -26.47 8.46 9.84
C VAL E 17 -26.78 8.14 8.37
N SER E 18 -27.43 9.05 7.66
CA SER E 18 -27.64 8.88 6.23
C SER E 18 -27.32 10.19 5.49
N GLU F 8 29.46 -29.89 -17.63
CA GLU F 8 30.07 -28.59 -17.91
C GLU F 8 29.18 -27.44 -17.38
N ALA F 9 28.06 -27.17 -18.05
CA ALA F 9 27.20 -26.07 -17.63
C ALA F 9 26.54 -26.34 -16.29
N LEU F 10 26.34 -27.62 -15.94
CA LEU F 10 25.68 -27.97 -14.68
C LEU F 10 26.51 -27.58 -13.46
N LYS F 11 27.84 -27.63 -13.57
CA LYS F 11 28.64 -27.22 -12.42
C LYS F 11 28.54 -25.73 -12.18
N GLN F 12 28.33 -24.94 -13.24
CA GLN F 12 28.09 -23.52 -13.04
C GLN F 12 26.77 -23.26 -12.33
N LEU F 13 25.72 -24.00 -12.72
CA LEU F 13 24.44 -23.80 -12.06
C LEU F 13 24.48 -24.32 -10.63
N ALA F 14 25.26 -25.38 -10.39
CA ALA F 14 25.39 -25.91 -9.04
C ALA F 14 26.13 -24.95 -8.13
N GLU F 15 27.16 -24.28 -8.65
CA GLU F 15 27.84 -23.24 -7.87
C GLU F 15 26.88 -22.08 -7.58
N TRP F 16 26.02 -21.76 -8.55
CA TRP F 16 25.08 -20.66 -8.38
C TRP F 16 24.10 -20.93 -7.26
N VAL F 17 23.66 -22.18 -7.11
CA VAL F 17 22.70 -22.49 -6.06
C VAL F 17 23.36 -22.48 -4.70
N SER F 18 24.69 -22.62 -4.66
CA SER F 18 25.49 -22.53 -3.43
C SER F 18 24.88 -23.31 -2.26
N GLU G 8 -25.30 10.10 -36.00
CA GLU G 8 -25.49 10.54 -34.63
C GLU G 8 -24.39 10.04 -33.75
N ALA G 9 -23.31 9.52 -34.31
CA ALA G 9 -22.26 9.11 -33.37
C ALA G 9 -21.85 10.23 -32.40
N LEU G 10 -21.83 11.49 -32.85
CA LEU G 10 -21.40 12.58 -31.99
C LEU G 10 -22.44 12.92 -30.93
N LYS G 11 -23.73 12.76 -31.25
CA LYS G 11 -24.74 13.00 -30.23
C LYS G 11 -24.63 11.94 -29.14
N GLN G 12 -24.14 10.75 -29.49
CA GLN G 12 -23.92 9.72 -28.48
C GLN G 12 -22.74 10.07 -27.58
N LEU G 13 -21.62 10.52 -28.17
CA LEU G 13 -20.46 10.92 -27.36
C LEU G 13 -20.67 12.28 -26.70
N ALA G 14 -21.41 13.19 -27.37
CA ALA G 14 -21.74 14.45 -26.71
C ALA G 14 -22.69 14.21 -25.55
N GLU G 15 -23.56 13.21 -25.69
CA GLU G 15 -24.39 12.76 -24.57
C GLU G 15 -23.53 12.22 -23.44
N TRP G 16 -22.46 11.49 -23.79
CA TRP G 16 -21.62 10.83 -22.80
C TRP G 16 -20.82 11.83 -21.96
N VAL G 17 -20.34 12.93 -22.54
CA VAL G 17 -19.46 13.83 -21.81
C VAL G 17 -20.18 14.64 -20.74
N SER G 18 -21.51 14.75 -20.83
CA SER G 18 -22.39 15.40 -19.85
C SER G 18 -21.70 16.07 -18.65
N GLU H 8 28.38 0.88 32.30
CA GLU H 8 27.56 -0.33 32.41
C GLU H 8 26.39 -0.31 31.43
N ALA H 9 25.42 0.59 31.61
CA ALA H 9 24.26 0.62 30.73
C ALA H 9 24.65 1.08 29.32
N LEU H 10 25.71 1.89 29.21
CA LEU H 10 26.11 2.46 27.93
C LEU H 10 26.69 1.42 26.98
N LYS H 11 27.37 0.39 27.50
CA LYS H 11 27.86 -0.69 26.65
C LYS H 11 26.73 -1.56 26.12
N GLN H 12 25.60 -1.60 26.84
CA GLN H 12 24.45 -2.35 26.35
C GLN H 12 23.89 -1.70 25.08
N LEU H 13 23.79 -0.37 25.07
CA LEU H 13 23.33 0.34 23.89
C LEU H 13 24.36 0.30 22.77
N ALA H 14 25.65 0.14 23.15
CA ALA H 14 26.73 0.08 22.18
C ALA H 14 26.62 -1.15 21.27
N GLU H 15 26.24 -2.30 21.81
CA GLU H 15 25.93 -3.41 20.92
C GLU H 15 24.62 -3.19 20.17
N TRP H 16 23.63 -2.56 20.81
CA TRP H 16 22.35 -2.34 20.14
C TRP H 16 22.54 -1.46 18.92
N VAL H 17 23.44 -0.48 19.04
CA VAL H 17 23.88 0.37 17.93
C VAL H 17 24.75 -0.36 16.91
N SER H 18 25.32 -1.52 17.26
CA SER H 18 26.08 -2.31 16.30
C SER H 18 25.16 -2.98 15.27
#